data_5KLK
#
_entry.id   5KLK
#
_cell.length_a   88.247
_cell.length_b   142.947
_cell.length_c   174.151
_cell.angle_alpha   90.000
_cell.angle_beta   90.000
_cell.angle_gamma   90.000
#
_symmetry.space_group_name_H-M   'P 21 21 21'
#
loop_
_entity.id
_entity.type
_entity.pdbx_description
1 polymer '2-aminomuconate 6-semialdehyde dehydrogenase'
2 non-polymer NICOTINAMIDE-ADENINE-DINUCLEOTIDE
3 non-polymer '(2E,4E)-2-hydroxy-6-oxohexa-2,4-dienoic acid'
4 non-polymer 'SODIUM ION'
5 water water
#
_entity_poly.entity_id   1
_entity_poly.type   'polypeptide(L)'
_entity_poly.pdbx_seq_one_letter_code
;MGSSHHHHHHSSGLVPRGSHMNTLPSQVWRTNIGSAPSQLLNYIDGNFVTSASSFANINPVNGKLISDVFEADAKQVNEA
VVAAQNALKGPWGKLSVQDRAALIHKIADGIQARFEEFVAAEVADTGRPVHQARTLDIPRAIANFRTFADLAKTSHTDLF
EMSTSDGSGALNYTVRKPLGVIGVISPWDLPLLLFTWKVAPALACGNTVVAKPSEESPSSATLLAEVMHDAGVPPGVFNL
IHGFGKDSAGEFLTQHPGISALTFTGESKTGSTIMKAVADGVKEVSFELGGKNAAVVFADADLDAAIEGVLRSSFTNSGQ
VCLCSERVYVHRSIFDEFVSGLKVEAERLVVGYPDQDGVNMGPLISHGHRDKVLSYYRLAVDEGATVVTGGGVPKFNDER
DQGAYVQPTIWTGLSDKARCVTEEIFGPVCHISPFDDEDEVINRVNDSNYGLACAIWTTNLSRAHRVSRQIHVGLVWVNT
WYLRDLRTPFGGVKLSGLGREGGRFSMDFYSDIANICIKI
;
_entity_poly.pdbx_strand_id   A,B,D,C
#
loop_
_chem_comp.id
_chem_comp.type
_chem_comp.name
_chem_comp.formula
6OH non-polymer '(2E,4E)-2-hydroxy-6-oxohexa-2,4-dienoic acid' 'C6 H6 O4'
NA non-polymer 'SODIUM ION' 'Na 1'
NAD non-polymer NICOTINAMIDE-ADENINE-DINUCLEOTIDE 'C21 H27 N7 O14 P2'
#
# COMPACT_ATOMS: atom_id res chain seq x y z
N SER A 38 -17.36 40.71 -25.51
CA SER A 38 -17.41 39.47 -24.72
C SER A 38 -17.02 39.71 -23.26
N GLN A 39 -17.71 39.04 -22.34
CA GLN A 39 -17.49 39.27 -20.92
C GLN A 39 -17.36 38.01 -20.07
N LEU A 40 -16.37 37.99 -19.21
CA LEU A 40 -16.16 36.86 -18.31
C LEU A 40 -16.50 37.21 -16.87
N LEU A 41 -17.50 36.52 -16.33
CA LEU A 41 -18.02 36.83 -15.00
C LEU A 41 -17.45 35.90 -13.94
N ASN A 42 -17.53 36.34 -12.69
CA ASN A 42 -17.20 35.47 -11.58
C ASN A 42 -18.33 34.49 -11.37
N TYR A 43 -18.07 33.43 -10.63
CA TYR A 43 -19.12 32.47 -10.31
C TYR A 43 -19.06 32.20 -8.82
N ILE A 44 -20.03 32.75 -8.11
CA ILE A 44 -20.05 32.71 -6.67
C ILE A 44 -21.41 32.19 -6.22
N ASP A 45 -21.38 31.10 -5.44
CA ASP A 45 -22.59 30.50 -4.86
C ASP A 45 -23.67 30.20 -5.89
N GLY A 46 -23.30 29.53 -6.98
CA GLY A 46 -24.27 29.16 -8.00
C GLY A 46 -24.76 30.26 -8.94
N ASN A 47 -24.14 31.44 -8.86
CA ASN A 47 -24.53 32.57 -9.71
C ASN A 47 -23.36 33.25 -10.41
N PHE A 48 -23.54 33.52 -11.69
CA PHE A 48 -22.57 34.35 -12.39
C PHE A 48 -22.79 35.80 -12.00
N VAL A 49 -21.73 36.44 -11.51
CA VAL A 49 -21.83 37.80 -11.03
C VAL A 49 -20.75 38.66 -11.65
N THR A 50 -21.09 39.92 -11.91
CA THR A 50 -20.14 40.90 -12.40
C THR A 50 -19.43 41.52 -11.20
N SER A 51 -18.66 42.57 -11.47
CA SER A 51 -17.92 43.25 -10.43
C SER A 51 -17.87 44.74 -10.75
N ALA A 52 -17.34 45.51 -9.80
CA ALA A 52 -17.22 46.96 -9.98
C ALA A 52 -16.23 47.33 -11.09
N SER A 53 -15.10 46.62 -11.13
CA SER A 53 -14.11 46.86 -12.18
C SER A 53 -13.95 45.66 -13.12
N SER A 54 -13.51 45.94 -14.33
CA SER A 54 -13.17 44.91 -15.30
C SER A 54 -11.74 45.16 -15.79
N PHE A 55 -11.11 44.12 -16.33
CA PHE A 55 -9.79 44.26 -16.94
C PHE A 55 -9.75 43.58 -18.31
N ALA A 56 -8.75 43.94 -19.10
CA ALA A 56 -8.70 43.52 -20.49
C ALA A 56 -8.04 42.15 -20.64
N ASN A 57 -8.71 41.28 -21.42
CA ASN A 57 -8.11 40.04 -21.88
C ASN A 57 -7.70 40.23 -23.34
N ILE A 58 -6.40 40.19 -23.60
CA ILE A 58 -5.80 40.48 -24.90
C ILE A 58 -5.35 39.21 -25.60
N ASN A 59 -5.66 39.11 -26.90
CA ASN A 59 -5.18 38.00 -27.72
C ASN A 59 -3.74 38.26 -28.13
N PRO A 60 -2.81 37.40 -27.67
CA PRO A 60 -1.39 37.65 -27.92
C PRO A 60 -0.98 37.46 -29.38
N VAL A 61 -1.86 36.88 -30.20
CA VAL A 61 -1.56 36.72 -31.61
C VAL A 61 -1.53 38.07 -32.34
N ASN A 62 -2.46 38.95 -32.01
CA ASN A 62 -2.63 40.19 -32.77
C ASN A 62 -2.86 41.41 -31.91
N GLY A 63 -2.77 41.24 -30.60
CA GLY A 63 -2.96 42.34 -29.66
C GLY A 63 -4.38 42.84 -29.49
N LYS A 64 -5.34 42.15 -30.10
CA LYS A 64 -6.73 42.60 -30.04
C LYS A 64 -7.46 42.17 -28.77
N LEU A 65 -8.49 42.94 -28.41
CA LEU A 65 -9.28 42.66 -27.23
C LEU A 65 -10.20 41.47 -27.45
N ILE A 66 -10.08 40.47 -26.58
CA ILE A 66 -10.96 39.28 -26.61
C ILE A 66 -12.18 39.52 -25.76
N SER A 67 -11.97 39.99 -24.54
CA SER A 67 -13.08 40.11 -23.61
C SER A 67 -12.76 41.02 -22.44
N ASP A 68 -13.80 41.41 -21.72
CA ASP A 68 -13.63 42.11 -20.46
C ASP A 68 -13.87 41.10 -19.35
N VAL A 69 -13.09 41.19 -18.30
CA VAL A 69 -13.13 40.23 -17.21
C VAL A 69 -13.34 40.96 -15.89
N PHE A 70 -14.44 40.66 -15.21
CA PHE A 70 -14.76 41.34 -13.96
C PHE A 70 -13.85 40.91 -12.81
N GLU A 71 -13.16 41.88 -12.21
CA GLU A 71 -12.23 41.61 -11.12
C GLU A 71 -12.93 41.52 -9.77
N ALA A 72 -12.84 40.36 -9.12
CA ALA A 72 -13.42 40.19 -7.78
C ALA A 72 -12.74 41.07 -6.74
N ASP A 73 -13.54 41.77 -5.94
CA ASP A 73 -13.00 42.57 -4.83
C ASP A 73 -12.93 41.71 -3.57
N ALA A 74 -12.33 42.26 -2.51
CA ALA A 74 -12.22 41.53 -1.24
C ALA A 74 -13.55 41.06 -0.70
N LYS A 75 -14.60 41.84 -0.94
CA LYS A 75 -15.94 41.49 -0.50
C LYS A 75 -16.46 40.25 -1.25
N GLN A 76 -16.13 40.15 -2.53
CA GLN A 76 -16.60 39.03 -3.31
C GLN A 76 -15.82 37.75 -3.00
N VAL A 77 -14.52 37.89 -2.75
CA VAL A 77 -13.69 36.77 -2.32
C VAL A 77 -14.21 36.23 -0.98
N ASN A 78 -14.55 37.14 -0.06
CA ASN A 78 -15.14 36.71 1.20
C ASN A 78 -16.42 35.94 1.00
N GLU A 79 -17.27 36.46 0.11
CA GLU A 79 -18.55 35.86 -0.22
C GLU A 79 -18.37 34.44 -0.80
N ALA A 80 -17.35 34.29 -1.65
CA ALA A 80 -17.05 32.99 -2.23
C ALA A 80 -16.61 31.99 -1.17
N VAL A 81 -15.70 32.42 -0.29
CA VAL A 81 -15.20 31.54 0.77
C VAL A 81 -16.32 31.14 1.74
N VAL A 82 -17.17 32.09 2.10
CA VAL A 82 -18.27 31.78 3.00
C VAL A 82 -19.23 30.80 2.32
N ALA A 83 -19.52 31.02 1.04
CA ALA A 83 -20.40 30.11 0.33
C ALA A 83 -19.80 28.69 0.28
N ALA A 84 -18.49 28.64 0.08
CA ALA A 84 -17.76 27.36 0.05
C ALA A 84 -17.86 26.63 1.39
N GLN A 85 -17.67 27.37 2.48
CA GLN A 85 -17.85 26.82 3.83
C GLN A 85 -19.24 26.24 4.04
N ASN A 86 -20.24 27.01 3.63
CA ASN A 86 -21.62 26.61 3.84
C ASN A 86 -21.98 25.39 3.01
N ALA A 87 -21.37 25.26 1.84
CA ALA A 87 -21.69 24.16 0.92
C ALA A 87 -21.21 22.82 1.48
N LEU A 88 -20.14 22.85 2.27
CA LEU A 88 -19.67 21.66 2.97
C LEU A 88 -20.77 21.08 3.88
N LYS A 89 -21.65 21.94 4.37
CA LYS A 89 -22.73 21.55 5.27
C LYS A 89 -24.03 21.21 4.52
N GLY A 90 -24.02 21.33 3.21
CA GLY A 90 -25.21 21.07 2.40
C GLY A 90 -25.19 19.71 1.71
N PRO A 91 -25.99 19.57 0.65
CA PRO A 91 -26.16 18.37 -0.16
C PRO A 91 -24.84 17.75 -0.61
N TRP A 92 -23.86 18.58 -0.98
CA TRP A 92 -22.53 18.14 -1.37
C TRP A 92 -21.90 17.27 -0.28
N GLY A 93 -21.99 17.75 0.96
CA GLY A 93 -21.42 17.05 2.10
C GLY A 93 -22.07 15.71 2.39
N LYS A 94 -23.21 15.42 1.77
CA LYS A 94 -23.97 14.23 2.10
C LYS A 94 -23.91 13.18 1.01
N LEU A 95 -23.21 13.50 -0.07
CA LEU A 95 -23.02 12.55 -1.17
C LEU A 95 -22.12 11.38 -0.75
N SER A 96 -22.49 10.18 -1.19
CA SER A 96 -21.62 9.03 -1.02
C SER A 96 -20.41 9.27 -1.94
N VAL A 97 -19.30 8.58 -1.68
CA VAL A 97 -18.13 8.71 -2.55
C VAL A 97 -18.48 8.32 -3.98
N GLN A 98 -19.32 7.30 -4.15
CA GLN A 98 -19.73 6.87 -5.50
C GLN A 98 -20.56 7.93 -6.22
N ASP A 99 -21.47 8.59 -5.50
CA ASP A 99 -22.30 9.62 -6.12
C ASP A 99 -21.47 10.87 -6.44
N ARG A 100 -20.53 11.20 -5.57
CA ARG A 100 -19.65 12.33 -5.82
C ARG A 100 -18.79 12.07 -7.06
N ALA A 101 -18.33 10.83 -7.20
CA ALA A 101 -17.54 10.46 -8.38
C ALA A 101 -18.37 10.51 -9.67
N ALA A 102 -19.63 10.11 -9.58
CA ALA A 102 -20.50 10.12 -10.75
C ALA A 102 -20.71 11.56 -11.21
N LEU A 103 -20.85 12.47 -10.26
CA LEU A 103 -21.05 13.88 -10.60
C LEU A 103 -19.80 14.48 -11.21
N ILE A 104 -18.63 14.07 -10.74
CA ILE A 104 -17.37 14.57 -11.31
C ILE A 104 -17.16 14.04 -12.72
N HIS A 105 -17.52 12.78 -12.96
CA HIS A 105 -17.52 12.26 -14.33
C HIS A 105 -18.47 13.04 -15.24
N LYS A 106 -19.56 13.52 -14.66
CA LYS A 106 -20.52 14.31 -15.38
C LYS A 106 -19.93 15.67 -15.78
N ILE A 107 -19.15 16.27 -14.89
CA ILE A 107 -18.40 17.48 -15.21
C ILE A 107 -17.49 17.22 -16.41
N ALA A 108 -16.76 16.11 -16.37
CA ALA A 108 -15.90 15.72 -17.48
C ALA A 108 -16.70 15.56 -18.80
N ASP A 109 -17.86 14.90 -18.72
CA ASP A 109 -18.70 14.71 -19.91
C ASP A 109 -19.18 16.05 -20.48
N GLY A 110 -19.41 17.01 -19.59
CA GLY A 110 -19.88 18.32 -19.98
C GLY A 110 -18.80 19.07 -20.73
N ILE A 111 -17.56 18.90 -20.29
CA ILE A 111 -16.43 19.52 -21.00
C ILE A 111 -16.34 18.87 -22.37
N GLN A 112 -16.35 17.54 -22.37
CA GLN A 112 -16.27 16.78 -23.62
C GLN A 112 -17.37 17.19 -24.60
N ALA A 113 -18.56 17.47 -24.08
CA ALA A 113 -19.69 17.84 -24.92
C ALA A 113 -19.50 19.20 -25.60
N ARG A 114 -18.63 20.03 -25.02
CA ARG A 114 -18.35 21.35 -25.55
C ARG A 114 -16.87 21.48 -25.87
N PHE A 115 -16.27 20.36 -26.29
CA PHE A 115 -14.84 20.25 -26.50
C PHE A 115 -14.26 21.40 -27.32
N GLU A 116 -14.85 21.65 -28.47
CA GLU A 116 -14.31 22.66 -29.38
C GLU A 116 -14.45 24.09 -28.86
N GLU A 117 -15.50 24.36 -28.09
CA GLU A 117 -15.57 25.65 -27.39
C GLU A 117 -14.39 25.83 -26.44
N PHE A 118 -14.03 24.77 -25.71
CA PHE A 118 -12.92 24.85 -24.78
C PHE A 118 -11.62 25.04 -25.55
N VAL A 119 -11.47 24.30 -26.63
CA VAL A 119 -10.33 24.49 -27.52
C VAL A 119 -10.24 25.96 -27.96
N ALA A 120 -11.37 26.51 -28.43
CA ALA A 120 -11.38 27.88 -28.92
C ALA A 120 -10.97 28.86 -27.82
N ALA A 121 -11.44 28.62 -26.60
CA ALA A 121 -11.09 29.47 -25.46
C ALA A 121 -9.60 29.48 -25.08
N GLU A 122 -8.99 28.31 -24.94
CA GLU A 122 -7.55 28.26 -24.60
C GLU A 122 -6.72 28.92 -25.69
N VAL A 123 -7.06 28.63 -26.94
CA VAL A 123 -6.36 29.19 -28.09
C VAL A 123 -6.43 30.70 -28.11
N ALA A 124 -7.64 31.23 -27.91
CA ALA A 124 -7.84 32.68 -27.90
C ALA A 124 -6.99 33.41 -26.84
N ASP A 125 -7.01 32.92 -25.60
CA ASP A 125 -6.26 33.57 -24.53
C ASP A 125 -4.73 33.54 -24.71
N THR A 126 -4.20 32.47 -25.30
CA THR A 126 -2.78 32.20 -25.18
C THR A 126 -2.05 32.13 -26.50
N GLY A 127 -2.81 32.00 -27.58
CA GLY A 127 -2.21 31.85 -28.90
C GLY A 127 -1.62 30.48 -29.18
N ARG A 128 -1.88 29.51 -28.31
CA ARG A 128 -1.35 28.17 -28.54
C ARG A 128 -1.88 27.56 -29.83
N PRO A 129 -1.05 26.77 -30.51
CA PRO A 129 -1.50 26.07 -31.72
C PRO A 129 -2.77 25.28 -31.42
N VAL A 130 -3.71 25.29 -32.36
CA VAL A 130 -4.97 24.58 -32.19
C VAL A 130 -4.75 23.08 -31.95
N HIS A 131 -3.80 22.49 -32.67
CA HIS A 131 -3.52 21.06 -32.54
CA HIS A 131 -3.54 21.07 -32.53
C HIS A 131 -3.06 20.69 -31.12
N GLN A 132 -2.24 21.55 -30.51
CA GLN A 132 -1.83 21.36 -29.12
C GLN A 132 -3.04 21.35 -28.19
N ALA A 133 -3.94 22.33 -28.37
CA ALA A 133 -5.11 22.43 -27.51
C ALA A 133 -6.03 21.24 -27.68
N ARG A 134 -6.13 20.75 -28.91
CA ARG A 134 -7.01 19.61 -29.21
C ARG A 134 -6.44 18.29 -28.70
N THR A 135 -5.12 18.20 -28.61
CA THR A 135 -4.47 16.92 -28.30
C THR A 135 -3.90 16.87 -26.89
N LEU A 136 -3.47 18.01 -26.36
CA LEU A 136 -2.89 18.07 -25.03
C LEU A 136 -3.84 18.71 -24.02
N ASP A 137 -4.08 20.01 -24.17
CA ASP A 137 -4.69 20.84 -23.14
C ASP A 137 -6.08 20.37 -22.72
N ILE A 138 -7.00 20.28 -23.66
CA ILE A 138 -8.36 19.94 -23.29
C ILE A 138 -8.51 18.47 -22.90
N PRO A 139 -7.93 17.54 -23.67
CA PRO A 139 -8.09 16.15 -23.24
C PRO A 139 -7.47 15.83 -21.89
N ARG A 140 -6.36 16.47 -21.52
CA ARG A 140 -5.75 16.23 -20.21
C ARG A 140 -6.60 16.84 -19.09
N ALA A 141 -7.22 17.99 -19.36
CA ALA A 141 -8.14 18.59 -18.42
C ALA A 141 -9.33 17.66 -18.15
N ILE A 142 -9.81 17.00 -19.20
CA ILE A 142 -10.88 16.03 -19.01
C ILE A 142 -10.39 14.84 -18.18
N ALA A 143 -9.19 14.37 -18.49
CA ALA A 143 -8.58 13.24 -17.79
C ALA A 143 -8.32 13.52 -16.31
N ASN A 144 -8.00 14.77 -15.96
CA ASN A 144 -7.84 15.13 -14.55
C ASN A 144 -9.10 14.77 -13.77
N PHE A 145 -10.26 15.18 -14.28
CA PHE A 145 -11.51 14.89 -13.58
C PHE A 145 -11.77 13.39 -13.50
N ARG A 146 -11.64 12.69 -14.63
CA ARG A 146 -11.93 11.27 -14.62
C ARG A 146 -10.99 10.46 -13.72
N THR A 147 -9.72 10.83 -13.72
CA THR A 147 -8.70 10.09 -12.97
C THR A 147 -8.96 10.21 -11.49
N PHE A 148 -9.21 11.43 -11.04
CA PHE A 148 -9.43 11.63 -9.62
C PHE A 148 -10.79 11.19 -9.13
N ALA A 149 -11.80 11.19 -10.00
CA ALA A 149 -13.07 10.57 -9.63
C ALA A 149 -12.84 9.08 -9.37
N ASP A 150 -12.07 8.45 -10.25
CA ASP A 150 -11.76 7.02 -10.11
C ASP A 150 -10.98 6.70 -8.84
N LEU A 151 -9.92 7.48 -8.60
CA LEU A 151 -9.13 7.36 -7.38
C LEU A 151 -10.01 7.51 -6.15
N ALA A 152 -11.01 8.39 -6.20
CA ALA A 152 -11.87 8.62 -5.05
C ALA A 152 -12.68 7.37 -4.73
N LYS A 153 -13.12 6.67 -5.77
CA LYS A 153 -13.86 5.43 -5.62
C LYS A 153 -12.98 4.29 -5.10
N THR A 154 -11.73 4.22 -5.55
CA THR A 154 -10.88 3.09 -5.22
C THR A 154 -10.02 3.25 -3.95
N SER A 155 -9.92 4.45 -3.42
CA SER A 155 -9.00 4.72 -2.31
C SER A 155 -9.55 4.13 -1.02
N HIS A 156 -8.65 3.66 -0.16
CA HIS A 156 -9.03 3.30 1.20
C HIS A 156 -7.96 3.75 2.19
N THR A 157 -8.15 3.43 3.46
CA THR A 157 -7.23 3.83 4.50
C THR A 157 -6.71 2.62 5.29
N ASP A 158 -6.18 2.89 6.49
CA ASP A 158 -5.36 1.92 7.21
C ASP A 158 -5.96 1.44 8.54
N LEU A 159 -5.64 0.18 8.89
CA LEU A 159 -6.03 -0.41 10.18
C LEU A 159 -4.76 -0.87 10.91
N PHE A 160 -4.58 -0.36 12.13
CA PHE A 160 -3.47 -0.77 12.99
C PHE A 160 -3.98 -1.43 14.28
N GLU A 161 -3.62 -2.68 14.51
CA GLU A 161 -3.93 -3.35 15.78
C GLU A 161 -2.76 -3.18 16.75
N MET A 162 -3.07 -2.97 18.02
CA MET A 162 -2.02 -2.88 19.04
C MET A 162 -2.38 -3.59 20.33
N SER A 163 -1.32 -4.04 21.02
CA SER A 163 -1.47 -4.64 22.33
C SER A 163 -1.47 -3.55 23.39
N THR A 164 -2.10 -3.83 24.51
CA THR A 164 -2.14 -2.88 25.62
C THR A 164 -1.76 -3.60 26.90
N SER A 165 -1.35 -2.85 27.91
CA SER A 165 -0.88 -3.45 29.16
C SER A 165 -1.91 -4.34 29.85
N ASP A 166 -3.21 -4.08 29.62
CA ASP A 166 -4.26 -4.93 30.19
C ASP A 166 -4.64 -6.15 29.35
N GLY A 167 -3.96 -6.32 28.21
CA GLY A 167 -4.13 -7.50 27.37
C GLY A 167 -5.35 -7.51 26.46
N SER A 168 -6.15 -6.45 26.52
CA SER A 168 -7.39 -6.38 25.74
C SER A 168 -7.14 -5.79 24.35
N GLY A 169 -6.11 -4.96 24.24
CA GLY A 169 -5.75 -4.39 22.97
C GLY A 169 -6.50 -3.12 22.62
N ALA A 170 -6.15 -2.57 21.45
CA ALA A 170 -6.78 -1.38 20.92
C ALA A 170 -6.73 -1.47 19.40
N LEU A 171 -7.66 -0.77 18.75
CA LEU A 171 -7.71 -0.64 17.30
C LEU A 171 -7.43 0.80 16.95
N ASN A 172 -6.55 1.02 15.98
CA ASN A 172 -6.39 2.32 15.40
C ASN A 172 -6.77 2.25 13.92
N TYR A 173 -7.75 3.05 13.51
CA TYR A 173 -8.12 3.14 12.09
C TYR A 173 -8.09 4.59 11.61
N THR A 174 -7.72 4.77 10.36
CA THR A 174 -7.67 6.11 9.81
C THR A 174 -8.79 6.34 8.85
N VAL A 175 -9.13 7.61 8.66
CA VAL A 175 -10.15 8.00 7.71
C VAL A 175 -9.70 9.23 6.93
N ARG A 176 -10.20 9.35 5.70
CA ARG A 176 -10.00 10.55 4.88
C ARG A 176 -11.27 11.40 4.92
N LYS A 177 -11.14 12.62 5.40
CA LYS A 177 -12.25 13.59 5.39
C LYS A 177 -11.89 14.75 4.47
N PRO A 178 -12.88 15.52 4.00
CA PRO A 178 -12.55 16.76 3.28
C PRO A 178 -11.70 17.65 4.17
N LEU A 179 -10.63 18.19 3.62
CA LEU A 179 -9.84 19.20 4.32
C LEU A 179 -10.70 20.43 4.65
N GLY A 180 -11.58 20.82 3.73
CA GLY A 180 -12.46 21.97 3.90
C GLY A 180 -12.59 22.79 2.61
N VAL A 181 -12.33 24.09 2.69
CA VAL A 181 -12.33 24.95 1.51
C VAL A 181 -10.93 25.07 0.93
N ILE A 182 -10.75 24.67 -0.33
CA ILE A 182 -9.43 24.76 -0.92
C ILE A 182 -9.35 26.01 -1.78
N GLY A 183 -8.35 26.85 -1.53
CA GLY A 183 -8.08 27.96 -2.41
C GLY A 183 -7.12 27.51 -3.50
N VAL A 184 -7.47 27.77 -4.75
CA VAL A 184 -6.66 27.37 -5.90
C VAL A 184 -6.22 28.62 -6.70
N ILE A 185 -4.91 28.77 -6.87
CA ILE A 185 -4.37 29.86 -7.66
C ILE A 185 -3.43 29.29 -8.73
N SER A 186 -3.73 29.56 -9.99
CA SER A 186 -3.12 28.83 -11.10
C SER A 186 -2.51 29.76 -12.16
N PRO A 187 -1.55 29.24 -12.94
CA PRO A 187 -0.79 30.05 -13.89
C PRO A 187 -1.35 29.98 -15.31
N TRP A 188 -0.67 30.66 -16.24
CA TRP A 188 -1.20 30.80 -17.58
C TRP A 188 -0.56 29.85 -18.59
N ASP A 189 0.45 29.09 -18.19
CA ASP A 189 1.16 28.31 -19.20
C ASP A 189 0.34 27.16 -19.80
N LEU A 190 -0.39 26.44 -18.97
CA LEU A 190 -1.34 25.44 -19.44
C LEU A 190 -2.60 25.66 -18.61
N PRO A 191 -3.44 26.62 -19.03
CA PRO A 191 -4.48 27.15 -18.12
C PRO A 191 -5.49 26.12 -17.62
N LEU A 192 -6.23 25.48 -18.52
CA LEU A 192 -7.23 24.53 -18.05
C LEU A 192 -6.59 23.26 -17.46
N LEU A 193 -5.47 22.83 -18.03
CA LEU A 193 -4.81 21.62 -17.55
C LEU A 193 -4.39 21.78 -16.11
N LEU A 194 -3.62 22.82 -15.82
CA LEU A 194 -3.14 23.06 -14.47
C LEU A 194 -4.24 23.45 -13.50
N PHE A 195 -5.23 24.18 -14.00
CA PHE A 195 -6.40 24.56 -13.18
C PHE A 195 -7.18 23.33 -12.73
N THR A 196 -7.47 22.41 -13.66
CA THR A 196 -8.22 21.20 -13.30
C THR A 196 -7.35 20.19 -12.52
N TRP A 197 -6.04 20.29 -12.69
CA TRP A 197 -5.11 19.46 -11.91
C TRP A 197 -5.31 19.66 -10.41
N LYS A 198 -5.81 20.83 -10.03
CA LYS A 198 -6.03 21.16 -8.63
C LYS A 198 -7.48 20.97 -8.24
N VAL A 199 -8.37 21.40 -9.12
CA VAL A 199 -9.79 21.41 -8.79
C VAL A 199 -10.36 19.99 -8.78
N ALA A 200 -9.87 19.15 -9.69
CA ALA A 200 -10.36 17.77 -9.74
C ALA A 200 -10.10 16.96 -8.45
N PRO A 201 -8.85 16.90 -7.94
CA PRO A 201 -8.69 16.17 -6.68
C PRO A 201 -9.35 16.86 -5.49
N ALA A 202 -9.35 18.20 -5.47
CA ALA A 202 -10.07 18.94 -4.43
C ALA A 202 -11.53 18.45 -4.32
N LEU A 203 -12.23 18.44 -5.44
CA LEU A 203 -13.62 18.02 -5.43
C LEU A 203 -13.77 16.52 -5.18
N ALA A 204 -12.85 15.75 -5.74
CA ALA A 204 -12.88 14.29 -5.57
C ALA A 204 -12.77 13.90 -4.10
N CYS A 205 -12.06 14.72 -3.32
CA CYS A 205 -11.93 14.48 -1.90
C CYS A 205 -13.03 15.15 -1.10
N GLY A 206 -13.99 15.73 -1.79
CA GLY A 206 -15.19 16.24 -1.14
C GLY A 206 -15.03 17.64 -0.57
N ASN A 207 -13.96 18.32 -0.93
CA ASN A 207 -13.77 19.71 -0.52
C ASN A 207 -14.68 20.62 -1.35
N THR A 208 -14.79 21.88 -0.93
CA THR A 208 -15.36 22.90 -1.80
C THR A 208 -14.22 23.81 -2.24
N VAL A 209 -14.44 24.61 -3.27
CA VAL A 209 -13.32 25.28 -3.92
C VAL A 209 -13.60 26.77 -4.20
N VAL A 210 -12.57 27.59 -4.01
CA VAL A 210 -12.56 28.94 -4.54
C VAL A 210 -11.29 29.04 -5.38
N ALA A 211 -11.46 29.20 -6.68
CA ALA A 211 -10.35 29.13 -7.62
C ALA A 211 -10.20 30.45 -8.38
N LYS A 212 -8.94 30.86 -8.51
CA LYS A 212 -8.55 32.12 -9.13
C LYS A 212 -7.55 31.82 -10.26
N PRO A 213 -8.03 31.81 -11.50
CA PRO A 213 -7.10 31.52 -12.61
C PRO A 213 -6.27 32.75 -12.95
N SER A 214 -5.23 32.56 -13.76
CA SER A 214 -4.38 33.66 -14.18
C SER A 214 -5.17 34.71 -14.96
N GLU A 215 -4.85 35.98 -14.71
CA GLU A 215 -5.49 37.07 -15.43
C GLU A 215 -5.20 37.02 -16.94
N GLU A 216 -4.12 36.37 -17.32
CA GLU A 216 -3.79 36.20 -18.73
C GLU A 216 -4.66 35.15 -19.42
N SER A 217 -5.24 34.25 -18.65
CA SER A 217 -5.97 33.14 -19.27
C SER A 217 -7.23 32.73 -18.52
N PRO A 218 -8.22 33.64 -18.48
CA PRO A 218 -9.44 33.46 -17.68
C PRO A 218 -10.58 32.69 -18.39
N SER A 219 -10.45 32.43 -19.68
CA SER A 219 -11.62 32.01 -20.46
C SER A 219 -12.05 30.55 -20.26
N SER A 220 -11.10 29.63 -20.29
CA SER A 220 -11.47 28.23 -20.14
C SER A 220 -12.00 27.94 -18.73
N ALA A 221 -11.46 28.62 -17.73
CA ALA A 221 -11.98 28.52 -16.36
C ALA A 221 -13.45 28.94 -16.28
N THR A 222 -13.79 29.98 -17.02
CA THR A 222 -15.15 30.49 -17.02
C THR A 222 -16.13 29.52 -17.71
N LEU A 223 -15.67 28.90 -18.79
CA LEU A 223 -16.44 27.85 -19.43
C LEU A 223 -16.61 26.69 -18.46
N LEU A 224 -15.56 26.38 -17.71
CA LEU A 224 -15.65 25.31 -16.71
C LEU A 224 -16.72 25.60 -15.66
N ALA A 225 -16.81 26.86 -15.24
CA ALA A 225 -17.87 27.24 -14.32
C ALA A 225 -19.26 26.96 -14.91
N GLU A 226 -19.43 27.19 -16.21
CA GLU A 226 -20.68 26.91 -16.90
C GLU A 226 -20.98 25.41 -16.94
N VAL A 227 -19.97 24.60 -17.23
CA VAL A 227 -20.13 23.16 -17.17
C VAL A 227 -20.59 22.74 -15.77
N MET A 228 -19.93 23.30 -14.75
CA MET A 228 -20.25 22.99 -13.35
C MET A 228 -21.72 23.23 -13.07
N HIS A 229 -22.17 24.42 -13.44
CA HIS A 229 -23.55 24.85 -13.24
C HIS A 229 -24.54 23.96 -13.97
N ASP A 230 -24.29 23.71 -15.25
CA ASP A 230 -25.17 22.88 -16.07
C ASP A 230 -25.17 21.41 -15.64
N ALA A 231 -24.08 20.97 -15.02
CA ALA A 231 -23.99 19.59 -14.52
C ALA A 231 -24.71 19.43 -13.20
N GLY A 232 -25.12 20.56 -12.61
CA GLY A 232 -25.89 20.52 -11.39
C GLY A 232 -25.07 20.50 -10.11
N VAL A 233 -23.79 20.87 -10.21
CA VAL A 233 -22.95 20.99 -9.03
C VAL A 233 -23.62 21.98 -8.07
N PRO A 234 -23.83 21.59 -6.81
CA PRO A 234 -24.55 22.43 -5.85
C PRO A 234 -23.85 23.76 -5.62
N PRO A 235 -24.64 24.83 -5.41
CA PRO A 235 -24.15 26.20 -5.15
C PRO A 235 -23.15 26.23 -4.02
N GLY A 236 -22.05 26.94 -4.23
CA GLY A 236 -21.01 27.03 -3.23
C GLY A 236 -19.88 26.01 -3.35
N VAL A 237 -20.11 24.90 -4.06
CA VAL A 237 -19.09 23.85 -4.12
C VAL A 237 -17.88 24.31 -4.94
N PHE A 238 -18.16 24.93 -6.08
CA PHE A 238 -17.15 25.48 -6.95
C PHE A 238 -17.38 26.97 -7.15
N ASN A 239 -16.37 27.77 -6.84
CA ASN A 239 -16.51 29.20 -6.97
C ASN A 239 -15.35 29.73 -7.77
N LEU A 240 -15.65 30.57 -8.75
CA LEU A 240 -14.61 31.13 -9.60
C LEU A 240 -14.51 32.65 -9.39
N ILE A 241 -13.32 33.09 -9.02
CA ILE A 241 -13.06 34.52 -8.84
C ILE A 241 -11.95 34.94 -9.79
N HIS A 242 -12.21 36.00 -10.57
CA HIS A 242 -11.18 36.54 -11.45
C HIS A 242 -10.43 37.68 -10.78
N GLY A 243 -9.20 37.92 -11.23
CA GLY A 243 -8.44 39.04 -10.73
C GLY A 243 -6.94 38.82 -10.83
N PHE A 244 -6.19 39.69 -10.17
CA PHE A 244 -4.74 39.59 -10.18
C PHE A 244 -4.28 38.95 -8.90
N GLY A 245 -3.00 39.14 -8.58
CA GLY A 245 -2.43 38.61 -7.37
C GLY A 245 -2.35 39.68 -6.32
N LYS A 246 -1.19 40.33 -6.23
CA LYS A 246 -0.95 41.36 -5.21
C LYS A 246 -2.03 42.45 -5.27
N ASP A 247 -2.58 42.77 -4.10
CA ASP A 247 -3.63 43.78 -3.95
C ASP A 247 -4.86 43.48 -4.78
N SER A 248 -5.16 42.19 -4.95
CA SER A 248 -6.29 41.77 -5.76
C SER A 248 -6.80 40.40 -5.31
N ALA A 249 -7.69 39.83 -6.11
CA ALA A 249 -8.34 38.55 -5.83
C ALA A 249 -7.39 37.48 -5.28
N GLY A 250 -6.24 37.30 -5.92
CA GLY A 250 -5.28 36.31 -5.49
C GLY A 250 -4.79 36.53 -4.07
N GLU A 251 -4.35 37.75 -3.78
CA GLU A 251 -3.90 38.08 -2.43
C GLU A 251 -5.02 37.93 -1.40
N PHE A 252 -6.22 38.35 -1.76
CA PHE A 252 -7.34 38.30 -0.83
C PHE A 252 -7.70 36.86 -0.50
N LEU A 253 -7.55 35.97 -1.48
CA LEU A 253 -7.81 34.57 -1.24
C LEU A 253 -6.80 34.02 -0.24
N THR A 254 -5.53 34.32 -0.46
CA THR A 254 -4.47 33.80 0.40
C THR A 254 -4.56 34.33 1.82
N GLN A 255 -5.32 35.41 2.01
CA GLN A 255 -5.43 36.04 3.32
C GLN A 255 -6.67 35.65 4.09
N HIS A 256 -7.65 35.09 3.39
CA HIS A 256 -8.92 34.77 4.04
C HIS A 256 -8.76 33.65 5.05
N PRO A 257 -9.16 33.88 6.30
CA PRO A 257 -9.01 32.87 7.35
C PRO A 257 -9.95 31.66 7.17
N GLY A 258 -10.88 31.76 6.23
CA GLY A 258 -11.89 30.74 6.04
C GLY A 258 -11.44 29.55 5.20
N ILE A 259 -10.29 29.65 4.54
CA ILE A 259 -9.79 28.52 3.77
C ILE A 259 -9.04 27.54 4.68
N SER A 260 -8.82 26.32 4.17
CA SER A 260 -8.11 25.30 4.93
C SER A 260 -6.77 24.99 4.28
N ALA A 261 -6.66 25.31 2.99
CA ALA A 261 -5.48 25.03 2.21
C ALA A 261 -5.36 25.99 1.03
N LEU A 262 -4.12 26.22 0.61
CA LEU A 262 -3.82 26.98 -0.60
C LEU A 262 -2.92 26.11 -1.46
N THR A 263 -3.44 25.65 -2.60
CA THR A 263 -2.59 24.92 -3.53
C THR A 263 -2.26 25.86 -4.67
N PHE A 264 -1.01 25.85 -5.10
CA PHE A 264 -0.51 26.90 -5.97
C PHE A 264 0.54 26.39 -6.95
N THR A 265 0.50 26.97 -8.14
CA THR A 265 1.44 26.65 -9.19
C THR A 265 1.81 28.00 -9.83
N GLY A 266 3.11 28.31 -9.85
CA GLY A 266 3.55 29.63 -10.27
C GLY A 266 5.03 29.88 -10.04
N GLU A 267 5.42 31.16 -10.01
CA GLU A 267 6.81 31.55 -9.74
C GLU A 267 7.24 31.21 -8.32
N SER A 268 8.53 30.89 -8.15
CA SER A 268 9.06 30.58 -6.82
C SER A 268 8.91 31.76 -5.86
N LYS A 269 9.20 32.96 -6.36
CA LYS A 269 9.02 34.17 -5.55
C LYS A 269 7.56 34.36 -5.12
N THR A 270 6.63 33.98 -5.99
CA THR A 270 5.23 34.08 -5.64
C THR A 270 4.90 33.08 -4.54
N GLY A 271 5.44 31.87 -4.66
CA GLY A 271 5.23 30.82 -3.67
C GLY A 271 5.67 31.27 -2.28
N SER A 272 6.83 31.92 -2.22
CA SER A 272 7.37 32.40 -0.96
C SER A 272 6.41 33.40 -0.32
N THR A 273 5.86 34.29 -1.15
CA THR A 273 4.91 35.31 -0.69
C THR A 273 3.66 34.66 -0.12
N ILE A 274 3.17 33.65 -0.80
CA ILE A 274 1.97 32.95 -0.38
C ILE A 274 2.21 32.15 0.92
N MET A 275 3.39 31.56 1.04
CA MET A 275 3.75 30.85 2.27
C MET A 275 3.69 31.78 3.47
N LYS A 276 4.23 33.00 3.30
CA LYS A 276 4.19 34.02 4.35
C LYS A 276 2.76 34.44 4.64
N ALA A 277 1.96 34.54 3.59
CA ALA A 277 0.59 35.05 3.70
C ALA A 277 -0.37 34.13 4.47
N VAL A 278 -0.15 32.83 4.43
CA VAL A 278 -1.04 31.90 5.12
C VAL A 278 -0.45 31.43 6.44
N ALA A 279 0.75 31.92 6.75
CA ALA A 279 1.53 31.43 7.89
C ALA A 279 0.83 31.58 9.25
N ASP A 280 0.18 32.72 9.48
CA ASP A 280 -0.52 32.96 10.74
C ASP A 280 -1.68 32.00 10.95
N GLY A 281 -2.28 31.52 9.86
CA GLY A 281 -3.40 30.58 9.96
C GLY A 281 -2.98 29.12 9.86
N VAL A 282 -1.67 28.90 9.68
CA VAL A 282 -1.07 27.57 9.46
C VAL A 282 -1.83 26.70 8.45
N LYS A 283 -2.14 27.28 7.29
CA LYS A 283 -2.91 26.58 6.28
C LYS A 283 -2.02 25.52 5.64
N GLU A 284 -2.62 24.39 5.26
CA GLU A 284 -1.89 23.42 4.45
C GLU A 284 -1.53 24.10 3.13
N VAL A 285 -0.32 23.84 2.65
CA VAL A 285 0.12 24.39 1.38
C VAL A 285 0.74 23.33 0.45
N SER A 286 0.49 23.50 -0.85
CA SER A 286 1.12 22.67 -1.85
C SER A 286 1.61 23.60 -2.96
N PHE A 287 2.91 23.60 -3.23
CA PHE A 287 3.52 24.51 -4.20
C PHE A 287 4.25 23.78 -5.33
N GLU A 288 3.96 24.16 -6.56
CA GLU A 288 4.73 23.71 -7.69
C GLU A 288 5.28 24.96 -8.36
N LEU A 289 6.59 25.16 -8.26
CA LEU A 289 7.17 26.45 -8.62
C LEU A 289 8.10 26.43 -9.84
N GLY A 290 9.03 27.38 -9.92
CA GLY A 290 9.82 27.54 -11.11
C GLY A 290 10.80 26.42 -11.35
N GLY A 291 11.53 26.51 -12.46
CA GLY A 291 12.56 25.53 -12.76
C GLY A 291 13.60 26.13 -13.70
N LYS A 292 14.80 25.55 -13.68
CA LYS A 292 15.79 25.82 -14.72
C LYS A 292 16.28 24.44 -15.16
N ASN A 293 15.42 23.74 -15.89
CA ASN A 293 15.59 22.33 -16.18
C ASN A 293 16.65 22.04 -17.23
N ALA A 294 17.44 21.01 -16.98
CA ALA A 294 18.47 20.61 -17.93
C ALA A 294 18.06 19.39 -18.76
N ALA A 295 18.64 19.30 -19.95
CA ALA A 295 18.63 18.07 -20.71
C ALA A 295 20.08 17.67 -20.85
N VAL A 296 20.34 16.37 -20.75
CA VAL A 296 21.68 15.83 -20.90
C VAL A 296 21.71 14.83 -22.03
N VAL A 297 22.66 14.98 -22.95
CA VAL A 297 22.78 14.09 -24.10
C VAL A 297 24.12 13.36 -24.07
N PHE A 298 24.10 12.10 -23.69
CA PHE A 298 25.32 11.32 -23.60
C PHE A 298 25.78 10.88 -24.98
N ALA A 299 27.03 10.45 -25.08
CA ALA A 299 27.62 10.05 -26.35
C ALA A 299 26.88 8.88 -26.99
N ASP A 300 26.25 8.03 -26.17
CA ASP A 300 25.54 6.87 -26.71
C ASP A 300 24.04 7.11 -26.99
N ALA A 301 23.61 8.37 -26.89
CA ALA A 301 22.25 8.72 -27.24
C ALA A 301 21.95 8.38 -28.71
N ASP A 302 20.68 8.12 -29.02
CA ASP A 302 20.22 8.15 -30.39
C ASP A 302 20.21 9.63 -30.74
N LEU A 303 21.17 10.06 -31.55
CA LEU A 303 21.36 11.49 -31.78
C LEU A 303 20.15 12.20 -32.38
N ASP A 304 19.56 11.62 -33.42
CA ASP A 304 18.39 12.24 -34.05
C ASP A 304 17.18 12.28 -33.13
N ALA A 305 16.99 11.22 -32.35
CA ALA A 305 15.93 11.23 -31.34
C ALA A 305 16.21 12.32 -30.29
N ALA A 306 17.47 12.44 -29.88
CA ALA A 306 17.82 13.45 -28.88
C ALA A 306 17.62 14.86 -29.44
N ILE A 307 18.00 15.07 -30.69
CA ILE A 307 17.77 16.38 -31.30
C ILE A 307 16.28 16.72 -31.30
N GLU A 308 15.48 15.78 -31.81
CA GLU A 308 14.04 15.93 -31.80
C GLU A 308 13.49 16.16 -30.40
N GLY A 309 14.05 15.43 -29.43
CA GLY A 309 13.57 15.54 -28.06
C GLY A 309 13.86 16.88 -27.42
N VAL A 310 15.05 17.41 -27.66
CA VAL A 310 15.41 18.71 -27.06
C VAL A 310 14.67 19.86 -27.76
N LEU A 311 14.44 19.69 -29.06
CA LEU A 311 13.60 20.61 -29.82
C LEU A 311 12.22 20.74 -29.19
N ARG A 312 11.60 19.62 -28.87
CA ARG A 312 10.32 19.67 -28.21
C ARG A 312 10.44 20.23 -26.81
N SER A 313 11.40 19.74 -26.04
CA SER A 313 11.50 20.19 -24.65
C SER A 313 11.87 21.67 -24.51
N SER A 314 12.47 22.26 -25.54
CA SER A 314 12.87 23.66 -25.44
C SER A 314 11.82 24.64 -25.97
N PHE A 315 11.11 24.23 -27.04
CA PHE A 315 10.24 25.13 -27.80
C PHE A 315 8.73 24.87 -27.77
N THR A 316 8.29 23.75 -27.18
CA THR A 316 6.86 23.51 -26.99
C THR A 316 6.19 24.66 -26.24
N ASN A 317 5.01 25.07 -26.70
CA ASN A 317 4.29 26.23 -26.15
C ASN A 317 5.20 27.46 -26.11
N SER A 318 6.09 27.55 -27.09
CA SER A 318 7.07 28.62 -27.20
C SER A 318 7.91 28.76 -25.94
N GLY A 319 8.31 27.62 -25.39
CA GLY A 319 9.16 27.55 -24.22
C GLY A 319 8.46 27.93 -22.93
N GLN A 320 7.15 28.10 -22.99
CA GLN A 320 6.41 28.56 -21.82
C GLN A 320 5.73 27.40 -21.08
N VAL A 321 6.54 26.45 -20.64
CA VAL A 321 6.03 25.41 -19.76
C VAL A 321 7.09 25.23 -18.70
N CYS A 322 6.66 25.06 -17.46
CA CYS A 322 7.61 24.88 -16.36
C CYS A 322 8.56 23.70 -16.59
N LEU A 323 8.11 22.70 -17.36
CA LEU A 323 8.94 21.51 -17.60
C LEU A 323 9.95 21.66 -18.76
N CYS A 324 9.96 22.82 -19.42
CA CYS A 324 10.90 23.02 -20.54
C CYS A 324 12.36 23.01 -20.16
N SER A 325 13.19 22.57 -21.10
CA SER A 325 14.62 22.64 -20.91
C SER A 325 15.10 24.02 -21.35
N GLU A 326 15.93 24.66 -20.53
CA GLU A 326 16.56 25.92 -20.91
C GLU A 326 18.09 25.82 -20.81
N ARG A 327 18.56 24.72 -20.20
CA ARG A 327 19.98 24.39 -20.16
C ARG A 327 20.14 23.04 -20.85
N VAL A 328 21.15 22.88 -21.68
CA VAL A 328 21.38 21.59 -22.33
C VAL A 328 22.86 21.23 -22.30
N TYR A 329 23.16 19.99 -21.93
CA TYR A 329 24.54 19.52 -21.83
C TYR A 329 24.72 18.36 -22.78
N VAL A 330 25.69 18.47 -23.68
CA VAL A 330 25.88 17.47 -24.72
C VAL A 330 27.30 16.97 -24.64
N HIS A 331 27.50 15.67 -24.84
CA HIS A 331 28.85 15.16 -24.75
C HIS A 331 29.73 15.82 -25.82
N ARG A 332 30.98 16.10 -25.46
CA ARG A 332 31.92 16.83 -26.32
C ARG A 332 32.01 16.21 -27.70
N SER A 333 32.11 14.89 -27.73
CA SER A 333 32.26 14.15 -28.97
C SER A 333 31.13 14.37 -29.99
N ILE A 334 29.94 14.76 -29.52
CA ILE A 334 28.80 14.99 -30.42
C ILE A 334 28.27 16.41 -30.36
N PHE A 335 28.94 17.29 -29.61
CA PHE A 335 28.43 18.63 -29.37
C PHE A 335 28.17 19.40 -30.66
N ASP A 336 29.20 19.50 -31.52
CA ASP A 336 29.07 20.28 -32.75
C ASP A 336 27.94 19.77 -33.63
N GLU A 337 27.88 18.46 -33.81
CA GLU A 337 26.85 17.84 -34.63
C GLU A 337 25.44 18.05 -34.06
N PHE A 338 25.32 17.95 -32.73
CA PHE A 338 24.05 18.20 -32.04
C PHE A 338 23.60 19.64 -32.26
N VAL A 339 24.51 20.60 -32.08
CA VAL A 339 24.16 22.00 -32.21
C VAL A 339 23.73 22.33 -33.64
N SER A 340 24.44 21.76 -34.61
CA SER A 340 24.14 21.95 -36.02
C SER A 340 22.79 21.36 -36.36
N GLY A 341 22.55 20.16 -35.86
CA GLY A 341 21.26 19.49 -36.06
C GLY A 341 20.10 20.24 -35.44
N LEU A 342 20.28 20.72 -34.22
CA LEU A 342 19.20 21.43 -33.55
C LEU A 342 18.90 22.78 -34.23
N LYS A 343 19.95 23.45 -34.69
CA LYS A 343 19.78 24.72 -35.40
C LYS A 343 18.86 24.53 -36.60
N VAL A 344 19.11 23.47 -37.36
CA VAL A 344 18.34 23.18 -38.55
C VAL A 344 16.88 22.94 -38.21
N GLU A 345 16.64 22.08 -37.22
CA GLU A 345 15.28 21.77 -36.79
C GLU A 345 14.57 23.00 -36.25
N ALA A 346 15.29 23.83 -35.48
CA ALA A 346 14.68 25.03 -34.93
C ALA A 346 14.25 26.00 -36.04
N GLU A 347 15.10 26.14 -37.06
CA GLU A 347 14.79 27.06 -38.16
C GLU A 347 13.68 26.52 -39.07
N ARG A 348 13.37 25.23 -38.93
CA ARG A 348 12.23 24.65 -39.63
C ARG A 348 10.89 24.92 -38.93
N LEU A 349 10.93 25.25 -37.64
CA LEU A 349 9.72 25.49 -36.88
C LEU A 349 8.89 26.62 -37.50
N VAL A 350 7.59 26.37 -37.66
CA VAL A 350 6.68 27.39 -38.17
C VAL A 350 6.10 28.20 -37.01
N VAL A 351 6.41 29.49 -36.99
CA VAL A 351 5.91 30.39 -35.96
C VAL A 351 4.78 31.22 -36.56
N GLY A 352 3.55 31.00 -36.11
CA GLY A 352 2.45 31.70 -36.74
C GLY A 352 1.10 31.62 -36.06
N TYR A 353 0.05 31.60 -36.87
CA TYR A 353 -1.32 31.57 -36.37
C TYR A 353 -1.61 30.20 -35.77
N PRO A 354 -2.44 30.15 -34.71
CA PRO A 354 -2.85 28.88 -34.09
C PRO A 354 -3.39 27.85 -35.06
N ASP A 355 -4.10 28.29 -36.11
CA ASP A 355 -4.65 27.35 -37.08
C ASP A 355 -3.95 27.37 -38.44
N GLN A 356 -2.81 28.06 -38.50
CA GLN A 356 -1.98 28.07 -39.71
C GLN A 356 -1.49 26.66 -40.00
N ASP A 357 -1.33 26.35 -41.29
CA ASP A 357 -1.15 24.97 -41.76
C ASP A 357 -0.20 24.06 -40.97
N GLY A 358 1.09 24.31 -41.02
CA GLY A 358 2.00 23.44 -40.28
C GLY A 358 2.59 24.07 -39.02
N VAL A 359 1.80 24.87 -38.31
CA VAL A 359 2.32 25.67 -37.20
C VAL A 359 2.89 24.86 -36.02
N ASN A 360 4.02 25.32 -35.47
CA ASN A 360 4.66 24.69 -34.32
C ASN A 360 4.64 25.58 -33.08
N MET A 361 4.79 26.90 -33.30
CA MET A 361 4.85 27.85 -32.21
C MET A 361 3.91 29.02 -32.41
N GLY A 362 3.23 29.41 -31.34
CA GLY A 362 2.48 30.64 -31.32
C GLY A 362 3.31 31.71 -30.63
N PRO A 363 2.69 32.82 -30.22
CA PRO A 363 3.44 33.89 -29.55
C PRO A 363 3.64 33.59 -28.08
N LEU A 364 4.29 34.53 -27.39
CA LEU A 364 4.29 34.56 -25.94
C LEU A 364 2.94 35.00 -25.44
N ILE A 365 2.70 34.80 -24.15
CA ILE A 365 1.39 35.06 -23.57
C ILE A 365 0.99 36.54 -23.63
N SER A 366 1.96 37.45 -23.56
CA SER A 366 1.63 38.86 -23.47
C SER A 366 2.82 39.73 -23.85
N HIS A 367 2.53 41.00 -24.13
CA HIS A 367 3.57 41.97 -24.45
C HIS A 367 4.53 42.13 -23.29
N GLY A 368 3.98 42.18 -22.08
CA GLY A 368 4.75 42.28 -20.86
C GLY A 368 5.69 41.11 -20.70
N HIS A 369 5.20 39.90 -20.97
CA HIS A 369 6.11 38.76 -20.87
C HIS A 369 7.20 38.85 -21.93
N ARG A 370 6.84 39.28 -23.13
CA ARG A 370 7.82 39.41 -24.20
C ARG A 370 8.91 40.41 -23.85
N ASP A 371 8.52 41.54 -23.26
CA ASP A 371 9.51 42.51 -22.77
C ASP A 371 10.53 41.82 -21.85
N LYS A 372 10.04 41.00 -20.92
CA LYS A 372 10.95 40.28 -20.04
C LYS A 372 11.85 39.31 -20.83
N VAL A 373 11.26 38.58 -21.77
CA VAL A 373 12.03 37.62 -22.55
C VAL A 373 13.10 38.26 -23.45
N LEU A 374 12.75 39.35 -24.11
CA LEU A 374 13.72 40.05 -24.94
C LEU A 374 14.82 40.66 -24.09
N SER A 375 14.48 41.06 -22.87
CA SER A 375 15.48 41.58 -21.94
C SER A 375 16.53 40.51 -21.66
N TYR A 376 16.09 39.27 -21.48
CA TYR A 376 17.04 38.17 -21.30
C TYR A 376 17.82 37.92 -22.57
N TYR A 377 17.18 38.11 -23.72
CA TYR A 377 17.90 37.94 -24.99
C TYR A 377 19.08 38.92 -25.07
N ARG A 378 18.85 40.16 -24.65
CA ARG A 378 19.90 41.17 -24.62
C ARG A 378 20.98 40.79 -23.63
N LEU A 379 20.56 40.35 -22.45
CA LEU A 379 21.48 39.95 -21.40
C LEU A 379 22.41 38.85 -21.89
N ALA A 380 21.86 37.84 -22.57
CA ALA A 380 22.67 36.75 -23.12
C ALA A 380 23.82 37.26 -23.99
N VAL A 381 23.52 38.17 -24.90
CA VAL A 381 24.53 38.75 -25.75
C VAL A 381 25.55 39.48 -24.88
N ASP A 382 25.06 40.29 -23.95
CA ASP A 382 25.91 41.00 -22.99
C ASP A 382 26.81 40.07 -22.15
N GLU A 383 26.33 38.87 -21.85
CA GLU A 383 27.12 37.91 -21.09
C GLU A 383 28.08 37.11 -21.96
N GLY A 384 28.09 37.40 -23.25
CA GLY A 384 29.06 36.79 -24.14
C GLY A 384 28.58 35.57 -24.91
N ALA A 385 27.28 35.44 -25.10
CA ALA A 385 26.75 34.28 -25.80
C ALA A 385 26.93 34.37 -27.30
N THR A 386 27.14 33.21 -27.94
CA THR A 386 26.97 33.12 -29.37
C THR A 386 25.51 32.76 -29.64
N VAL A 387 24.84 33.54 -30.48
CA VAL A 387 23.47 33.25 -30.87
C VAL A 387 23.46 32.33 -32.09
N VAL A 388 23.21 31.06 -31.84
CA VAL A 388 23.26 30.09 -32.92
C VAL A 388 22.08 30.28 -33.87
N THR A 389 20.93 30.65 -33.32
CA THR A 389 19.75 31.00 -34.09
C THR A 389 18.79 31.82 -33.22
N GLY A 390 17.89 32.56 -33.86
CA GLY A 390 16.90 33.35 -33.14
C GLY A 390 17.49 34.60 -32.53
N GLY A 391 17.09 34.91 -31.30
CA GLY A 391 17.65 36.03 -30.59
C GLY A 391 16.86 37.33 -30.76
N GLY A 392 15.78 37.28 -31.54
CA GLY A 392 14.97 38.46 -31.76
C GLY A 392 13.48 38.21 -31.87
N VAL A 393 12.81 39.05 -32.64
CA VAL A 393 11.40 38.83 -32.92
C VAL A 393 11.18 38.69 -34.43
N PRO A 394 10.29 37.77 -34.82
CA PRO A 394 10.08 37.59 -36.26
C PRO A 394 9.32 38.80 -36.82
N LYS A 395 9.55 39.12 -38.08
CA LYS A 395 8.79 40.19 -38.72
C LYS A 395 7.78 39.57 -39.67
N PHE A 396 6.50 39.80 -39.41
CA PHE A 396 5.47 39.16 -40.21
C PHE A 396 4.91 40.06 -41.30
N ASN A 397 4.95 41.36 -41.07
CA ASN A 397 4.35 42.32 -41.99
C ASN A 397 2.84 42.09 -42.13
N ASP A 398 2.22 41.77 -41.00
CA ASP A 398 0.76 41.68 -40.90
C ASP A 398 0.36 41.88 -39.45
N GLU A 399 -0.89 41.57 -39.12
CA GLU A 399 -1.44 41.90 -37.81
C GLU A 399 -0.64 41.25 -36.66
N ARG A 400 0.05 40.15 -36.95
CA ARG A 400 0.82 39.45 -35.93
C ARG A 400 1.92 40.32 -35.36
N ASP A 401 2.33 41.35 -36.10
CA ASP A 401 3.34 42.28 -35.61
C ASP A 401 2.85 43.10 -34.41
N GLN A 402 1.53 43.16 -34.22
CA GLN A 402 0.95 43.80 -33.05
C GLN A 402 0.83 42.83 -31.86
N GLY A 403 1.15 41.56 -32.11
CA GLY A 403 1.08 40.51 -31.10
C GLY A 403 2.36 40.34 -30.32
N ALA A 404 2.56 39.18 -29.70
CA ALA A 404 3.69 39.04 -28.79
C ALA A 404 4.64 37.90 -29.16
N TYR A 405 5.05 37.84 -30.43
CA TYR A 405 5.90 36.75 -30.89
C TYR A 405 7.39 37.00 -30.65
N VAL A 406 8.14 35.92 -30.39
CA VAL A 406 9.60 35.97 -30.38
C VAL A 406 10.09 34.76 -31.15
N GLN A 407 11.37 34.76 -31.52
CA GLN A 407 11.95 33.67 -32.28
C GLN A 407 12.44 32.57 -31.35
N PRO A 408 12.33 31.31 -31.77
CA PRO A 408 13.03 30.27 -31.01
C PRO A 408 14.54 30.57 -31.04
N THR A 409 15.22 30.41 -29.90
CA THR A 409 16.59 30.88 -29.74
C THR A 409 17.50 29.81 -29.11
N ILE A 410 18.70 29.68 -29.66
CA ILE A 410 19.73 28.79 -29.12
C ILE A 410 20.98 29.61 -28.85
N TRP A 411 21.56 29.45 -27.65
CA TRP A 411 22.83 30.07 -27.33
C TRP A 411 23.91 29.02 -27.08
N THR A 412 25.15 29.38 -27.34
CA THR A 412 26.31 28.64 -26.83
C THR A 412 27.32 29.62 -26.21
N GLY A 413 28.36 29.08 -25.59
CA GLY A 413 29.48 29.88 -25.09
C GLY A 413 29.38 30.56 -23.74
N LEU A 414 28.22 30.48 -23.08
CA LEU A 414 28.05 31.07 -21.75
C LEU A 414 28.63 30.16 -20.68
N SER A 415 29.05 30.77 -19.57
CA SER A 415 29.56 30.00 -18.45
C SER A 415 28.43 29.51 -17.57
N ASP A 416 28.71 28.55 -16.70
CA ASP A 416 27.70 28.02 -15.79
C ASP A 416 27.17 29.07 -14.80
N LYS A 417 27.93 30.13 -14.60
CA LYS A 417 27.55 31.17 -13.66
C LYS A 417 26.71 32.28 -14.31
N ALA A 418 26.67 32.31 -15.63
CA ALA A 418 25.88 33.31 -16.35
C ALA A 418 24.42 33.32 -15.87
N ARG A 419 23.86 34.51 -15.73
CA ARG A 419 22.46 34.67 -15.33
C ARG A 419 21.50 33.98 -16.30
N CYS A 420 21.83 33.97 -17.58
CA CYS A 420 20.98 33.38 -18.61
C CYS A 420 21.00 31.85 -18.56
N VAL A 421 21.96 31.31 -17.82
CA VAL A 421 22.06 29.88 -17.65
C VAL A 421 21.49 29.47 -16.28
N THR A 422 21.31 30.43 -15.39
CA THR A 422 20.82 30.10 -14.05
C THR A 422 19.40 30.57 -13.77
N GLU A 423 18.97 31.66 -14.38
CA GLU A 423 17.63 32.18 -14.11
C GLU A 423 16.61 31.68 -15.13
N GLU A 424 15.39 31.41 -14.64
CA GLU A 424 14.33 30.93 -15.49
C GLU A 424 13.86 32.06 -16.41
N ILE A 425 13.88 31.79 -17.70
CA ILE A 425 13.46 32.78 -18.70
C ILE A 425 11.99 32.60 -19.10
N PHE A 426 11.55 31.35 -19.24
CA PHE A 426 10.17 31.02 -19.61
C PHE A 426 9.85 31.51 -21.02
N GLY A 427 10.83 31.37 -21.90
CA GLY A 427 10.66 31.62 -23.32
C GLY A 427 11.23 30.47 -24.12
N PRO A 428 11.20 30.57 -25.46
CA PRO A 428 11.64 29.47 -26.31
C PRO A 428 13.14 29.51 -26.51
N VAL A 429 13.88 29.08 -25.50
CA VAL A 429 15.30 29.27 -25.51
C VAL A 429 16.03 28.13 -24.84
N CYS A 430 17.21 27.80 -25.37
CA CYS A 430 18.11 26.94 -24.62
C CYS A 430 19.56 27.28 -24.89
N HIS A 431 20.36 27.20 -23.83
CA HIS A 431 21.80 27.29 -23.94
C HIS A 431 22.37 25.88 -23.99
N ILE A 432 23.30 25.64 -24.91
CA ILE A 432 23.91 24.32 -25.04
C ILE A 432 25.39 24.38 -24.68
N SER A 433 25.80 23.48 -23.77
CA SER A 433 27.19 23.43 -23.32
C SER A 433 27.76 22.01 -23.43
N PRO A 434 29.04 21.86 -23.80
CA PRO A 434 29.60 20.50 -23.85
C PRO A 434 30.05 19.97 -22.49
N PHE A 435 30.21 18.66 -22.38
CA PHE A 435 30.77 18.04 -21.18
C PHE A 435 31.61 16.82 -21.55
N ASP A 436 32.47 16.37 -20.65
CA ASP A 436 33.33 15.22 -20.92
C ASP A 436 32.99 14.01 -20.06
N ASP A 437 32.58 14.26 -18.82
CA ASP A 437 32.53 13.22 -17.81
C ASP A 437 31.16 13.11 -17.16
N GLU A 438 30.77 11.88 -16.86
CA GLU A 438 29.44 11.61 -16.28
C GLU A 438 29.24 12.33 -14.94
N ASP A 439 30.16 12.15 -13.99
CA ASP A 439 30.00 12.79 -12.68
C ASP A 439 30.02 14.31 -12.80
N GLU A 440 30.91 14.83 -13.66
CA GLU A 440 30.97 16.26 -13.95
C GLU A 440 29.62 16.84 -14.34
N VAL A 441 28.95 16.23 -15.31
CA VAL A 441 27.68 16.75 -15.80
C VAL A 441 26.57 16.61 -14.77
N ILE A 442 26.59 15.55 -13.97
CA ILE A 442 25.61 15.41 -12.91
C ILE A 442 25.72 16.58 -11.92
N ASN A 443 26.95 16.90 -11.53
CA ASN A 443 27.20 18.05 -10.68
C ASN A 443 26.73 19.38 -11.29
N ARG A 444 27.00 19.56 -12.58
CA ARG A 444 26.55 20.78 -13.26
C ARG A 444 25.03 20.88 -13.32
N VAL A 445 24.36 19.76 -13.61
CA VAL A 445 22.90 19.77 -13.56
C VAL A 445 22.36 20.15 -12.18
N ASN A 446 22.94 19.57 -11.14
CA ASN A 446 22.47 19.79 -9.77
C ASN A 446 22.90 21.13 -9.18
N ASP A 447 23.81 21.81 -9.84
CA ASP A 447 24.29 23.09 -9.32
C ASP A 447 23.28 24.17 -9.67
N SER A 448 22.17 24.17 -8.95
CA SER A 448 21.06 25.06 -9.24
C SER A 448 20.22 25.21 -7.98
N ASN A 449 19.63 26.39 -7.81
CA ASN A 449 18.67 26.57 -6.73
C ASN A 449 17.32 25.93 -7.04
N TYR A 450 17.16 25.47 -8.28
CA TYR A 450 15.92 24.81 -8.70
C TYR A 450 16.10 23.30 -8.77
N GLY A 451 14.99 22.58 -8.84
CA GLY A 451 15.03 21.15 -9.09
C GLY A 451 13.67 20.58 -9.43
N LEU A 452 13.13 20.97 -10.60
CA LEU A 452 11.83 20.48 -11.04
C LEU A 452 11.98 19.17 -11.82
N ALA A 453 12.58 19.26 -13.00
CA ALA A 453 12.72 18.09 -13.87
C ALA A 453 14.04 18.06 -14.62
N CYS A 454 14.32 16.93 -15.23
CA CYS A 454 15.50 16.77 -16.06
C CYS A 454 15.20 15.70 -17.10
N ALA A 455 15.82 15.83 -18.27
CA ALA A 455 15.71 14.81 -19.30
C ALA A 455 17.08 14.29 -19.65
N ILE A 456 17.20 12.97 -19.78
CA ILE A 456 18.46 12.33 -20.07
C ILE A 456 18.33 11.46 -21.32
N TRP A 457 19.30 11.59 -22.22
CA TRP A 457 19.34 10.79 -23.46
C TRP A 457 20.52 9.83 -23.46
N THR A 458 20.22 8.53 -23.42
CA THR A 458 21.25 7.47 -23.48
C THR A 458 20.63 6.14 -23.87
N THR A 459 21.38 5.30 -24.59
CA THR A 459 20.86 3.98 -24.95
C THR A 459 21.34 2.91 -23.99
N ASN A 460 22.12 3.31 -22.99
CA ASN A 460 22.78 2.37 -22.10
C ASN A 460 21.93 2.07 -20.86
N LEU A 461 21.67 0.79 -20.62
CA LEU A 461 20.82 0.37 -19.50
C LEU A 461 21.36 0.89 -18.16
N SER A 462 22.59 0.54 -17.81
CA SER A 462 23.15 1.00 -16.53
C SER A 462 23.17 2.52 -16.40
N ARG A 463 23.61 3.19 -17.48
CA ARG A 463 23.75 4.65 -17.45
C ARG A 463 22.43 5.31 -17.10
N ALA A 464 21.35 4.86 -17.74
CA ALA A 464 20.04 5.44 -17.51
C ALA A 464 19.61 5.41 -16.05
N HIS A 465 19.79 4.26 -15.42
CA HIS A 465 19.39 4.12 -14.04
C HIS A 465 20.40 4.74 -13.06
N ARG A 466 21.69 4.62 -13.39
CA ARG A 466 22.74 5.14 -12.52
C ARG A 466 22.66 6.65 -12.42
N VAL A 467 22.55 7.29 -13.57
CA VAL A 467 22.50 8.74 -13.64
C VAL A 467 21.20 9.37 -13.13
N SER A 468 20.05 8.82 -13.56
CA SER A 468 18.79 9.43 -13.21
C SER A 468 18.58 9.54 -11.71
N ARG A 469 19.01 8.51 -10.97
CA ARG A 469 18.81 8.52 -9.53
C ARG A 469 19.67 9.57 -8.83
N GLN A 470 20.70 10.07 -9.51
CA GLN A 470 21.58 11.07 -8.91
C GLN A 470 21.15 12.50 -9.26
N ILE A 471 20.15 12.66 -10.10
CA ILE A 471 19.69 14.02 -10.41
C ILE A 471 18.77 14.55 -9.33
N HIS A 472 19.12 15.72 -8.79
CA HIS A 472 18.34 16.26 -7.67
C HIS A 472 17.11 17.03 -8.17
N VAL A 473 16.10 16.31 -8.66
CA VAL A 473 14.87 16.90 -9.16
C VAL A 473 13.70 15.98 -8.82
N GLY A 474 12.48 16.47 -8.98
CA GLY A 474 11.28 15.67 -8.74
C GLY A 474 10.98 14.64 -9.82
N LEU A 475 11.41 14.92 -11.05
CA LEU A 475 11.03 14.08 -12.21
C LEU A 475 12.17 13.94 -13.19
N VAL A 476 12.57 12.72 -13.49
CA VAL A 476 13.55 12.50 -14.57
C VAL A 476 12.89 11.73 -15.74
N TRP A 477 13.04 12.23 -16.96
CA TRP A 477 12.70 11.44 -18.14
C TRP A 477 13.95 10.87 -18.80
N VAL A 478 13.87 9.63 -19.25
CA VAL A 478 14.96 9.06 -20.02
C VAL A 478 14.47 8.75 -21.43
N ASN A 479 15.10 9.39 -22.42
CA ASN A 479 14.74 9.24 -23.84
C ASN A 479 13.32 9.68 -24.18
N THR A 480 12.82 10.67 -23.45
CA THR A 480 11.56 11.28 -23.78
C THR A 480 11.47 12.58 -23.02
N TRP A 481 10.32 13.23 -23.11
CA TRP A 481 10.05 14.42 -22.31
C TRP A 481 8.54 14.55 -22.14
N TYR A 482 8.14 15.12 -21.01
CA TYR A 482 6.74 15.42 -20.74
C TYR A 482 5.77 14.25 -20.99
N LEU A 483 6.17 13.05 -20.54
CA LEU A 483 5.24 11.93 -20.41
C LEU A 483 4.70 12.02 -19.01
N ARG A 484 3.38 12.09 -18.86
CA ARG A 484 2.78 12.19 -17.53
C ARG A 484 1.75 11.09 -17.29
N ASP A 485 1.96 10.33 -16.23
CA ASP A 485 1.01 9.34 -15.76
C ASP A 485 0.42 9.97 -14.48
N LEU A 486 -0.89 10.17 -14.44
CA LEU A 486 -1.51 10.91 -13.34
C LEU A 486 -1.45 10.21 -11.95
N ARG A 487 -1.07 8.94 -11.93
CA ARG A 487 -0.93 8.21 -10.67
C ARG A 487 0.40 8.52 -9.97
N THR A 488 1.38 9.02 -10.70
CA THR A 488 2.70 9.25 -10.13
C THR A 488 2.77 10.48 -9.20
N PRO A 489 3.69 10.45 -8.23
CA PRO A 489 3.95 11.68 -7.47
C PRO A 489 4.62 12.71 -8.36
N PHE A 490 4.22 13.96 -8.19
CA PHE A 490 4.75 15.03 -9.02
C PHE A 490 5.06 16.25 -8.17
N GLY A 491 6.20 16.87 -8.43
CA GLY A 491 6.59 18.03 -7.65
C GLY A 491 8.08 18.29 -7.81
N GLY A 492 8.60 19.28 -7.09
CA GLY A 492 10.00 19.64 -7.25
C GLY A 492 10.73 19.75 -5.93
N VAL A 493 12.05 19.84 -6.02
CA VAL A 493 12.85 20.05 -4.83
C VAL A 493 13.39 21.47 -4.81
N LYS A 494 13.94 21.87 -3.66
CA LYS A 494 14.56 23.17 -3.50
C LYS A 494 13.55 24.27 -3.84
N LEU A 495 13.93 25.25 -4.65
CA LEU A 495 13.01 26.35 -4.98
C LEU A 495 11.87 25.95 -5.91
N SER A 496 11.90 24.72 -6.43
CA SER A 496 10.88 24.29 -7.38
C SER A 496 9.59 23.80 -6.70
N GLY A 497 9.60 23.74 -5.37
CA GLY A 497 8.36 23.41 -4.72
C GLY A 497 8.42 22.88 -3.30
N LEU A 498 7.23 22.46 -2.87
CA LEU A 498 7.00 22.03 -1.52
C LEU A 498 5.92 20.98 -1.70
N GLY A 499 6.16 19.77 -1.19
CA GLY A 499 5.16 18.72 -1.23
C GLY A 499 5.06 17.98 -2.56
N ARG A 500 4.17 16.98 -2.61
CA ARG A 500 3.90 16.26 -3.85
C ARG A 500 2.40 16.14 -4.07
N GLU A 501 2.01 16.07 -5.34
CA GLU A 501 0.65 15.77 -5.72
C GLU A 501 0.71 14.68 -6.77
N GLY A 502 -0.44 14.18 -7.19
CA GLY A 502 -0.54 13.06 -8.09
C GLY A 502 -0.93 11.83 -7.28
N GLY A 503 -1.78 10.98 -7.84
CA GLY A 503 -2.13 9.73 -7.21
C GLY A 503 -2.57 9.86 -5.76
N ARG A 504 -2.01 9.00 -4.90
CA ARG A 504 -2.40 9.00 -3.49
C ARG A 504 -1.86 10.25 -2.78
N PHE A 505 -0.85 10.89 -3.39
CA PHE A 505 -0.33 12.13 -2.81
C PHE A 505 -1.37 13.25 -2.84
N SER A 506 -2.12 13.35 -3.93
CA SER A 506 -3.26 14.26 -4.00
C SER A 506 -4.36 13.84 -3.04
N MET A 507 -4.68 12.55 -3.02
CA MET A 507 -5.74 12.07 -2.13
C MET A 507 -5.42 12.35 -0.67
N ASP A 508 -4.12 12.38 -0.32
CA ASP A 508 -3.70 12.71 1.04
C ASP A 508 -3.68 14.23 1.28
N PHE A 509 -3.16 14.99 0.32
CA PHE A 509 -3.09 16.44 0.52
C PHE A 509 -4.46 17.10 0.65
N TYR A 510 -5.39 16.74 -0.23
CA TYR A 510 -6.71 17.37 -0.24
C TYR A 510 -7.67 16.75 0.79
N SER A 511 -7.15 15.91 1.67
CA SER A 511 -7.94 15.31 2.75
C SER A 511 -7.37 15.60 4.13
N ASP A 512 -8.28 15.69 5.11
CA ASP A 512 -7.90 15.49 6.50
C ASP A 512 -7.65 14.01 6.67
N ILE A 513 -6.44 13.63 7.09
CA ILE A 513 -6.20 12.27 7.51
C ILE A 513 -6.41 12.19 9.02
N ALA A 514 -7.47 11.50 9.45
CA ALA A 514 -7.77 11.45 10.86
C ALA A 514 -7.61 10.05 11.43
N ASN A 515 -7.06 9.98 12.63
CA ASN A 515 -6.80 8.73 13.31
C ASN A 515 -7.78 8.52 14.47
N ILE A 516 -8.44 7.37 14.50
CA ILE A 516 -9.39 7.08 15.56
C ILE A 516 -8.92 5.84 16.32
N CYS A 517 -8.70 6.01 17.61
CA CYS A 517 -8.12 4.96 18.42
C CYS A 517 -9.16 4.41 19.41
N ILE A 518 -9.51 3.13 19.25
CA ILE A 518 -10.53 2.51 20.08
C ILE A 518 -9.89 1.56 21.09
N LYS A 519 -10.02 1.87 22.39
CA LYS A 519 -9.60 0.92 23.41
C LYS A 519 -10.62 -0.22 23.50
N ILE A 520 -10.18 -1.47 23.49
CA ILE A 520 -11.13 -2.58 23.49
C ILE A 520 -11.25 -3.20 24.90
N PRO B 37 -39.67 -24.23 -25.91
CA PRO B 37 -39.64 -22.81 -26.31
C PRO B 37 -38.21 -22.30 -26.56
N SER B 38 -37.74 -21.43 -25.67
CA SER B 38 -36.42 -20.78 -25.78
C SER B 38 -35.23 -21.75 -25.87
N GLN B 39 -34.15 -21.29 -26.47
CA GLN B 39 -32.93 -22.12 -26.54
C GLN B 39 -31.66 -21.38 -26.07
N LEU B 40 -30.83 -22.09 -25.32
CA LEU B 40 -29.60 -21.50 -24.80
C LEU B 40 -28.37 -22.19 -25.39
N LEU B 41 -27.59 -21.42 -26.16
CA LEU B 41 -26.45 -21.97 -26.87
C LEU B 41 -25.15 -21.63 -26.16
N ASN B 42 -24.12 -22.41 -26.45
CA ASN B 42 -22.78 -22.05 -26.03
C ASN B 42 -22.30 -20.86 -26.84
N TYR B 43 -21.23 -20.21 -26.39
CA TYR B 43 -20.63 -19.11 -27.14
C TYR B 43 -19.12 -19.34 -27.18
N ILE B 44 -18.65 -19.76 -28.35
CA ILE B 44 -17.27 -20.18 -28.51
C ILE B 44 -16.63 -19.45 -29.68
N ASP B 45 -15.52 -18.78 -29.41
CA ASP B 45 -14.76 -18.08 -30.43
C ASP B 45 -15.61 -17.11 -31.25
N GLY B 46 -16.45 -16.35 -30.56
CA GLY B 46 -17.22 -15.32 -31.21
C GLY B 46 -18.52 -15.79 -31.85
N ASN B 47 -18.85 -17.06 -31.64
CA ASN B 47 -20.05 -17.64 -32.26
C ASN B 47 -20.93 -18.43 -31.30
N PHE B 48 -22.24 -18.21 -31.39
CA PHE B 48 -23.19 -19.05 -30.69
C PHE B 48 -23.30 -20.38 -31.42
N VAL B 49 -23.16 -21.48 -30.68
CA VAL B 49 -23.19 -22.80 -31.29
C VAL B 49 -24.06 -23.73 -30.47
N THR B 50 -24.62 -24.73 -31.13
CA THR B 50 -25.41 -25.75 -30.46
C THR B 50 -24.55 -26.95 -30.15
N SER B 51 -25.17 -28.02 -29.66
CA SER B 51 -24.48 -29.24 -29.29
C SER B 51 -25.29 -30.48 -29.64
N ALA B 52 -24.63 -31.63 -29.59
CA ALA B 52 -25.28 -32.93 -29.81
C ALA B 52 -26.30 -33.28 -28.74
N SER B 53 -26.15 -32.70 -27.55
CA SER B 53 -27.04 -32.99 -26.44
C SER B 53 -27.60 -31.72 -25.83
N SER B 54 -28.86 -31.79 -25.39
CA SER B 54 -29.47 -30.67 -24.69
C SER B 54 -30.11 -31.13 -23.38
N PHE B 55 -30.33 -30.17 -22.48
CA PHE B 55 -31.06 -30.46 -21.26
C PHE B 55 -32.06 -29.37 -20.96
N ALA B 56 -32.95 -29.64 -20.03
CA ALA B 56 -34.08 -28.76 -19.78
C ALA B 56 -33.80 -27.72 -18.69
N ASN B 57 -34.28 -26.51 -18.94
CA ASN B 57 -34.33 -25.43 -17.95
C ASN B 57 -35.76 -25.37 -17.39
N ILE B 58 -35.91 -25.55 -16.09
CA ILE B 58 -37.24 -25.67 -15.48
C ILE B 58 -37.56 -24.57 -14.49
N ASN B 59 -38.63 -23.83 -14.74
CA ASN B 59 -39.09 -22.82 -13.81
C ASN B 59 -39.51 -23.45 -12.47
N PRO B 60 -38.85 -23.08 -11.36
CA PRO B 60 -39.13 -23.70 -10.06
C PRO B 60 -40.45 -23.24 -9.43
N VAL B 61 -41.04 -22.18 -9.99
CA VAL B 61 -42.30 -21.66 -9.48
C VAL B 61 -43.45 -22.60 -9.83
N ASN B 62 -43.41 -23.16 -11.03
CA ASN B 62 -44.51 -23.96 -11.55
C ASN B 62 -44.11 -25.27 -12.22
N GLY B 63 -42.81 -25.52 -12.34
CA GLY B 63 -42.32 -26.74 -12.96
C GLY B 63 -42.36 -26.74 -14.48
N LYS B 64 -42.72 -25.61 -15.07
CA LYS B 64 -42.82 -25.52 -16.53
C LYS B 64 -41.44 -25.38 -17.19
N LEU B 65 -41.34 -25.91 -18.40
CA LEU B 65 -40.14 -25.77 -19.21
C LEU B 65 -39.91 -24.33 -19.66
N ILE B 66 -38.72 -23.80 -19.41
CA ILE B 66 -38.37 -22.44 -19.81
C ILE B 66 -37.62 -22.47 -21.14
N SER B 67 -36.63 -23.35 -21.22
CA SER B 67 -35.75 -23.40 -22.37
C SER B 67 -34.99 -24.70 -22.46
N ASP B 68 -34.42 -24.95 -23.64
CA ASP B 68 -33.49 -26.05 -23.85
C ASP B 68 -32.07 -25.50 -23.87
N VAL B 69 -31.16 -26.21 -23.21
CA VAL B 69 -29.81 -25.74 -23.02
C VAL B 69 -28.87 -26.77 -23.63
N PHE B 70 -28.06 -26.34 -24.58
CA PHE B 70 -27.11 -27.23 -25.24
C PHE B 70 -25.87 -27.52 -24.41
N GLU B 71 -25.67 -28.80 -24.09
CA GLU B 71 -24.52 -29.24 -23.31
C GLU B 71 -23.25 -29.35 -24.17
N ALA B 72 -22.23 -28.57 -23.83
CA ALA B 72 -20.95 -28.64 -24.54
C ALA B 72 -20.23 -29.95 -24.23
N ASP B 73 -19.69 -30.60 -25.26
CA ASP B 73 -18.90 -31.81 -25.01
C ASP B 73 -17.41 -31.50 -24.91
N ALA B 74 -16.61 -32.56 -24.76
CA ALA B 74 -15.16 -32.44 -24.65
C ALA B 74 -14.53 -31.67 -25.81
N LYS B 75 -14.95 -31.99 -27.03
CA LYS B 75 -14.42 -31.34 -28.21
C LYS B 75 -14.65 -29.83 -28.16
N GLN B 76 -15.84 -29.44 -27.72
CA GLN B 76 -16.22 -28.03 -27.69
C GLN B 76 -15.52 -27.26 -26.56
N VAL B 77 -15.29 -27.92 -25.43
CA VAL B 77 -14.53 -27.30 -24.36
C VAL B 77 -13.13 -27.03 -24.86
N ASN B 78 -12.54 -28.01 -25.54
CA ASN B 78 -11.22 -27.82 -26.09
C ASN B 78 -11.20 -26.65 -27.08
N GLU B 79 -12.23 -26.56 -27.90
CA GLU B 79 -12.34 -25.47 -28.85
C GLU B 79 -12.41 -24.11 -28.15
N ALA B 80 -13.10 -24.06 -27.02
CA ALA B 80 -13.17 -22.84 -26.22
C ALA B 80 -11.81 -22.43 -25.66
N VAL B 81 -11.14 -23.38 -25.00
CA VAL B 81 -9.83 -23.12 -24.40
C VAL B 81 -8.81 -22.65 -25.44
N VAL B 82 -8.75 -23.36 -26.57
CA VAL B 82 -7.82 -23.00 -27.64
C VAL B 82 -8.14 -21.61 -28.19
N ALA B 83 -9.41 -21.32 -28.37
CA ALA B 83 -9.80 -19.99 -28.84
C ALA B 83 -9.36 -18.92 -27.83
N ALA B 84 -9.50 -19.24 -26.55
CA ALA B 84 -9.12 -18.31 -25.49
C ALA B 84 -7.62 -18.08 -25.47
N GLN B 85 -6.85 -19.16 -25.68
CA GLN B 85 -5.40 -19.04 -25.81
C GLN B 85 -4.99 -18.14 -26.98
N ASN B 86 -5.59 -18.37 -28.14
CA ASN B 86 -5.29 -17.55 -29.31
C ASN B 86 -5.67 -16.09 -29.12
N ALA B 87 -6.77 -15.86 -28.40
CA ALA B 87 -7.27 -14.51 -28.17
C ALA B 87 -6.28 -13.65 -27.38
N LEU B 88 -5.48 -14.30 -26.54
CA LEU B 88 -4.45 -13.58 -25.78
C LEU B 88 -3.41 -12.95 -26.71
N LYS B 89 -3.23 -13.52 -27.90
CA LYS B 89 -2.25 -13.04 -28.88
C LYS B 89 -2.87 -12.10 -29.92
N GLY B 90 -4.20 -11.96 -29.88
CA GLY B 90 -4.89 -11.09 -30.80
C GLY B 90 -4.99 -9.67 -30.29
N PRO B 91 -5.91 -8.88 -30.86
CA PRO B 91 -6.11 -7.46 -30.51
C PRO B 91 -6.39 -7.24 -29.02
N TRP B 92 -7.07 -8.20 -28.38
CA TRP B 92 -7.34 -8.10 -26.95
C TRP B 92 -6.04 -7.89 -26.17
N GLY B 93 -5.04 -8.72 -26.48
CA GLY B 93 -3.74 -8.64 -25.85
C GLY B 93 -2.98 -7.34 -26.11
N LYS B 94 -3.47 -6.52 -27.02
CA LYS B 94 -2.73 -5.32 -27.41
C LYS B 94 -3.37 -4.03 -26.90
N LEU B 95 -4.54 -4.15 -26.27
CA LEU B 95 -5.22 -2.99 -25.72
C LEU B 95 -4.45 -2.43 -24.54
N SER B 96 -4.40 -1.11 -24.42
CA SER B 96 -3.89 -0.52 -23.21
C SER B 96 -4.84 -0.86 -22.06
N VAL B 97 -4.34 -0.72 -20.84
CA VAL B 97 -5.18 -0.86 -19.67
C VAL B 97 -6.38 0.09 -19.75
N GLN B 98 -6.17 1.31 -20.22
CA GLN B 98 -7.26 2.28 -20.30
C GLN B 98 -8.33 1.86 -21.31
N ASP B 99 -7.89 1.38 -22.47
CA ASP B 99 -8.82 0.93 -23.50
C ASP B 99 -9.54 -0.37 -23.13
N ARG B 100 -8.84 -1.23 -22.40
CA ARG B 100 -9.48 -2.44 -21.94
C ARG B 100 -10.53 -2.10 -20.88
N ALA B 101 -10.19 -1.16 -19.99
CA ALA B 101 -11.15 -0.68 -19.01
C ALA B 101 -12.39 -0.06 -19.65
N ALA B 102 -12.19 0.71 -20.72
CA ALA B 102 -13.30 1.38 -21.39
C ALA B 102 -14.28 0.37 -21.95
N LEU B 103 -13.73 -0.69 -22.55
CA LEU B 103 -14.51 -1.76 -23.14
C LEU B 103 -15.33 -2.50 -22.08
N ILE B 104 -14.74 -2.70 -20.92
CA ILE B 104 -15.44 -3.40 -19.84
C ILE B 104 -16.59 -2.55 -19.31
N HIS B 105 -16.36 -1.25 -19.19
CA HIS B 105 -17.47 -0.33 -18.95
C HIS B 105 -18.58 -0.38 -20.02
N LYS B 106 -18.20 -0.69 -21.25
CA LYS B 106 -19.18 -0.90 -22.32
C LYS B 106 -20.00 -2.16 -22.08
N ILE B 107 -19.38 -3.21 -21.56
CA ILE B 107 -20.09 -4.42 -21.16
C ILE B 107 -21.12 -4.11 -20.08
N ALA B 108 -20.70 -3.39 -19.03
CA ALA B 108 -21.63 -2.94 -18.00
C ALA B 108 -22.80 -2.10 -18.58
N ASP B 109 -22.47 -1.21 -19.51
CA ASP B 109 -23.44 -0.39 -20.22
C ASP B 109 -24.45 -1.26 -20.96
N GLY B 110 -23.96 -2.29 -21.64
CA GLY B 110 -24.82 -3.22 -22.36
C GLY B 110 -25.79 -3.97 -21.45
N ILE B 111 -25.35 -4.34 -20.25
CA ILE B 111 -26.23 -5.01 -19.31
C ILE B 111 -27.30 -4.03 -18.85
N GLN B 112 -26.87 -2.82 -18.48
CA GLN B 112 -27.79 -1.77 -18.07
C GLN B 112 -28.85 -1.51 -19.14
N ALA B 113 -28.43 -1.49 -20.40
CA ALA B 113 -29.32 -1.20 -21.51
C ALA B 113 -30.37 -2.30 -21.71
N ARG B 114 -30.13 -3.46 -21.12
CA ARG B 114 -31.04 -4.57 -21.25
C ARG B 114 -31.46 -5.03 -19.87
N PHE B 115 -31.44 -4.10 -18.93
CA PHE B 115 -31.67 -4.38 -17.53
C PHE B 115 -32.83 -5.36 -17.26
N GLU B 116 -34.02 -4.96 -17.68
CA GLU B 116 -35.23 -5.74 -17.42
C GLU B 116 -35.19 -7.14 -18.07
N GLU B 117 -34.53 -7.26 -19.22
CA GLU B 117 -34.27 -8.58 -19.82
C GLU B 117 -33.42 -9.45 -18.90
N PHE B 118 -32.41 -8.87 -18.26
CA PHE B 118 -31.61 -9.62 -17.29
C PHE B 118 -32.40 -9.98 -16.03
N VAL B 119 -33.22 -9.06 -15.56
CA VAL B 119 -34.06 -9.34 -14.39
C VAL B 119 -34.98 -10.53 -14.69
N ALA B 120 -35.57 -10.53 -15.88
CA ALA B 120 -36.52 -11.58 -16.26
C ALA B 120 -35.84 -12.94 -16.31
N ALA B 121 -34.61 -12.96 -16.82
CA ALA B 121 -33.81 -14.17 -16.91
C ALA B 121 -33.39 -14.78 -15.57
N GLU B 122 -32.96 -13.95 -14.60
CA GLU B 122 -32.58 -14.48 -13.28
C GLU B 122 -33.84 -15.02 -12.59
N VAL B 123 -34.92 -14.26 -12.68
CA VAL B 123 -36.18 -14.65 -12.07
C VAL B 123 -36.75 -15.95 -12.64
N ALA B 124 -36.77 -16.06 -13.96
CA ALA B 124 -37.34 -17.24 -14.60
C ALA B 124 -36.60 -18.49 -14.15
N ASP B 125 -35.26 -18.43 -14.17
CA ASP B 125 -34.41 -19.55 -13.75
C ASP B 125 -34.56 -19.95 -12.27
N THR B 126 -34.78 -18.98 -11.40
CA THR B 126 -34.58 -19.25 -9.99
C THR B 126 -35.82 -19.06 -9.13
N GLY B 127 -36.80 -18.31 -9.63
CA GLY B 127 -37.99 -17.96 -8.87
C GLY B 127 -37.76 -16.88 -7.82
N ARG B 128 -36.62 -16.20 -7.89
CA ARG B 128 -36.33 -15.18 -6.88
C ARG B 128 -37.29 -14.02 -7.07
N PRO B 129 -37.66 -13.35 -5.97
CA PRO B 129 -38.56 -12.19 -6.05
C PRO B 129 -38.01 -11.16 -7.03
N VAL B 130 -38.89 -10.56 -7.83
CA VAL B 130 -38.43 -9.61 -8.84
C VAL B 130 -37.71 -8.43 -8.20
N HIS B 131 -38.19 -8.00 -7.03
CA HIS B 131 -37.56 -6.88 -6.31
CA HIS B 131 -37.54 -6.87 -6.35
C HIS B 131 -36.10 -7.18 -5.92
N GLN B 132 -35.83 -8.42 -5.54
CA GLN B 132 -34.46 -8.84 -5.21
C GLN B 132 -33.56 -8.75 -6.45
N ALA B 133 -34.06 -9.27 -7.57
CA ALA B 133 -33.33 -9.21 -8.83
C ALA B 133 -33.04 -7.78 -9.26
N ARG B 134 -34.03 -6.90 -9.08
CA ARG B 134 -33.93 -5.51 -9.53
C ARG B 134 -33.01 -4.69 -8.66
N THR B 135 -32.91 -5.04 -7.38
CA THR B 135 -32.12 -4.24 -6.45
C THR B 135 -30.76 -4.86 -6.03
N LEU B 136 -30.68 -6.18 -6.01
CA LEU B 136 -29.45 -6.86 -5.62
C LEU B 136 -28.75 -7.49 -6.81
N ASP B 137 -29.36 -8.53 -7.38
CA ASP B 137 -28.71 -9.35 -8.39
C ASP B 137 -28.16 -8.58 -9.60
N ILE B 138 -29.02 -7.92 -10.34
CA ILE B 138 -28.57 -7.29 -11.57
C ILE B 138 -27.65 -6.06 -11.36
N PRO B 139 -28.03 -5.16 -10.46
CA PRO B 139 -27.11 -4.02 -10.22
C PRO B 139 -25.72 -4.44 -9.73
N ARG B 140 -25.62 -5.41 -8.82
CA ARG B 140 -24.32 -5.92 -8.37
C ARG B 140 -23.49 -6.48 -9.50
N ALA B 141 -24.13 -7.22 -10.41
CA ALA B 141 -23.39 -7.78 -11.54
C ALA B 141 -22.83 -6.69 -12.44
N ILE B 142 -23.55 -5.59 -12.56
CA ILE B 142 -23.07 -4.46 -13.37
C ILE B 142 -21.93 -3.78 -12.61
N ALA B 143 -22.09 -3.65 -11.29
CA ALA B 143 -21.09 -3.03 -10.42
C ALA B 143 -19.79 -3.83 -10.39
N ASN B 144 -19.90 -5.15 -10.55
CA ASN B 144 -18.73 -6.01 -10.64
C ASN B 144 -17.83 -5.55 -11.79
N PHE B 145 -18.41 -5.36 -12.97
CA PHE B 145 -17.62 -4.97 -14.14
C PHE B 145 -17.04 -3.59 -13.99
N ARG B 146 -17.86 -2.67 -13.46
CA ARG B 146 -17.42 -1.29 -13.30
C ARG B 146 -16.31 -1.18 -12.25
N THR B 147 -16.45 -1.92 -11.15
CA THR B 147 -15.47 -1.83 -10.09
C THR B 147 -14.11 -2.33 -10.55
N PHE B 148 -14.10 -3.47 -11.22
CA PHE B 148 -12.83 -4.06 -11.58
C PHE B 148 -12.19 -3.38 -12.79
N ALA B 149 -13.01 -2.81 -13.65
CA ALA B 149 -12.49 -1.94 -14.71
C ALA B 149 -11.77 -0.76 -14.06
N ASP B 150 -12.38 -0.14 -13.06
CA ASP B 150 -11.73 0.99 -12.36
C ASP B 150 -10.44 0.58 -11.63
N LEU B 151 -10.49 -0.51 -10.88
CA LEU B 151 -9.32 -1.06 -10.21
C LEU B 151 -8.18 -1.28 -11.19
N ALA B 152 -8.51 -1.77 -12.37
CA ALA B 152 -7.52 -2.04 -13.41
C ALA B 152 -6.78 -0.78 -13.82
N LYS B 153 -7.50 0.33 -13.85
CA LYS B 153 -6.95 1.62 -14.24
C LYS B 153 -6.08 2.20 -13.11
N THR B 154 -6.48 2.02 -11.87
CA THR B 154 -5.73 2.64 -10.80
C THR B 154 -4.58 1.80 -10.28
N SER B 155 -4.60 0.49 -10.50
CA SER B 155 -3.65 -0.40 -9.85
C SER B 155 -2.23 -0.13 -10.31
N HIS B 156 -1.26 -0.27 -9.40
CA HIS B 156 0.15 -0.25 -9.81
C HIS B 156 0.92 -1.32 -9.05
N THR B 157 2.24 -1.35 -9.23
CA THR B 157 3.06 -2.38 -8.62
C THR B 157 4.24 -1.75 -7.87
N ASP B 158 5.28 -2.55 -7.60
CA ASP B 158 6.24 -2.20 -6.57
C ASP B 158 7.66 -1.95 -7.07
N LEU B 159 8.38 -1.09 -6.37
CA LEU B 159 9.78 -0.84 -6.68
C LEU B 159 10.61 -1.08 -5.43
N PHE B 160 11.60 -1.96 -5.53
CA PHE B 160 12.52 -2.25 -4.42
C PHE B 160 13.93 -1.92 -4.87
N GLU B 161 14.59 -0.97 -4.20
CA GLU B 161 16.03 -0.74 -4.44
C GLU B 161 16.86 -1.65 -3.53
N MET B 162 18.01 -2.10 -4.02
CA MET B 162 18.90 -2.85 -3.16
C MET B 162 20.37 -2.54 -3.35
N SER B 163 21.13 -2.72 -2.28
CA SER B 163 22.57 -2.54 -2.34
C SER B 163 23.26 -3.80 -2.85
N THR B 164 24.41 -3.63 -3.47
CA THR B 164 25.19 -4.77 -3.95
C THR B 164 26.63 -4.62 -3.48
N SER B 165 27.41 -5.70 -3.59
CA SER B 165 28.80 -5.72 -3.16
C SER B 165 29.64 -4.64 -3.81
N ASP B 166 29.46 -4.46 -5.11
CA ASP B 166 30.28 -3.51 -5.87
C ASP B 166 29.87 -2.06 -5.64
N GLY B 167 28.74 -1.87 -4.96
CA GLY B 167 28.30 -0.53 -4.61
C GLY B 167 27.53 0.22 -5.69
N SER B 168 27.13 -0.47 -6.75
CA SER B 168 26.35 0.19 -7.81
C SER B 168 24.87 -0.07 -7.59
N GLY B 169 24.58 -1.16 -6.89
CA GLY B 169 23.21 -1.47 -6.54
C GLY B 169 22.43 -2.17 -7.64
N ALA B 170 21.15 -2.36 -7.37
CA ALA B 170 20.23 -3.04 -8.27
C ALA B 170 18.82 -2.53 -8.01
N LEU B 171 17.93 -2.76 -8.99
CA LEU B 171 16.53 -2.39 -8.88
C LEU B 171 15.67 -3.59 -9.19
N ASN B 172 14.75 -3.91 -8.28
CA ASN B 172 13.73 -4.92 -8.53
C ASN B 172 12.42 -4.22 -8.72
N TYR B 173 11.76 -4.46 -9.86
CA TYR B 173 10.39 -3.98 -10.02
C TYR B 173 9.46 -5.09 -10.42
N THR B 174 8.21 -4.97 -10.00
CA THR B 174 7.23 -5.97 -10.34
C THR B 174 6.25 -5.46 -11.35
N VAL B 175 5.69 -6.38 -12.13
CA VAL B 175 4.61 -6.05 -13.04
C VAL B 175 3.47 -7.07 -12.93
N ARG B 176 2.28 -6.63 -13.32
CA ARG B 176 1.13 -7.52 -13.43
C ARG B 176 0.94 -7.82 -14.89
N LYS B 177 0.93 -9.10 -15.22
CA LYS B 177 0.59 -9.51 -16.58
C LYS B 177 -0.66 -10.39 -16.50
N PRO B 178 -1.36 -10.59 -17.63
CA PRO B 178 -2.46 -11.56 -17.57
C PRO B 178 -1.92 -12.95 -17.21
N LEU B 179 -2.65 -13.67 -16.38
CA LEU B 179 -2.30 -15.04 -16.03
C LEU B 179 -2.39 -15.97 -17.24
N GLY B 180 -3.40 -15.76 -18.08
CA GLY B 180 -3.67 -16.64 -19.21
C GLY B 180 -5.16 -16.86 -19.46
N VAL B 181 -5.53 -18.11 -19.72
CA VAL B 181 -6.92 -18.48 -19.82
C VAL B 181 -7.47 -18.89 -18.45
N ILE B 182 -8.52 -18.22 -18.01
CA ILE B 182 -9.12 -18.50 -16.72
C ILE B 182 -10.38 -19.34 -16.90
N GLY B 183 -10.47 -20.45 -16.19
CA GLY B 183 -11.69 -21.25 -16.19
C GLY B 183 -12.56 -20.83 -15.01
N VAL B 184 -13.81 -20.52 -15.30
CA VAL B 184 -14.75 -20.07 -14.28
C VAL B 184 -15.90 -21.06 -14.21
N ILE B 185 -16.18 -21.56 -13.01
CA ILE B 185 -17.29 -22.48 -12.80
C ILE B 185 -18.13 -21.96 -11.64
N SER B 186 -19.39 -21.64 -11.89
CA SER B 186 -20.20 -20.91 -10.93
C SER B 186 -21.49 -21.66 -10.48
N PRO B 187 -22.08 -21.26 -9.34
CA PRO B 187 -23.27 -21.92 -8.79
C PRO B 187 -24.58 -21.19 -9.12
N TRP B 188 -25.68 -21.64 -8.56
CA TRP B 188 -26.99 -21.17 -8.97
C TRP B 188 -27.64 -20.23 -7.96
N ASP B 189 -27.01 -20.00 -6.81
CA ASP B 189 -27.69 -19.23 -5.76
C ASP B 189 -27.80 -17.73 -6.06
N LEU B 190 -26.75 -17.16 -6.65
CA LEU B 190 -26.78 -15.79 -7.13
C LEU B 190 -26.12 -15.80 -8.52
N PRO B 191 -26.87 -16.28 -9.53
CA PRO B 191 -26.26 -16.69 -10.81
C PRO B 191 -25.39 -15.62 -11.48
N LEU B 192 -25.97 -14.49 -11.88
CA LEU B 192 -25.19 -13.49 -12.59
C LEU B 192 -24.20 -12.76 -11.69
N LEU B 193 -24.60 -12.49 -10.45
CA LEU B 193 -23.72 -11.83 -9.49
C LEU B 193 -22.41 -12.62 -9.31
N LEU B 194 -22.51 -13.91 -9.00
CA LEU B 194 -21.32 -14.71 -8.74
C LEU B 194 -20.50 -15.03 -10.00
N PHE B 195 -21.19 -15.11 -11.12
CA PHE B 195 -20.57 -15.34 -12.42
C PHE B 195 -19.69 -14.15 -12.81
N THR B 196 -20.27 -12.95 -12.71
CA THR B 196 -19.54 -11.74 -13.09
C THR B 196 -18.49 -11.37 -12.04
N TRP B 197 -18.69 -11.85 -10.82
CA TRP B 197 -17.72 -11.64 -9.76
C TRP B 197 -16.37 -12.27 -10.14
N LYS B 198 -16.40 -13.33 -10.94
CA LYS B 198 -15.18 -13.98 -11.44
C LYS B 198 -14.75 -13.43 -12.80
N VAL B 199 -15.73 -13.30 -13.70
CA VAL B 199 -15.50 -12.88 -15.09
C VAL B 199 -15.01 -11.43 -15.19
N ALA B 200 -15.53 -10.55 -14.35
CA ALA B 200 -15.09 -9.15 -14.40
C ALA B 200 -13.60 -8.92 -14.03
N PRO B 201 -13.13 -9.49 -12.91
CA PRO B 201 -11.69 -9.26 -12.65
C PRO B 201 -10.79 -10.04 -13.60
N ALA B 202 -11.29 -11.17 -14.12
CA ALA B 202 -10.50 -11.95 -15.07
C ALA B 202 -10.22 -11.11 -16.29
N LEU B 203 -11.29 -10.55 -16.86
CA LEU B 203 -11.16 -9.69 -18.03
C LEU B 203 -10.43 -8.39 -17.68
N ALA B 204 -10.68 -7.83 -16.50
CA ALA B 204 -9.99 -6.59 -16.11
C ALA B 204 -8.47 -6.73 -16.07
N CYS B 205 -7.99 -7.93 -15.80
CA CYS B 205 -6.56 -8.22 -15.70
C CYS B 205 -5.97 -8.66 -17.03
N GLY B 206 -6.81 -8.62 -18.06
CA GLY B 206 -6.37 -8.90 -19.42
C GLY B 206 -6.39 -10.38 -19.79
N ASN B 207 -6.98 -11.21 -18.93
CA ASN B 207 -7.12 -12.63 -19.25
C ASN B 207 -8.19 -12.88 -20.30
N THR B 208 -8.25 -14.11 -20.79
CA THR B 208 -9.39 -14.55 -21.58
C THR B 208 -10.09 -15.62 -20.73
N VAL B 209 -11.31 -15.97 -21.09
CA VAL B 209 -12.17 -16.67 -20.16
C VAL B 209 -12.95 -17.80 -20.84
N VAL B 210 -13.01 -18.95 -20.16
CA VAL B 210 -13.96 -20.00 -20.50
C VAL B 210 -14.81 -20.26 -19.26
N ALA B 211 -16.11 -20.00 -19.38
CA ALA B 211 -16.97 -19.95 -18.21
C ALA B 211 -18.16 -20.90 -18.34
N LYS B 212 -18.41 -21.64 -17.27
CA LYS B 212 -19.44 -22.67 -17.22
C LYS B 212 -20.40 -22.35 -16.07
N PRO B 213 -21.58 -21.78 -16.37
CA PRO B 213 -22.53 -21.49 -15.27
C PRO B 213 -23.29 -22.73 -14.86
N SER B 214 -23.97 -22.64 -13.71
CA SER B 214 -24.78 -23.73 -13.20
C SER B 214 -25.83 -24.14 -14.20
N GLU B 215 -25.98 -25.45 -14.35
CA GLU B 215 -27.02 -26.03 -15.16
C GLU B 215 -28.40 -25.60 -14.66
N GLU B 216 -28.50 -25.22 -13.39
CA GLU B 216 -29.77 -24.79 -12.82
C GLU B 216 -30.07 -23.35 -13.20
N SER B 217 -29.08 -22.60 -13.66
CA SER B 217 -29.36 -21.20 -13.96
C SER B 217 -28.52 -20.65 -15.11
N PRO B 218 -28.77 -21.15 -16.33
CA PRO B 218 -27.92 -20.84 -17.46
C PRO B 218 -28.28 -19.54 -18.18
N SER B 219 -29.43 -18.96 -17.85
CA SER B 219 -30.00 -17.89 -18.68
C SER B 219 -29.25 -16.57 -18.70
N SER B 220 -28.95 -16.00 -17.53
CA SER B 220 -28.41 -14.63 -17.51
C SER B 220 -27.00 -14.62 -18.07
N ALA B 221 -26.28 -15.72 -17.86
CA ALA B 221 -24.97 -15.91 -18.47
C ALA B 221 -25.05 -15.93 -19.99
N THR B 222 -26.09 -16.56 -20.53
CA THR B 222 -26.25 -16.57 -21.98
C THR B 222 -26.49 -15.14 -22.50
N LEU B 223 -27.34 -14.39 -21.82
CA LEU B 223 -27.58 -12.99 -22.18
C LEU B 223 -26.30 -12.14 -22.10
N LEU B 224 -25.47 -12.45 -21.11
CA LEU B 224 -24.18 -11.77 -20.98
C LEU B 224 -23.30 -12.04 -22.20
N ALA B 225 -23.35 -13.28 -22.69
CA ALA B 225 -22.63 -13.59 -23.93
C ALA B 225 -23.12 -12.69 -25.08
N GLU B 226 -24.42 -12.48 -25.17
CA GLU B 226 -24.96 -11.57 -26.18
C GLU B 226 -24.43 -10.15 -26.01
N VAL B 227 -24.40 -9.66 -24.77
CA VAL B 227 -23.90 -8.32 -24.50
C VAL B 227 -22.43 -8.18 -24.93
N MET B 228 -21.61 -9.18 -24.60
CA MET B 228 -20.20 -9.21 -24.98
C MET B 228 -20.06 -9.13 -26.50
N HIS B 229 -20.82 -9.97 -27.19
CA HIS B 229 -20.81 -9.98 -28.64
C HIS B 229 -21.18 -8.61 -29.19
N ASP B 230 -22.27 -8.04 -28.69
CA ASP B 230 -22.73 -6.75 -29.19
C ASP B 230 -21.77 -5.62 -28.83
N ALA B 231 -21.07 -5.76 -27.70
CA ALA B 231 -20.14 -4.71 -27.28
C ALA B 231 -18.82 -4.75 -28.05
N GLY B 232 -18.64 -5.77 -28.87
CA GLY B 232 -17.46 -5.87 -29.70
C GLY B 232 -16.27 -6.54 -29.03
N VAL B 233 -16.53 -7.30 -27.97
CA VAL B 233 -15.46 -8.08 -27.34
C VAL B 233 -14.90 -9.09 -28.35
N PRO B 234 -13.59 -9.00 -28.64
CA PRO B 234 -12.95 -9.85 -29.66
C PRO B 234 -13.19 -11.34 -29.42
N PRO B 235 -13.28 -12.11 -30.52
CA PRO B 235 -13.60 -13.54 -30.46
C PRO B 235 -12.57 -14.35 -29.69
N GLY B 236 -13.05 -15.22 -28.80
CA GLY B 236 -12.18 -16.05 -27.98
C GLY B 236 -11.90 -15.45 -26.61
N VAL B 237 -12.14 -14.16 -26.45
CA VAL B 237 -11.89 -13.50 -25.17
C VAL B 237 -12.85 -14.00 -24.08
N PHE B 238 -14.12 -14.10 -24.43
CA PHE B 238 -15.11 -14.65 -23.51
C PHE B 238 -15.83 -15.84 -24.14
N ASN B 239 -15.72 -17.01 -23.51
CA ASN B 239 -16.42 -18.17 -24.04
C ASN B 239 -17.33 -18.80 -22.99
N LEU B 240 -18.54 -19.14 -23.42
CA LEU B 240 -19.56 -19.68 -22.55
C LEU B 240 -19.86 -21.13 -22.92
N ILE B 241 -19.68 -22.04 -21.97
CA ILE B 241 -19.99 -23.44 -22.18
C ILE B 241 -21.06 -23.88 -21.19
N HIS B 242 -22.10 -24.54 -21.69
CA HIS B 242 -23.12 -25.08 -20.79
C HIS B 242 -22.91 -26.55 -20.46
N GLY B 243 -23.43 -26.97 -19.31
CA GLY B 243 -23.39 -28.36 -18.94
C GLY B 243 -23.42 -28.62 -17.45
N PHE B 244 -23.10 -29.86 -17.09
CA PHE B 244 -23.08 -30.27 -15.71
C PHE B 244 -21.63 -30.34 -15.22
N GLY B 245 -21.39 -31.05 -14.14
CA GLY B 245 -20.05 -31.17 -13.61
C GLY B 245 -19.32 -32.42 -14.05
N LYS B 246 -19.47 -33.48 -13.25
CA LYS B 246 -18.93 -34.80 -13.57
C LYS B 246 -19.32 -35.23 -14.98
N ASP B 247 -18.33 -35.70 -15.74
CA ASP B 247 -18.53 -36.19 -17.11
C ASP B 247 -19.26 -35.21 -18.03
N SER B 248 -19.05 -33.92 -17.79
CA SER B 248 -19.65 -32.90 -18.63
C SER B 248 -18.69 -31.71 -18.68
N ALA B 249 -19.17 -30.60 -19.22
CA ALA B 249 -18.36 -29.42 -19.49
C ALA B 249 -17.53 -28.94 -18.29
N GLY B 250 -18.09 -29.05 -17.10
CA GLY B 250 -17.41 -28.60 -15.90
C GLY B 250 -16.15 -29.39 -15.66
N GLU B 251 -16.31 -30.72 -15.59
CA GLU B 251 -15.16 -31.60 -15.47
C GLU B 251 -14.16 -31.40 -16.59
N PHE B 252 -14.63 -31.39 -17.84
CA PHE B 252 -13.73 -31.24 -18.99
C PHE B 252 -12.90 -29.96 -18.87
N LEU B 253 -13.51 -28.91 -18.37
CA LEU B 253 -12.82 -27.63 -18.24
C LEU B 253 -11.68 -27.76 -17.25
N THR B 254 -11.97 -28.33 -16.08
CA THR B 254 -10.96 -28.47 -15.04
C THR B 254 -9.82 -29.38 -15.46
N GLN B 255 -10.06 -30.19 -16.49
CA GLN B 255 -9.07 -31.17 -16.94
C GLN B 255 -8.19 -30.68 -18.08
N HIS B 256 -8.59 -29.57 -18.68
CA HIS B 256 -7.89 -29.09 -19.87
C HIS B 256 -6.55 -28.48 -19.49
N PRO B 257 -5.48 -28.95 -20.16
CA PRO B 257 -4.11 -28.49 -19.88
C PRO B 257 -3.90 -27.06 -20.31
N GLY B 258 -4.85 -26.52 -21.06
CA GLY B 258 -4.71 -25.20 -21.66
C GLY B 258 -5.08 -24.02 -20.78
N ILE B 259 -5.75 -24.28 -19.65
CA ILE B 259 -6.11 -23.18 -18.76
C ILE B 259 -4.93 -22.82 -17.85
N SER B 260 -4.97 -21.61 -17.30
CA SER B 260 -3.92 -21.19 -16.38
C SER B 260 -4.40 -21.20 -14.92
N ALA B 261 -5.71 -21.05 -14.73
CA ALA B 261 -6.29 -21.01 -13.41
C ALA B 261 -7.71 -21.56 -13.44
N LEU B 262 -8.17 -22.01 -12.28
CA LEU B 262 -9.55 -22.43 -12.10
C LEU B 262 -10.12 -21.69 -10.90
N THR B 263 -11.00 -20.74 -11.16
CA THR B 263 -11.71 -20.08 -10.07
C THR B 263 -13.11 -20.67 -9.95
N PHE B 264 -13.50 -20.96 -8.72
CA PHE B 264 -14.66 -21.79 -8.48
C PHE B 264 -15.44 -21.32 -7.25
N THR B 265 -16.76 -21.49 -7.31
CA THR B 265 -17.66 -21.21 -6.22
C THR B 265 -18.72 -22.32 -6.20
N GLY B 266 -18.92 -22.95 -5.03
CA GLY B 266 -19.77 -24.13 -4.96
C GLY B 266 -19.58 -24.95 -3.68
N GLU B 267 -20.11 -26.17 -3.66
CA GLU B 267 -19.98 -27.05 -2.49
C GLU B 267 -18.53 -27.39 -2.20
N SER B 268 -18.23 -27.72 -0.93
CA SER B 268 -16.86 -28.01 -0.51
C SER B 268 -16.31 -29.26 -1.17
N LYS B 269 -17.15 -30.30 -1.25
CA LYS B 269 -16.83 -31.54 -1.94
C LYS B 269 -16.36 -31.30 -3.38
N THR B 270 -17.11 -30.50 -4.12
CA THR B 270 -16.74 -30.14 -5.47
C THR B 270 -15.37 -29.44 -5.48
N GLY B 271 -15.16 -28.52 -4.54
CA GLY B 271 -13.87 -27.86 -4.38
C GLY B 271 -12.71 -28.84 -4.35
N SER B 272 -12.81 -29.87 -3.52
CA SER B 272 -11.78 -30.90 -3.38
C SER B 272 -11.57 -31.68 -4.66
N THR B 273 -12.67 -32.05 -5.30
CA THR B 273 -12.62 -32.80 -6.56
C THR B 273 -11.86 -32.00 -7.61
N ILE B 274 -12.18 -30.72 -7.74
CA ILE B 274 -11.51 -29.84 -8.71
C ILE B 274 -10.05 -29.62 -8.35
N MET B 275 -9.74 -29.51 -7.06
CA MET B 275 -8.36 -29.33 -6.63
C MET B 275 -7.49 -30.52 -7.05
N LYS B 276 -8.04 -31.72 -6.96
CA LYS B 276 -7.33 -32.91 -7.44
C LYS B 276 -7.17 -32.85 -8.95
N ALA B 277 -8.22 -32.38 -9.62
CA ALA B 277 -8.29 -32.37 -11.07
C ALA B 277 -7.23 -31.48 -11.74
N VAL B 278 -6.86 -30.36 -11.12
CA VAL B 278 -5.87 -29.46 -11.72
C VAL B 278 -4.46 -29.69 -11.17
N ALA B 279 -4.34 -30.63 -10.24
CA ALA B 279 -3.09 -30.87 -9.52
C ALA B 279 -1.91 -31.19 -10.45
N ASP B 280 -2.15 -32.04 -11.43
CA ASP B 280 -1.09 -32.38 -12.39
C ASP B 280 -0.56 -31.18 -13.17
N GLY B 281 -1.42 -30.22 -13.48
CA GLY B 281 -0.98 -29.02 -14.19
C GLY B 281 -0.50 -27.90 -13.28
N VAL B 282 -0.55 -28.14 -11.96
CA VAL B 282 -0.33 -27.11 -10.93
C VAL B 282 -1.03 -25.77 -11.23
N LYS B 283 -2.31 -25.84 -11.61
CA LYS B 283 -3.03 -24.61 -12.00
C LYS B 283 -3.32 -23.75 -10.77
N GLU B 284 -3.36 -22.44 -10.96
CA GLU B 284 -3.73 -21.57 -9.85
C GLU B 284 -5.20 -21.83 -9.49
N VAL B 285 -5.50 -21.78 -8.20
CA VAL B 285 -6.84 -22.07 -7.75
C VAL B 285 -7.35 -21.05 -6.74
N SER B 286 -8.64 -20.75 -6.85
CA SER B 286 -9.33 -19.88 -5.92
C SER B 286 -10.72 -20.50 -5.68
N PHE B 287 -11.01 -20.84 -4.43
CA PHE B 287 -12.28 -21.52 -4.08
C PHE B 287 -13.05 -20.81 -2.99
N GLU B 288 -14.33 -20.60 -3.25
CA GLU B 288 -15.27 -20.13 -2.24
C GLU B 288 -16.28 -21.25 -2.09
N LEU B 289 -16.30 -21.87 -0.91
CA LEU B 289 -17.00 -23.14 -0.75
C LEU B 289 -18.14 -23.05 0.26
N GLY B 290 -18.51 -24.17 0.87
CA GLY B 290 -19.69 -24.20 1.71
C GLY B 290 -19.57 -23.45 3.03
N GLY B 291 -20.67 -23.38 3.76
CA GLY B 291 -20.61 -22.79 5.07
C GLY B 291 -21.74 -23.32 5.93
N LYS B 292 -21.60 -23.17 7.23
CA LYS B 292 -22.73 -23.40 8.13
C LYS B 292 -22.67 -22.25 9.10
N ASN B 293 -23.12 -21.09 8.63
CA ASN B 293 -22.90 -19.85 9.35
C ASN B 293 -23.81 -19.67 10.54
N ALA B 294 -23.26 -19.00 11.53
CA ALA B 294 -23.96 -18.73 12.76
C ALA B 294 -24.32 -17.25 12.85
N ALA B 295 -25.40 -16.96 13.57
CA ALA B 295 -25.68 -15.61 14.03
C ALA B 295 -25.66 -15.65 15.54
N VAL B 296 -25.11 -14.61 16.18
CA VAL B 296 -25.06 -14.56 17.63
C VAL B 296 -25.79 -13.31 18.13
N VAL B 297 -26.77 -13.49 19.01
CA VAL B 297 -27.49 -12.37 19.60
C VAL B 297 -27.15 -12.24 21.09
N PHE B 298 -26.39 -11.20 21.42
CA PHE B 298 -26.03 -10.96 22.80
C PHE B 298 -27.16 -10.25 23.55
N ALA B 299 -27.07 -10.29 24.88
CA ALA B 299 -28.14 -9.75 25.72
C ALA B 299 -28.36 -8.25 25.50
N ASP B 300 -27.29 -7.51 25.18
CA ASP B 300 -27.41 -6.08 24.93
C ASP B 300 -27.73 -5.71 23.48
N ALA B 301 -28.15 -6.68 22.67
CA ALA B 301 -28.56 -6.37 21.30
C ALA B 301 -29.83 -5.50 21.25
N ASP B 302 -29.99 -4.75 20.17
CA ASP B 302 -31.30 -4.17 19.83
C ASP B 302 -32.14 -5.36 19.40
N LEU B 303 -33.02 -5.83 20.28
CA LEU B 303 -33.73 -7.10 20.06
C LEU B 303 -34.59 -7.14 18.80
N ASP B 304 -35.42 -6.11 18.58
CA ASP B 304 -36.25 -6.06 17.38
C ASP B 304 -35.40 -6.07 16.10
N ALA B 305 -34.29 -5.33 16.13
CA ALA B 305 -33.37 -5.29 14.99
C ALA B 305 -32.71 -6.64 14.77
N ALA B 306 -32.34 -7.32 15.85
CA ALA B 306 -31.71 -8.62 15.72
C ALA B 306 -32.68 -9.62 15.12
N ILE B 307 -33.94 -9.55 15.56
CA ILE B 307 -34.98 -10.44 15.03
C ILE B 307 -35.17 -10.21 13.52
N GLU B 308 -35.24 -8.93 13.15
CA GLU B 308 -35.31 -8.55 11.75
C GLU B 308 -34.08 -9.05 10.95
N GLY B 309 -32.89 -8.85 11.51
CA GLY B 309 -31.66 -9.24 10.82
C GLY B 309 -31.52 -10.76 10.65
N VAL B 310 -31.84 -11.51 11.69
CA VAL B 310 -31.76 -12.96 11.62
C VAL B 310 -32.83 -13.52 10.69
N LEU B 311 -33.98 -12.86 10.65
CA LEU B 311 -35.04 -13.17 9.69
C LEU B 311 -34.51 -13.03 8.27
N ARG B 312 -33.83 -11.92 8.01
CA ARG B 312 -33.27 -11.72 6.68
C ARG B 312 -32.16 -12.73 6.41
N SER B 313 -31.28 -12.94 7.39
CA SER B 313 -30.11 -13.79 7.13
C SER B 313 -30.44 -15.27 7.00
N SER B 314 -31.62 -15.68 7.48
CA SER B 314 -32.01 -17.09 7.42
C SER B 314 -32.88 -17.41 6.23
N PHE B 315 -33.68 -16.44 5.78
CA PHE B 315 -34.72 -16.73 4.80
C PHE B 315 -34.60 -15.98 3.46
N THR B 316 -33.69 -15.00 3.37
CA THR B 316 -33.45 -14.34 2.08
C THR B 316 -33.09 -15.38 1.02
N ASN B 317 -33.58 -15.18 -0.20
CA ASN B 317 -33.47 -16.18 -1.27
C ASN B 317 -33.92 -17.58 -0.83
N SER B 318 -34.87 -17.62 0.11
CA SER B 318 -35.37 -18.87 0.70
C SER B 318 -34.23 -19.69 1.27
N GLY B 319 -33.33 -19.00 1.96
CA GLY B 319 -32.22 -19.62 2.66
C GLY B 319 -31.14 -20.16 1.75
N GLN B 320 -31.25 -19.89 0.45
CA GLN B 320 -30.27 -20.42 -0.49
C GLN B 320 -29.21 -19.39 -0.86
N VAL B 321 -28.52 -18.86 0.12
CA VAL B 321 -27.29 -18.12 -0.15
C VAL B 321 -26.23 -18.72 0.74
N CYS B 322 -24.98 -18.73 0.28
CA CYS B 322 -23.91 -19.33 1.04
C CYS B 322 -23.69 -18.57 2.33
N LEU B 323 -24.04 -17.28 2.31
CA LEU B 323 -23.89 -16.40 3.47
C LEU B 323 -25.03 -16.52 4.52
N CYS B 324 -26.07 -17.30 4.23
CA CYS B 324 -27.19 -17.43 5.17
C CYS B 324 -26.79 -18.05 6.51
N SER B 325 -27.42 -17.60 7.59
CA SER B 325 -27.30 -18.22 8.90
C SER B 325 -28.24 -19.40 8.98
N GLU B 326 -27.74 -20.51 9.52
CA GLU B 326 -28.56 -21.68 9.75
C GLU B 326 -28.42 -22.15 11.18
N ARG B 327 -27.47 -21.56 11.91
CA ARG B 327 -27.32 -21.79 13.35
C ARG B 327 -27.43 -20.45 14.04
N VAL B 328 -28.22 -20.37 15.10
CA VAL B 328 -28.35 -19.12 15.82
C VAL B 328 -28.18 -19.32 17.31
N TYR B 329 -27.42 -18.44 17.94
CA TYR B 329 -27.18 -18.54 19.36
C TYR B 329 -27.67 -17.26 20.00
N VAL B 330 -28.55 -17.39 21.00
CA VAL B 330 -29.13 -16.23 21.67
C VAL B 330 -28.91 -16.33 23.16
N HIS B 331 -28.50 -15.22 23.77
CA HIS B 331 -28.27 -15.25 25.20
C HIS B 331 -29.53 -15.71 25.96
N ARG B 332 -29.32 -16.54 26.97
CA ARG B 332 -30.41 -17.20 27.69
C ARG B 332 -31.48 -16.20 28.15
N SER B 333 -31.03 -15.09 28.72
CA SER B 333 -31.92 -14.06 29.24
C SER B 333 -32.94 -13.51 28.23
N ILE B 334 -32.63 -13.60 26.93
CA ILE B 334 -33.55 -13.09 25.92
C ILE B 334 -33.97 -14.17 24.93
N PHE B 335 -33.57 -15.42 25.20
CA PHE B 335 -33.84 -16.50 24.27
C PHE B 335 -35.31 -16.69 23.93
N ASP B 336 -36.16 -16.87 24.94
CA ASP B 336 -37.57 -17.16 24.70
C ASP B 336 -38.25 -16.02 23.95
N GLU B 337 -37.99 -14.80 24.38
CA GLU B 337 -38.55 -13.63 23.71
C GLU B 337 -38.08 -13.54 22.27
N PHE B 338 -36.79 -13.85 22.03
CA PHE B 338 -36.27 -13.83 20.67
C PHE B 338 -36.98 -14.84 19.79
N VAL B 339 -37.15 -16.05 20.31
CA VAL B 339 -37.71 -17.14 19.51
C VAL B 339 -39.18 -16.86 19.19
N SER B 340 -39.94 -16.40 20.17
CA SER B 340 -41.35 -16.11 19.93
C SER B 340 -41.46 -14.96 18.96
N GLY B 341 -40.55 -13.98 19.07
CA GLY B 341 -40.55 -12.84 18.17
C GLY B 341 -40.21 -13.23 16.74
N LEU B 342 -39.21 -14.08 16.55
CA LEU B 342 -38.83 -14.54 15.23
C LEU B 342 -39.95 -15.38 14.64
N LYS B 343 -40.61 -16.16 15.50
CA LYS B 343 -41.75 -16.97 15.06
C LYS B 343 -42.82 -16.11 14.41
N VAL B 344 -43.15 -15.00 15.06
CA VAL B 344 -44.18 -14.08 14.56
C VAL B 344 -43.80 -13.55 13.19
N GLU B 345 -42.57 -13.04 13.06
CA GLU B 345 -42.11 -12.50 11.79
C GLU B 345 -42.02 -13.53 10.67
N ALA B 346 -41.59 -14.74 11.00
CA ALA B 346 -41.44 -15.78 10.00
C ALA B 346 -42.79 -16.18 9.43
N GLU B 347 -43.81 -16.13 10.27
CA GLU B 347 -45.16 -16.50 9.83
C GLU B 347 -45.86 -15.39 9.04
N ARG B 348 -45.34 -14.17 9.10
CA ARG B 348 -45.83 -13.08 8.25
C ARG B 348 -45.13 -13.04 6.90
N LEU B 349 -44.15 -13.91 6.69
CA LEU B 349 -43.45 -13.96 5.41
C LEU B 349 -44.38 -14.42 4.32
N VAL B 350 -44.38 -13.71 3.22
CA VAL B 350 -45.17 -14.08 2.06
C VAL B 350 -44.35 -14.97 1.13
N VAL B 351 -44.85 -16.19 0.93
CA VAL B 351 -44.21 -17.16 0.04
C VAL B 351 -45.04 -17.32 -1.23
N GLY B 352 -44.46 -17.03 -2.39
CA GLY B 352 -45.25 -17.15 -3.62
C GLY B 352 -44.60 -16.69 -4.90
N TYR B 353 -45.34 -15.94 -5.71
CA TYR B 353 -44.85 -15.54 -7.04
C TYR B 353 -43.76 -14.48 -6.95
N PRO B 354 -42.79 -14.53 -7.88
CA PRO B 354 -41.70 -13.54 -7.88
C PRO B 354 -42.21 -12.10 -8.02
N ASP B 355 -43.34 -11.91 -8.69
CA ASP B 355 -43.89 -10.56 -8.79
C ASP B 355 -45.13 -10.30 -7.92
N GLN B 356 -45.41 -11.22 -7.00
CA GLN B 356 -46.56 -11.08 -6.10
C GLN B 356 -46.35 -9.95 -5.09
N ASP B 357 -47.45 -9.27 -4.75
CA ASP B 357 -47.40 -8.12 -3.85
C ASP B 357 -46.80 -8.48 -2.50
N GLY B 358 -45.68 -7.86 -2.19
CA GLY B 358 -45.04 -8.03 -0.89
C GLY B 358 -44.40 -9.40 -0.67
N VAL B 359 -44.10 -10.11 -1.74
CA VAL B 359 -43.50 -11.43 -1.60
C VAL B 359 -42.11 -11.35 -0.95
N ASN B 360 -41.83 -12.30 -0.07
CA ASN B 360 -40.54 -12.34 0.61
C ASN B 360 -39.71 -13.54 0.14
N MET B 361 -40.38 -14.66 -0.10
CA MET B 361 -39.73 -15.89 -0.51
C MET B 361 -40.37 -16.47 -1.74
N GLY B 362 -39.53 -16.90 -2.68
CA GLY B 362 -39.94 -17.73 -3.80
C GLY B 362 -39.67 -19.21 -3.53
N PRO B 363 -39.62 -20.02 -4.58
CA PRO B 363 -39.44 -21.46 -4.33
C PRO B 363 -37.97 -21.82 -4.16
N LEU B 364 -37.68 -23.08 -3.87
CA LEU B 364 -36.31 -23.57 -3.94
C LEU B 364 -35.91 -23.72 -5.42
N ILE B 365 -34.62 -23.89 -5.68
CA ILE B 365 -34.10 -23.88 -7.05
C ILE B 365 -34.71 -24.96 -7.94
N SER B 366 -35.10 -26.09 -7.34
CA SER B 366 -35.52 -27.26 -8.10
C SER B 366 -36.20 -28.29 -7.21
N HIS B 367 -36.90 -29.24 -7.82
CA HIS B 367 -37.58 -30.29 -7.07
C HIS B 367 -36.56 -31.19 -6.39
N GLY B 368 -35.46 -31.45 -7.10
CA GLY B 368 -34.34 -32.22 -6.57
C GLY B 368 -33.77 -31.58 -5.32
N HIS B 369 -33.55 -30.26 -5.36
CA HIS B 369 -33.10 -29.56 -4.16
C HIS B 369 -34.12 -29.63 -3.02
N ARG B 370 -35.41 -29.53 -3.35
CA ARG B 370 -36.45 -29.62 -2.32
C ARG B 370 -36.47 -31.00 -1.64
N ASP B 371 -36.29 -32.05 -2.43
CA ASP B 371 -36.17 -33.39 -1.89
C ASP B 371 -35.12 -33.41 -0.78
N LYS B 372 -33.94 -32.87 -1.10
CA LYS B 372 -32.85 -32.77 -0.15
C LYS B 372 -33.23 -31.97 1.09
N VAL B 373 -33.86 -30.81 0.90
CA VAL B 373 -34.24 -29.98 2.05
C VAL B 373 -35.31 -30.62 2.95
N LEU B 374 -36.32 -31.22 2.35
CA LEU B 374 -37.36 -31.92 3.12
C LEU B 374 -36.79 -33.11 3.88
N SER B 375 -35.83 -33.79 3.27
CA SER B 375 -35.12 -34.87 3.93
C SER B 375 -34.45 -34.36 5.21
N TYR B 376 -33.84 -33.19 5.14
CA TYR B 376 -33.31 -32.59 6.36
C TYR B 376 -34.42 -32.16 7.31
N TYR B 377 -35.58 -31.79 6.77
CA TYR B 377 -36.69 -31.41 7.64
C TYR B 377 -37.11 -32.60 8.49
N ARG B 378 -37.16 -33.77 7.86
CA ARG B 378 -37.44 -35.02 8.56
C ARG B 378 -36.36 -35.34 9.59
N LEU B 379 -35.11 -35.27 9.14
CA LEU B 379 -33.97 -35.57 10.01
C LEU B 379 -34.01 -34.75 11.30
N ALA B 380 -34.35 -33.47 11.18
CA ALA B 380 -34.44 -32.60 12.35
C ALA B 380 -35.45 -33.11 13.38
N VAL B 381 -36.59 -33.59 12.89
CA VAL B 381 -37.61 -34.14 13.76
C VAL B 381 -37.08 -35.41 14.44
N ASP B 382 -36.49 -36.28 13.62
CA ASP B 382 -35.87 -37.52 14.11
C ASP B 382 -34.77 -37.29 15.15
N GLU B 383 -34.03 -36.19 15.03
CA GLU B 383 -33.01 -35.87 16.02
C GLU B 383 -33.60 -35.16 17.24
N GLY B 384 -34.93 -35.00 17.26
CA GLY B 384 -35.61 -34.46 18.42
C GLY B 384 -35.80 -32.95 18.46
N ALA B 385 -35.78 -32.31 17.29
CA ALA B 385 -36.05 -30.88 17.21
C ALA B 385 -37.50 -30.54 17.49
N THR B 386 -37.72 -29.48 18.25
CA THR B 386 -39.02 -28.83 18.32
C THR B 386 -39.16 -27.95 17.08
N VAL B 387 -40.25 -28.14 16.33
CA VAL B 387 -40.52 -27.30 15.17
C VAL B 387 -41.31 -26.07 15.58
N VAL B 388 -40.63 -24.94 15.67
CA VAL B 388 -41.27 -23.69 16.10
C VAL B 388 -42.26 -23.20 15.05
N THR B 389 -41.88 -23.34 13.78
CA THR B 389 -42.74 -22.95 12.69
C THR B 389 -42.24 -23.63 11.42
N GLY B 390 -43.10 -23.69 10.40
CA GLY B 390 -42.75 -24.31 9.15
C GLY B 390 -42.62 -25.81 9.27
N GLY B 391 -41.62 -26.37 8.59
CA GLY B 391 -41.35 -27.79 8.63
C GLY B 391 -42.00 -28.58 7.51
N GLY B 392 -42.78 -27.91 6.67
CA GLY B 392 -43.41 -28.56 5.53
C GLY B 392 -43.44 -27.73 4.26
N VAL B 393 -44.37 -28.03 3.37
CA VAL B 393 -44.58 -27.19 2.18
C VAL B 393 -45.94 -26.49 2.23
N PRO B 394 -46.01 -25.25 1.72
CA PRO B 394 -47.30 -24.57 1.76
C PRO B 394 -48.25 -25.12 0.69
N LYS B 395 -49.56 -25.01 0.95
CA LYS B 395 -50.57 -25.49 0.02
C LYS B 395 -51.17 -24.29 -0.69
N PHE B 396 -50.94 -24.18 -2.00
CA PHE B 396 -51.32 -22.98 -2.76
C PHE B 396 -52.67 -23.12 -3.47
N ASN B 397 -53.00 -24.35 -3.88
CA ASN B 397 -54.17 -24.61 -4.70
C ASN B 397 -54.11 -23.87 -6.03
N ASP B 398 -52.92 -23.80 -6.60
CA ASP B 398 -52.73 -23.32 -7.96
C ASP B 398 -51.46 -23.91 -8.54
N GLU B 399 -50.95 -23.30 -9.61
CA GLU B 399 -49.79 -23.83 -10.31
C GLU B 399 -48.57 -23.94 -9.40
N ARG B 400 -48.53 -23.14 -8.33
CA ARG B 400 -47.40 -23.16 -7.43
C ARG B 400 -47.22 -24.50 -6.69
N ASP B 401 -48.28 -25.30 -6.62
CA ASP B 401 -48.20 -26.64 -6.06
C ASP B 401 -47.40 -27.59 -6.97
N GLN B 402 -47.14 -27.16 -8.20
CA GLN B 402 -46.30 -27.93 -9.12
C GLN B 402 -44.86 -27.44 -9.07
N GLY B 403 -44.61 -26.37 -8.31
CA GLY B 403 -43.27 -25.85 -8.13
C GLY B 403 -42.51 -26.51 -7.00
N ALA B 404 -41.43 -25.87 -6.55
CA ALA B 404 -40.60 -26.46 -5.52
C ALA B 404 -40.51 -25.57 -4.28
N TYR B 405 -41.66 -25.23 -3.70
CA TYR B 405 -41.70 -24.40 -2.49
C TYR B 405 -41.60 -25.22 -1.20
N VAL B 406 -41.01 -24.61 -0.17
CA VAL B 406 -41.06 -25.12 1.19
C VAL B 406 -41.32 -23.94 2.10
N GLN B 407 -41.65 -24.24 3.34
CA GLN B 407 -41.92 -23.22 4.34
C GLN B 407 -40.65 -22.79 5.05
N PRO B 408 -40.54 -21.48 5.35
CA PRO B 408 -39.50 -21.02 6.27
C PRO B 408 -39.65 -21.77 7.59
N THR B 409 -38.54 -22.27 8.12
CA THR B 409 -38.59 -23.17 9.26
C THR B 409 -37.64 -22.75 10.39
N ILE B 410 -38.12 -22.85 11.62
CA ILE B 410 -37.31 -22.58 12.80
C ILE B 410 -37.30 -23.79 13.76
N TRP B 411 -36.11 -24.24 14.15
CA TRP B 411 -36.01 -25.34 15.12
C TRP B 411 -35.37 -24.90 16.42
N THR B 412 -35.71 -25.61 17.51
CA THR B 412 -34.98 -25.51 18.76
C THR B 412 -34.77 -26.92 19.32
N GLY B 413 -34.01 -27.04 20.40
CA GLY B 413 -33.84 -28.31 21.10
C GLY B 413 -32.82 -29.31 20.56
N LEU B 414 -32.02 -28.92 19.57
CA LEU B 414 -30.99 -29.79 19.05
C LEU B 414 -29.66 -29.50 19.74
N SER B 415 -28.83 -30.54 19.86
CA SER B 415 -27.52 -30.38 20.47
C SER B 415 -26.55 -29.88 19.40
N ASP B 416 -25.43 -29.32 19.85
CA ASP B 416 -24.39 -28.85 18.96
C ASP B 416 -23.87 -29.94 18.03
N LYS B 417 -24.09 -31.20 18.38
CA LYS B 417 -23.57 -32.32 17.59
C LYS B 417 -24.57 -32.84 16.56
N ALA B 418 -25.81 -32.36 16.62
CA ALA B 418 -26.83 -32.81 15.68
C ALA B 418 -26.46 -32.50 14.24
N ARG B 419 -26.78 -33.42 13.34
CA ARG B 419 -26.44 -33.28 11.94
C ARG B 419 -27.04 -32.01 11.32
N CYS B 420 -28.23 -31.64 11.75
CA CYS B 420 -28.94 -30.49 11.18
C CYS B 420 -28.35 -29.17 11.65
N VAL B 421 -27.51 -29.26 12.68
CA VAL B 421 -26.83 -28.11 13.24
C VAL B 421 -25.41 -28.01 12.65
N THR B 422 -24.92 -29.07 12.02
CA THR B 422 -23.53 -29.11 11.55
C THR B 422 -23.39 -29.18 10.04
N GLU B 423 -24.39 -29.76 9.37
CA GLU B 423 -24.35 -29.93 7.92
C GLU B 423 -25.08 -28.81 7.22
N GLU B 424 -24.50 -28.31 6.12
CA GLU B 424 -25.14 -27.24 5.35
C GLU B 424 -26.41 -27.75 4.68
N ILE B 425 -27.52 -27.10 4.99
CA ILE B 425 -28.81 -27.52 4.44
C ILE B 425 -29.17 -26.74 3.17
N PHE B 426 -28.86 -25.44 3.15
CA PHE B 426 -29.14 -24.60 1.99
C PHE B 426 -30.64 -24.46 1.69
N GLY B 427 -31.42 -24.28 2.74
CA GLY B 427 -32.83 -23.96 2.62
C GLY B 427 -33.17 -22.89 3.64
N PRO B 428 -34.46 -22.55 3.74
CA PRO B 428 -34.88 -21.46 4.62
C PRO B 428 -35.09 -21.95 6.05
N VAL B 429 -34.00 -22.18 6.74
CA VAL B 429 -34.12 -22.78 8.05
C VAL B 429 -33.06 -22.28 9.00
N CYS B 430 -33.41 -22.22 10.28
CA CYS B 430 -32.41 -22.00 11.30
C CYS B 430 -32.79 -22.69 12.58
N HIS B 431 -31.77 -23.15 13.29
CA HIS B 431 -31.92 -23.69 14.63
C HIS B 431 -31.45 -22.63 15.58
N ILE B 432 -32.18 -22.44 16.67
CA ILE B 432 -31.81 -21.46 17.68
C ILE B 432 -31.48 -22.15 19.01
N SER B 433 -30.38 -21.73 19.62
CA SER B 433 -29.91 -22.35 20.84
C SER B 433 -29.54 -21.25 21.82
N PRO B 434 -29.75 -21.47 23.12
CA PRO B 434 -29.30 -20.46 24.09
C PRO B 434 -27.83 -20.60 24.44
N PHE B 435 -27.26 -19.56 25.02
CA PHE B 435 -25.92 -19.64 25.56
C PHE B 435 -25.83 -18.73 26.76
N ASP B 436 -24.77 -18.90 27.55
CA ASP B 436 -24.64 -18.12 28.77
C ASP B 436 -23.45 -17.19 28.76
N ASP B 437 -22.34 -17.65 28.19
CA ASP B 437 -21.06 -16.97 28.34
C ASP B 437 -20.46 -16.58 26.97
N GLU B 438 -19.75 -15.45 26.92
CA GLU B 438 -19.15 -14.98 25.67
C GLU B 438 -18.14 -15.98 25.09
N ASP B 439 -17.18 -16.41 25.91
CA ASP B 439 -16.16 -17.33 25.43
C ASP B 439 -16.80 -18.66 25.03
N GLU B 440 -17.79 -19.09 25.79
CA GLU B 440 -18.61 -20.26 25.42
C GLU B 440 -19.17 -20.20 24.00
N VAL B 441 -19.87 -19.12 23.69
CA VAL B 441 -20.52 -19.03 22.39
C VAL B 441 -19.46 -18.85 21.29
N ILE B 442 -18.36 -18.18 21.60
CA ILE B 442 -17.29 -18.06 20.60
C ILE B 442 -16.79 -19.46 20.22
N ASN B 443 -16.53 -20.30 21.21
CA ASN B 443 -16.09 -21.66 20.95
C ASN B 443 -17.12 -22.49 20.19
N ARG B 444 -18.40 -22.28 20.48
CA ARG B 444 -19.47 -23.00 19.78
C ARG B 444 -19.63 -22.60 18.31
N VAL B 445 -19.54 -21.30 18.04
CA VAL B 445 -19.49 -20.86 16.65
C VAL B 445 -18.30 -21.49 15.91
N ASN B 446 -17.11 -21.41 16.51
CA ASN B 446 -15.89 -21.93 15.87
C ASN B 446 -15.81 -23.44 15.74
N ASP B 447 -16.62 -24.15 16.52
CA ASP B 447 -16.63 -25.61 16.47
C ASP B 447 -17.34 -26.15 15.22
N SER B 448 -16.66 -26.00 14.10
CA SER B 448 -17.23 -26.31 12.79
C SER B 448 -16.10 -26.57 11.79
N ASN B 449 -16.35 -27.46 10.83
CA ASN B 449 -15.40 -27.65 9.75
C ASN B 449 -15.51 -26.55 8.69
N TYR B 450 -16.53 -25.72 8.82
CA TYR B 450 -16.69 -24.57 7.92
C TYR B 450 -16.25 -23.29 8.62
N GLY B 451 -16.14 -22.22 7.83
CA GLY B 451 -15.74 -20.94 8.37
C GLY B 451 -15.90 -19.85 7.33
N LEU B 452 -17.13 -19.65 6.86
CA LEU B 452 -17.40 -18.64 5.83
C LEU B 452 -17.70 -17.29 6.44
N ALA B 453 -18.82 -17.20 7.16
CA ALA B 453 -19.26 -15.92 7.71
C ALA B 453 -19.96 -16.05 9.06
N CYS B 454 -20.08 -14.92 9.74
CA CYS B 454 -20.83 -14.86 10.99
C CYS B 454 -21.46 -13.47 11.13
N ALA B 455 -22.61 -13.40 11.79
CA ALA B 455 -23.21 -12.12 12.16
C ALA B 455 -23.34 -12.04 13.67
N ILE B 456 -22.99 -10.89 14.23
CA ILE B 456 -23.01 -10.64 15.66
C ILE B 456 -23.94 -9.46 15.95
N TRP B 457 -24.82 -9.59 16.94
CA TRP B 457 -25.70 -8.49 17.36
C TRP B 457 -25.40 -8.02 18.78
N THR B 458 -24.93 -6.79 18.90
CA THR B 458 -24.61 -6.20 20.20
C THR B 458 -24.54 -4.69 20.05
N THR B 459 -24.88 -3.95 21.11
CA THR B 459 -24.77 -2.50 21.08
C THR B 459 -23.50 -2.05 21.81
N ASN B 460 -22.74 -3.01 22.30
CA ASN B 460 -21.53 -2.69 23.08
C ASN B 460 -20.30 -2.52 22.20
N LEU B 461 -19.64 -1.37 22.31
CA LEU B 461 -18.44 -1.06 21.54
C LEU B 461 -17.36 -2.15 21.69
N SER B 462 -16.83 -2.30 22.91
CA SER B 462 -15.84 -3.34 23.25
C SER B 462 -16.22 -4.71 22.72
N ARG B 463 -17.44 -5.12 22.99
CA ARG B 463 -17.85 -6.47 22.61
C ARG B 463 -17.78 -6.72 21.10
N ALA B 464 -18.21 -5.73 20.31
CA ALA B 464 -18.25 -5.90 18.85
C ALA B 464 -16.87 -6.24 18.33
N HIS B 465 -15.86 -5.52 18.81
CA HIS B 465 -14.51 -5.69 18.31
C HIS B 465 -13.80 -6.88 18.96
N ARG B 466 -14.04 -7.08 20.26
CA ARG B 466 -13.38 -8.18 20.96
C ARG B 466 -13.86 -9.50 20.40
N VAL B 467 -15.16 -9.67 20.26
CA VAL B 467 -15.75 -10.94 19.82
C VAL B 467 -15.51 -11.22 18.33
N SER B 468 -15.69 -10.19 17.50
CA SER B 468 -15.51 -10.34 16.05
C SER B 468 -14.14 -10.90 15.69
N ARG B 469 -13.09 -10.40 16.34
CA ARG B 469 -11.73 -10.80 15.98
C ARG B 469 -11.44 -12.24 16.37
N GLN B 470 -12.30 -12.82 17.20
CA GLN B 470 -12.09 -14.20 17.66
C GLN B 470 -12.89 -15.22 16.85
N ILE B 471 -13.76 -14.75 15.97
CA ILE B 471 -14.58 -15.66 15.16
C ILE B 471 -13.80 -16.20 13.95
N HIS B 472 -13.66 -17.51 13.89
CA HIS B 472 -12.85 -18.16 12.85
C HIS B 472 -13.56 -18.28 11.49
N VAL B 473 -13.77 -17.13 10.83
CA VAL B 473 -14.40 -17.08 9.53
C VAL B 473 -13.73 -15.97 8.70
N GLY B 474 -14.07 -15.92 7.41
CA GLY B 474 -13.55 -14.86 6.55
C GLY B 474 -14.25 -13.51 6.72
N LEU B 475 -15.53 -13.54 7.06
CA LEU B 475 -16.33 -12.33 7.15
C LEU B 475 -17.23 -12.31 8.37
N VAL B 476 -17.08 -11.29 9.20
CA VAL B 476 -18.01 -11.04 10.31
C VAL B 476 -18.78 -9.72 10.09
N TRP B 477 -20.10 -9.77 10.22
CA TRP B 477 -20.93 -8.56 10.29
C TRP B 477 -21.36 -8.28 11.72
N VAL B 478 -21.37 -7.01 12.12
CA VAL B 478 -21.89 -6.63 13.42
C VAL B 478 -23.12 -5.75 13.16
N ASN B 479 -24.27 -6.17 13.70
CA ASN B 479 -25.51 -5.43 13.58
C ASN B 479 -26.00 -5.26 12.13
N THR B 480 -25.65 -6.23 11.29
CA THR B 480 -26.14 -6.25 9.92
C THR B 480 -25.84 -7.60 9.28
N TRP B 481 -26.13 -7.72 8.00
CA TRP B 481 -25.86 -8.95 7.28
C TRP B 481 -25.74 -8.64 5.80
N TYR B 482 -24.89 -9.37 5.12
CA TYR B 482 -24.72 -9.24 3.67
C TYR B 482 -24.49 -7.82 3.10
N LEU B 483 -23.69 -7.02 3.80
CA LEU B 483 -23.15 -5.80 3.20
C LEU B 483 -21.82 -6.18 2.54
N ARG B 484 -21.64 -5.81 1.28
CA ARG B 484 -20.39 -6.10 0.58
C ARG B 484 -19.82 -4.85 -0.07
N ASP B 485 -18.59 -4.55 0.29
CA ASP B 485 -17.78 -3.55 -0.41
C ASP B 485 -16.85 -4.36 -1.32
N LEU B 486 -16.90 -4.09 -2.60
CA LEU B 486 -16.15 -4.90 -3.58
C LEU B 486 -14.62 -4.78 -3.40
N ARG B 487 -14.17 -3.79 -2.64
CA ARG B 487 -12.74 -3.58 -2.40
C ARG B 487 -12.16 -4.51 -1.33
N THR B 488 -13.02 -5.08 -0.48
CA THR B 488 -12.55 -5.89 0.63
C THR B 488 -12.12 -7.29 0.22
N PRO B 489 -11.18 -7.90 0.96
CA PRO B 489 -10.88 -9.31 0.71
C PRO B 489 -12.09 -10.14 1.10
N PHE B 490 -12.35 -11.20 0.34
CA PHE B 490 -13.49 -12.07 0.60
C PHE B 490 -13.09 -13.53 0.39
N GLY B 491 -13.44 -14.38 1.35
CA GLY B 491 -13.10 -15.78 1.27
C GLY B 491 -13.41 -16.46 2.58
N GLY B 492 -13.22 -17.78 2.63
CA GLY B 492 -13.50 -18.53 3.84
C GLY B 492 -12.26 -19.24 4.37
N VAL B 493 -12.38 -19.79 5.56
CA VAL B 493 -11.30 -20.57 6.14
C VAL B 493 -11.80 -21.99 6.32
N LYS B 494 -10.90 -22.90 6.66
CA LYS B 494 -11.23 -24.31 6.79
C LYS B 494 -11.91 -24.80 5.50
N LEU B 495 -12.95 -25.61 5.60
CA LEU B 495 -13.57 -26.16 4.39
C LEU B 495 -14.28 -25.11 3.54
N SER B 496 -14.39 -23.89 4.04
CA SER B 496 -15.16 -22.86 3.32
C SER B 496 -14.37 -22.17 2.21
N GLY B 497 -13.09 -22.51 2.07
CA GLY B 497 -12.35 -21.94 0.96
C GLY B 497 -10.84 -22.04 0.97
N LEU B 498 -10.27 -21.39 -0.02
CA LEU B 498 -8.85 -21.39 -0.26
C LEU B 498 -8.64 -20.07 -1.00
N GLY B 499 -7.80 -19.20 -0.44
CA GLY B 499 -7.49 -17.92 -1.07
C GLY B 499 -8.49 -16.82 -0.78
N ARG B 500 -8.19 -15.62 -1.28
CA ARG B 500 -9.11 -14.50 -1.15
C ARG B 500 -9.25 -13.81 -2.50
N GLU B 501 -10.42 -13.25 -2.76
CA GLU B 501 -10.62 -12.36 -3.92
C GLU B 501 -11.22 -11.04 -3.42
N GLY B 502 -11.40 -10.08 -4.33
CA GLY B 502 -11.90 -8.76 -3.99
C GLY B 502 -10.75 -7.77 -3.96
N GLY B 503 -11.00 -6.55 -4.43
CA GLY B 503 -9.96 -5.53 -4.50
C GLY B 503 -8.62 -6.01 -5.05
N ARG B 504 -7.54 -5.66 -4.33
CA ARG B 504 -6.17 -6.03 -4.69
C ARG B 504 -5.92 -7.54 -4.73
N PHE B 505 -6.72 -8.29 -4.00
CA PHE B 505 -6.59 -9.76 -4.02
C PHE B 505 -7.06 -10.37 -5.33
N SER B 506 -8.10 -9.79 -5.93
CA SER B 506 -8.50 -10.22 -7.27
C SER B 506 -7.49 -9.74 -8.32
N MET B 507 -7.02 -8.50 -8.17
CA MET B 507 -5.98 -7.99 -9.05
C MET B 507 -4.73 -8.87 -8.99
N ASP B 508 -4.43 -9.40 -7.80
CA ASP B 508 -3.28 -10.30 -7.65
C ASP B 508 -3.59 -11.72 -8.17
N PHE B 509 -4.74 -12.27 -7.83
CA PHE B 509 -5.04 -13.63 -8.28
C PHE B 509 -5.13 -13.79 -9.81
N TYR B 510 -5.80 -12.87 -10.47
CA TYR B 510 -6.01 -12.99 -11.93
C TYR B 510 -4.82 -12.48 -12.76
N SER B 511 -3.69 -12.28 -12.09
CA SER B 511 -2.51 -11.75 -12.75
C SER B 511 -1.29 -12.63 -12.54
N ASP B 512 -0.40 -12.64 -13.51
CA ASP B 512 0.97 -13.06 -13.28
C ASP B 512 1.68 -11.91 -12.57
N ILE B 513 2.20 -12.16 -11.38
CA ILE B 513 3.09 -11.17 -10.76
C ILE B 513 4.56 -11.53 -11.05
N ALA B 514 5.20 -10.73 -11.89
CA ALA B 514 6.58 -11.02 -12.30
C ALA B 514 7.53 -9.99 -11.72
N ASN B 515 8.70 -10.46 -11.31
CA ASN B 515 9.74 -9.61 -10.75
C ASN B 515 10.87 -9.47 -11.76
N ILE B 516 11.30 -8.25 -12.02
CA ILE B 516 12.40 -8.01 -12.96
C ILE B 516 13.51 -7.29 -12.19
N CYS B 517 14.66 -7.94 -12.12
CA CYS B 517 15.75 -7.42 -11.31
C CYS B 517 16.88 -6.93 -12.19
N ILE B 518 17.19 -5.64 -12.10
CA ILE B 518 18.22 -5.05 -12.93
C ILE B 518 19.48 -4.72 -12.13
N LYS B 519 20.59 -5.40 -12.43
CA LYS B 519 21.87 -5.01 -11.86
C LYS B 519 22.31 -3.69 -12.50
N ILE B 520 22.64 -2.69 -11.69
CA ILE B 520 23.06 -1.39 -12.24
C ILE B 520 24.59 -1.24 -12.35
N SER C 38 28.29 21.69 36.59
CA SER C 38 27.83 20.87 35.47
C SER C 38 27.62 21.70 34.19
N GLN C 39 28.09 21.18 33.06
CA GLN C 39 28.02 21.94 31.81
C GLN C 39 27.49 21.14 30.63
N LEU C 40 26.72 21.80 29.78
CA LEU C 40 26.17 21.17 28.58
C LEU C 40 26.72 21.86 27.34
N LEU C 41 27.47 21.11 26.54
CA LEU C 41 28.10 21.64 25.34
C LEU C 41 27.35 21.29 24.05
N ASN C 42 27.64 22.05 22.99
CA ASN C 42 27.14 21.74 21.66
C ASN C 42 27.93 20.59 21.07
N TYR C 43 27.35 19.93 20.06
CA TYR C 43 28.04 18.85 19.37
C TYR C 43 28.00 19.17 17.89
N ILE C 44 29.15 19.52 17.33
CA ILE C 44 29.23 20.03 15.97
C ILE C 44 30.38 19.39 15.21
N ASP C 45 30.04 18.70 14.13
CA ASP C 45 31.02 18.02 13.28
C ASP C 45 31.87 17.05 14.11
N GLY C 46 31.21 16.27 14.96
CA GLY C 46 31.88 15.23 15.72
C GLY C 46 32.63 15.67 16.98
N ASN C 47 32.53 16.94 17.34
CA ASN C 47 33.21 17.44 18.56
C ASN C 47 32.28 18.19 19.51
N PHE C 48 32.44 17.96 20.81
CA PHE C 48 31.77 18.82 21.78
C PHE C 48 32.50 20.17 21.85
N VAL C 49 31.75 21.25 21.74
CA VAL C 49 32.32 22.60 21.75
C VAL C 49 31.53 23.54 22.65
N THR C 50 32.22 24.49 23.26
CA THR C 50 31.60 25.51 24.09
C THR C 50 31.17 26.67 23.22
N SER C 51 30.72 27.74 23.87
CA SER C 51 30.32 28.94 23.15
C SER C 51 30.69 30.20 23.95
N ALA C 52 30.68 31.35 23.27
CA ALA C 52 31.01 32.62 23.90
C ALA C 52 30.03 33.02 25.01
N SER C 53 28.85 32.41 25.03
CA SER C 53 27.86 32.70 26.04
C SER C 53 27.21 31.42 26.57
N SER C 54 26.80 31.45 27.82
CA SER C 54 26.09 30.33 28.41
C SER C 54 24.87 30.83 29.16
N PHE C 55 23.92 29.92 29.39
CA PHE C 55 22.74 30.25 30.17
C PHE C 55 22.50 29.17 31.22
N ALA C 56 21.68 29.52 32.20
CA ALA C 56 21.43 28.64 33.33
C ALA C 56 20.33 27.64 33.02
N ASN C 57 20.56 26.40 33.39
CA ASN C 57 19.54 25.37 33.40
C ASN C 57 19.15 25.17 34.86
N ILE C 58 17.87 25.38 35.19
CA ILE C 58 17.38 25.35 36.57
C ILE C 58 16.48 24.16 36.88
N ASN C 59 16.78 23.45 37.96
CA ASN C 59 15.88 22.40 38.45
C ASN C 59 14.62 23.07 39.00
N PRO C 60 13.45 22.71 38.44
CA PRO C 60 12.22 23.39 38.87
C PRO C 60 11.65 22.81 40.16
N VAL C 61 12.23 21.71 40.64
CA VAL C 61 11.80 21.15 41.91
C VAL C 61 12.17 22.08 43.07
N ASN C 62 13.34 22.71 42.96
CA ASN C 62 13.88 23.45 44.09
C ASN C 62 14.54 24.75 43.68
N GLY C 63 14.44 25.09 42.39
CA GLY C 63 15.00 26.32 41.88
C GLY C 63 16.52 26.36 41.85
N LYS C 64 17.15 25.22 42.19
CA LYS C 64 18.61 25.09 42.17
C LYS C 64 19.18 25.02 40.77
N LEU C 65 20.38 25.55 40.59
CA LEU C 65 21.08 25.48 39.32
C LEU C 65 21.61 24.08 39.09
N ILE C 66 21.21 23.46 37.98
CA ILE C 66 21.68 22.11 37.65
C ILE C 66 22.87 22.12 36.69
N SER C 67 22.88 23.05 35.73
CA SER C 67 23.99 23.16 34.79
C SER C 67 24.03 24.48 34.02
N ASP C 68 25.18 24.78 33.44
CA ASP C 68 25.32 25.88 32.49
C ASP C 68 25.31 25.31 31.07
N VAL C 69 24.71 26.07 30.15
CA VAL C 69 24.49 25.58 28.79
C VAL C 69 25.04 26.55 27.76
N PHE C 70 26.04 26.11 26.98
CA PHE C 70 26.63 26.97 25.97
C PHE C 70 25.71 27.24 24.78
N GLU C 71 25.28 28.48 24.67
CA GLU C 71 24.40 28.94 23.62
C GLU C 71 25.15 29.08 22.29
N ALA C 72 24.78 28.29 21.30
CA ALA C 72 25.45 28.38 20.00
C ALA C 72 25.10 29.69 19.31
N ASP C 73 26.08 30.29 18.63
CA ASP C 73 25.86 31.53 17.89
C ASP C 73 25.65 31.26 16.40
N ALA C 74 25.35 32.32 15.64
CA ALA C 74 25.12 32.21 14.21
C ALA C 74 26.24 31.45 13.50
N LYS C 75 27.48 31.77 13.85
CA LYS C 75 28.64 31.13 13.23
C LYS C 75 28.63 29.63 13.47
N GLN C 76 28.29 29.25 14.70
CA GLN C 76 28.29 27.85 15.09
C GLN C 76 27.17 27.07 14.41
N VAL C 77 26.01 27.70 14.27
CA VAL C 77 24.90 27.10 13.55
C VAL C 77 25.33 26.81 12.13
N ASN C 78 25.90 27.82 11.46
CA ASN C 78 26.41 27.65 10.11
C ASN C 78 27.39 26.50 10.01
N GLU C 79 28.33 26.45 10.95
CA GLU C 79 29.31 25.38 10.97
C GLU C 79 28.64 24.02 11.07
N ALA C 80 27.57 23.96 11.86
CA ALA C 80 26.79 22.73 12.00
C ALA C 80 26.09 22.32 10.70
N VAL C 81 25.42 23.27 10.07
CA VAL C 81 24.70 23.01 8.82
C VAL C 81 25.65 22.57 7.71
N VAL C 82 26.77 23.28 7.58
CA VAL C 82 27.79 22.90 6.59
C VAL C 82 28.35 21.51 6.84
N ALA C 83 28.60 21.16 8.10
CA ALA C 83 29.08 19.84 8.45
C ALA C 83 28.05 18.76 8.14
N ALA C 84 26.77 19.09 8.34
CA ALA C 84 25.70 18.16 7.99
C ALA C 84 25.59 17.98 6.47
N GLN C 85 25.71 19.08 5.71
CA GLN C 85 25.69 19.01 4.26
C GLN C 85 26.83 18.13 3.76
N ASN C 86 28.02 18.35 4.30
CA ASN C 86 29.18 17.55 3.93
C ASN C 86 29.08 16.11 4.37
N ALA C 87 28.43 15.85 5.50
CA ALA C 87 28.30 14.48 5.98
C ALA C 87 27.44 13.64 5.02
N LEU C 88 26.62 14.30 4.22
CA LEU C 88 25.77 13.61 3.25
C LEU C 88 26.58 12.96 2.12
N LYS C 89 27.78 13.49 1.84
CA LYS C 89 28.66 12.90 0.84
C LYS C 89 29.76 12.05 1.44
N GLY C 90 29.71 11.86 2.76
CA GLY C 90 30.70 11.04 3.44
C GLY C 90 30.22 9.61 3.56
N PRO C 91 30.86 8.84 4.44
CA PRO C 91 30.53 7.43 4.72
C PRO C 91 29.06 7.20 5.05
N TRP C 92 28.42 8.15 5.72
CA TRP C 92 26.98 8.07 6.01
C TRP C 92 26.14 7.87 4.75
N GLY C 93 26.44 8.63 3.71
CA GLY C 93 25.75 8.54 2.44
C GLY C 93 25.96 7.24 1.68
N LYS C 94 27.00 6.50 2.05
CA LYS C 94 27.36 5.28 1.33
C LYS C 94 26.84 4.04 2.02
N LEU C 95 26.24 4.21 3.19
CA LEU C 95 25.69 3.09 3.92
C LEU C 95 24.47 2.51 3.21
N SER C 96 24.42 1.18 3.14
CA SER C 96 23.21 0.52 2.70
C SER C 96 22.11 0.81 3.72
N VAL C 97 20.86 0.61 3.32
CA VAL C 97 19.74 0.78 4.23
C VAL C 97 19.85 -0.23 5.38
N GLN C 98 20.32 -1.44 5.12
CA GLN C 98 20.50 -2.41 6.22
C GLN C 98 21.58 -1.94 7.21
N ASP C 99 22.69 -1.44 6.70
CA ASP C 99 23.75 -0.99 7.59
C ASP C 99 23.36 0.24 8.41
N ARG C 100 22.61 1.15 7.79
CA ARG C 100 22.16 2.35 8.47
C ARG C 100 21.21 1.99 9.59
N ALA C 101 20.26 1.11 9.30
CA ALA C 101 19.30 0.65 10.28
C ALA C 101 20.01 -0.02 11.46
N ALA C 102 21.09 -0.73 11.17
CA ALA C 102 21.85 -1.41 12.22
C ALA C 102 22.57 -0.39 13.11
N LEU C 103 23.00 0.71 12.51
CA LEU C 103 23.71 1.71 13.30
C LEU C 103 22.71 2.49 14.15
N ILE C 104 21.52 2.71 13.61
CA ILE C 104 20.43 3.34 14.35
C ILE C 104 20.02 2.47 15.55
N HIS C 105 20.00 1.15 15.36
CA HIS C 105 19.73 0.25 16.50
C HIS C 105 20.86 0.30 17.54
N LYS C 106 22.09 0.55 17.10
CA LYS C 106 23.18 0.74 18.04
C LYS C 106 23.05 2.02 18.85
N ILE C 107 22.47 3.06 18.25
CA ILE C 107 22.14 4.26 18.98
C ILE C 107 21.13 3.89 20.08
N ALA C 108 20.09 3.17 19.67
CA ALA C 108 19.07 2.68 20.60
C ALA C 108 19.70 1.87 21.73
N ASP C 109 20.54 0.90 21.37
CA ASP C 109 21.29 0.11 22.34
C ASP C 109 22.11 0.99 23.28
N GLY C 110 22.68 2.05 22.71
CA GLY C 110 23.52 2.95 23.48
C GLY C 110 22.72 3.70 24.53
N ILE C 111 21.46 3.96 24.25
CA ILE C 111 20.63 4.66 25.20
C ILE C 111 20.22 3.69 26.29
N GLN C 112 19.84 2.48 25.90
CA GLN C 112 19.49 1.44 26.86
C GLN C 112 20.63 1.14 27.83
N ALA C 113 21.87 1.23 27.35
CA ALA C 113 23.04 0.94 28.18
C ALA C 113 23.18 1.98 29.30
N ARG C 114 22.77 3.20 29.03
CA ARG C 114 22.89 4.28 30.01
C ARG C 114 21.49 4.71 30.44
N PHE C 115 20.58 3.75 30.49
CA PHE C 115 19.17 4.02 30.75
C PHE C 115 18.93 4.93 31.95
N GLU C 116 19.52 4.58 33.09
CA GLU C 116 19.29 5.35 34.31
C GLU C 116 19.90 6.75 34.27
N GLU C 117 21.00 6.93 33.54
CA GLU C 117 21.53 8.29 33.33
C GLU C 117 20.54 9.17 32.58
N PHE C 118 19.94 8.61 31.54
CA PHE C 118 18.91 9.32 30.78
C PHE C 118 17.72 9.69 31.66
N VAL C 119 17.30 8.74 32.49
CA VAL C 119 16.20 8.98 33.42
C VAL C 119 16.55 10.13 34.35
N ALA C 120 17.73 10.08 34.94
CA ALA C 120 18.19 11.15 35.83
C ALA C 120 18.21 12.49 35.10
N ALA C 121 18.68 12.49 33.85
CA ALA C 121 18.76 13.72 33.08
C ALA C 121 17.39 14.37 32.80
N GLU C 122 16.41 13.55 32.44
CA GLU C 122 15.07 14.08 32.16
C GLU C 122 14.42 14.60 33.44
N VAL C 123 14.60 13.85 34.52
CA VAL C 123 14.05 14.25 35.82
C VAL C 123 14.61 15.60 36.27
N ALA C 124 15.93 15.72 36.23
CA ALA C 124 16.59 16.94 36.67
C ALA C 124 16.06 18.19 35.96
N ASP C 125 15.96 18.13 34.64
CA ASP C 125 15.53 19.27 33.82
C ASP C 125 14.10 19.69 34.10
N THR C 126 13.24 18.72 34.40
CA THR C 126 11.80 18.93 34.33
C THR C 126 11.04 18.62 35.63
N GLY C 127 11.68 17.90 36.54
CA GLY C 127 11.03 17.53 37.77
C GLY C 127 9.97 16.46 37.62
N ARG C 128 9.87 15.86 36.44
CA ARG C 128 8.89 14.81 36.21
C ARG C 128 9.16 13.62 37.14
N PRO C 129 8.11 12.93 37.58
CA PRO C 129 8.22 11.73 38.41
C PRO C 129 9.17 10.69 37.83
N VAL C 130 9.96 10.07 38.68
CA VAL C 130 10.96 9.11 38.22
C VAL C 130 10.28 7.91 37.57
N HIS C 131 9.14 7.51 38.08
CA HIS C 131 8.43 6.40 37.48
C HIS C 131 7.95 6.72 36.05
N GLN C 132 7.52 7.96 35.83
CA GLN C 132 7.08 8.39 34.52
C GLN C 132 8.22 8.32 33.51
N ALA C 133 9.39 8.80 33.92
CA ALA C 133 10.56 8.78 33.06
C ALA C 133 11.01 7.36 32.77
N ARG C 134 10.89 6.48 33.75
CA ARG C 134 11.34 5.10 33.57
C ARG C 134 10.42 4.27 32.69
N THR C 135 9.13 4.58 32.69
CA THR C 135 8.18 3.77 31.96
C THR C 135 7.70 4.42 30.66
N LEU C 136 7.64 5.75 30.63
CA LEU C 136 7.20 6.45 29.43
C LEU C 136 8.35 7.09 28.67
N ASP C 137 8.99 8.09 29.27
CA ASP C 137 9.90 8.96 28.53
C ASP C 137 11.07 8.25 27.85
N ILE C 138 11.88 7.55 28.64
CA ILE C 138 13.07 6.91 28.07
C ILE C 138 12.74 5.71 27.17
N PRO C 139 11.87 4.79 27.63
CA PRO C 139 11.51 3.68 26.75
C PRO C 139 10.92 4.11 25.39
N ARG C 140 10.03 5.10 25.38
CA ARG C 140 9.44 5.55 24.12
C ARG C 140 10.48 6.17 23.20
N ALA C 141 11.49 6.81 23.78
CA ALA C 141 12.55 7.40 22.96
C ALA C 141 13.45 6.33 22.36
N ILE C 142 13.64 5.23 23.08
CA ILE C 142 14.39 4.13 22.54
C ILE C 142 13.55 3.48 21.43
N ALA C 143 12.24 3.42 21.66
CA ALA C 143 11.32 2.86 20.67
C ALA C 143 11.27 3.66 19.36
N ASN C 144 11.45 4.97 19.45
CA ASN C 144 11.45 5.80 18.25
C ASN C 144 12.57 5.39 17.27
N PHE C 145 13.77 5.21 17.80
CA PHE C 145 14.87 4.80 16.96
C PHE C 145 14.65 3.41 16.37
N ARG C 146 14.18 2.49 17.20
CA ARG C 146 14.04 1.11 16.74
C ARG C 146 12.94 0.95 15.70
N THR C 147 11.85 1.69 15.88
CA THR C 147 10.72 1.60 14.98
C THR C 147 11.04 2.19 13.61
N PHE C 148 11.69 3.35 13.59
CA PHE C 148 12.01 3.98 12.32
C PHE C 148 13.19 3.30 11.62
N ALA C 149 14.08 2.69 12.38
CA ALA C 149 15.09 1.84 11.75
C ALA C 149 14.40 0.66 11.05
N ASP C 150 13.39 0.07 11.71
CA ASP C 150 12.68 -1.08 11.14
C ASP C 150 11.86 -0.70 9.90
N LEU C 151 11.17 0.44 9.98
CA LEU C 151 10.38 0.95 8.88
C LEU C 151 11.24 1.20 7.66
N ALA C 152 12.44 1.71 7.89
CA ALA C 152 13.36 2.04 6.81
C ALA C 152 13.82 0.80 6.05
N LYS C 153 13.89 -0.31 6.76
CA LYS C 153 14.31 -1.56 6.15
C LYS C 153 13.21 -2.21 5.34
N THR C 154 11.96 -1.96 5.72
CA THR C 154 10.84 -2.61 5.05
C THR C 154 10.15 -1.71 4.01
N SER C 155 10.55 -0.45 3.94
CA SER C 155 9.84 0.49 3.07
C SER C 155 10.24 0.24 1.62
N HIS C 156 9.29 0.45 0.71
CA HIS C 156 9.60 0.40 -0.71
C HIS C 156 8.79 1.45 -1.44
N THR C 157 8.92 1.49 -2.75
CA THR C 157 8.26 2.51 -3.54
C THR C 157 7.46 1.87 -4.67
N ASP C 158 7.12 2.66 -5.69
CA ASP C 158 6.08 2.29 -6.64
C ASP C 158 6.56 2.13 -8.09
N LEU C 159 5.87 1.26 -8.81
CA LEU C 159 6.10 1.08 -10.25
C LEU C 159 4.77 1.32 -11.00
N PHE C 160 4.84 2.17 -12.03
CA PHE C 160 3.70 2.48 -12.88
C PHE C 160 4.04 2.14 -14.35
N GLU C 161 3.29 1.23 -14.94
CA GLU C 161 3.44 0.93 -16.38
C GLU C 161 2.49 1.80 -17.19
N MET C 162 2.94 2.26 -18.36
CA MET C 162 2.06 3.09 -19.18
C MET C 162 2.23 2.83 -20.65
N SER C 163 1.14 3.06 -21.38
CA SER C 163 1.15 2.89 -22.83
C SER C 163 1.60 4.18 -23.47
N THR C 164 2.17 4.07 -24.66
CA THR C 164 2.60 5.25 -25.42
C THR C 164 2.10 5.15 -26.85
N SER C 165 2.06 6.28 -27.54
CA SER C 165 1.69 6.36 -28.97
C SER C 165 2.33 5.33 -29.88
N ASP C 166 3.61 5.05 -29.68
CA ASP C 166 4.33 4.13 -30.56
C ASP C 166 4.21 2.65 -30.21
N GLY C 167 3.44 2.35 -29.16
CA GLY C 167 3.18 0.96 -28.77
C GLY C 167 4.24 0.29 -27.92
N SER C 168 5.32 1.01 -27.61
CA SER C 168 6.42 0.44 -26.86
C SER C 168 6.26 0.64 -25.37
N GLY C 169 5.52 1.68 -25.01
CA GLY C 169 5.24 1.97 -23.62
C GLY C 169 6.38 2.64 -22.89
N ALA C 170 6.16 2.84 -21.59
CA ALA C 170 7.13 3.50 -20.74
C ALA C 170 6.97 2.95 -19.31
N LEU C 171 7.97 3.18 -18.48
CA LEU C 171 7.92 2.77 -17.08
C LEU C 171 8.22 3.97 -16.21
N ASN C 172 7.33 4.26 -15.27
CA ASN C 172 7.63 5.21 -14.22
C ASN C 172 7.89 4.47 -12.92
N TYR C 173 9.04 4.73 -12.30
CA TYR C 173 9.26 4.26 -10.93
C TYR C 173 9.68 5.37 -9.97
N THR C 174 9.38 5.17 -8.70
CA THR C 174 9.75 6.15 -7.69
C THR C 174 10.83 5.63 -6.78
N VAL C 175 11.62 6.56 -6.25
CA VAL C 175 12.63 6.21 -5.27
C VAL C 175 12.57 7.19 -4.10
N ARG C 176 12.99 6.74 -2.92
CA ARG C 176 13.13 7.63 -1.77
C ARG C 176 14.61 7.94 -1.58
N LYS C 177 14.92 9.22 -1.54
CA LYS C 177 16.28 9.68 -1.33
C LYS C 177 16.29 10.52 -0.06
N PRO C 178 17.46 10.68 0.59
CA PRO C 178 17.51 11.61 1.72
C PRO C 178 17.07 12.97 1.23
N LEU C 179 16.25 13.66 2.02
CA LEU C 179 15.85 15.02 1.71
C LEU C 179 17.05 15.98 1.79
N GLY C 180 17.95 15.71 2.73
CA GLY C 180 19.13 16.55 2.91
C GLY C 180 19.40 16.84 4.39
N VAL C 181 19.57 18.10 4.73
CA VAL C 181 19.78 18.47 6.12
C VAL C 181 18.46 18.82 6.78
N ILE C 182 18.13 18.07 7.83
CA ILE C 182 16.91 18.32 8.56
C ILE C 182 17.19 19.18 9.79
N GLY C 183 16.60 20.36 9.84
CA GLY C 183 16.62 21.18 11.04
C GLY C 183 15.49 20.73 11.97
N VAL C 184 15.84 20.40 13.21
CA VAL C 184 14.88 19.94 14.23
C VAL C 184 14.80 20.93 15.40
N ILE C 185 13.60 21.40 15.71
CA ILE C 185 13.39 22.32 16.85
C ILE C 185 12.25 21.82 17.75
N SER C 186 12.60 21.50 18.98
CA SER C 186 11.73 20.72 19.85
C SER C 186 11.40 21.41 21.19
N PRO C 187 10.29 20.98 21.82
CA PRO C 187 9.80 21.61 23.04
C PRO C 187 10.25 20.89 24.33
N TRP C 188 9.77 21.36 25.47
CA TRP C 188 10.23 20.85 26.75
C TRP C 188 9.29 19.88 27.43
N ASP C 189 8.09 19.66 26.89
CA ASP C 189 7.13 18.84 27.63
C ASP C 189 7.49 17.34 27.77
N LEU C 190 7.84 16.71 26.65
CA LEU C 190 8.40 15.36 26.67
C LEU C 190 9.72 15.46 25.92
N PRO C 191 10.78 15.90 26.62
CA PRO C 191 12.00 16.38 25.98
C PRO C 191 12.63 15.35 25.03
N LEU C 192 13.14 14.25 25.56
CA LEU C 192 13.80 13.25 24.72
C LEU C 192 12.82 12.54 23.77
N LEU C 193 11.64 12.21 24.24
CA LEU C 193 10.62 11.56 23.42
C LEU C 193 10.33 12.36 22.14
N LEU C 194 9.99 13.64 22.29
CA LEU C 194 9.70 14.49 21.13
C LEU C 194 10.90 14.85 20.29
N PHE C 195 12.08 14.81 20.90
CA PHE C 195 13.31 15.08 20.21
C PHE C 195 13.57 13.90 19.27
N THR C 196 13.50 12.70 19.83
CA THR C 196 13.85 11.52 19.07
C THR C 196 12.76 11.13 18.06
N TRP C 197 11.54 11.60 18.31
CA TRP C 197 10.43 11.43 17.38
C TRP C 197 10.76 12.04 16.01
N LYS C 198 11.59 13.08 16.01
CA LYS C 198 11.98 13.75 14.75
C LYS C 198 13.32 13.24 14.26
N VAL C 199 14.26 13.10 15.19
CA VAL C 199 15.62 12.71 14.84
C VAL C 199 15.68 11.29 14.29
N ALA C 200 14.96 10.37 14.92
CA ALA C 200 14.99 8.99 14.48
C ALA C 200 14.56 8.77 13.00
N PRO C 201 13.39 9.31 12.58
CA PRO C 201 13.07 9.11 11.15
C PRO C 201 13.96 9.95 10.21
N ALA C 202 14.42 11.11 10.67
CA ALA C 202 15.31 11.90 9.83
C ALA C 202 16.54 11.05 9.52
N LEU C 203 17.10 10.41 10.55
CA LEU C 203 18.29 9.60 10.34
C LEU C 203 17.95 8.31 9.59
N ALA C 204 16.82 7.71 9.93
CA ALA C 204 16.39 6.47 9.27
C ALA C 204 16.28 6.66 7.74
N CYS C 205 15.89 7.87 7.32
CA CYS C 205 15.79 8.16 5.91
C CYS C 205 17.11 8.64 5.28
N GLY C 206 18.21 8.54 6.02
CA GLY C 206 19.52 8.83 5.47
C GLY C 206 19.87 10.31 5.44
N ASN C 207 19.01 11.13 6.05
CA ASN C 207 19.31 12.55 6.21
C ASN C 207 20.40 12.78 7.25
N THR C 208 20.88 14.02 7.31
CA THR C 208 21.69 14.47 8.44
C THR C 208 20.90 15.52 9.20
N VAL C 209 21.31 15.81 10.43
CA VAL C 209 20.45 16.53 11.37
C VAL C 209 21.17 17.67 12.09
N VAL C 210 20.54 18.83 12.15
CA VAL C 210 20.96 19.87 13.08
C VAL C 210 19.79 20.11 14.03
N ALA C 211 20.00 19.81 15.31
CA ALA C 211 18.90 19.78 16.27
C ALA C 211 19.11 20.71 17.45
N LYS C 212 18.06 21.48 17.73
CA LYS C 212 18.07 22.50 18.78
C LYS C 212 16.97 22.17 19.79
N PRO C 213 17.35 21.57 20.92
CA PRO C 213 16.34 21.21 21.94
C PRO C 213 15.90 22.45 22.70
N SER C 214 14.84 22.32 23.50
CA SER C 214 14.33 23.43 24.28
C SER C 214 15.37 23.89 25.30
N GLU C 215 15.49 25.19 25.47
CA GLU C 215 16.37 25.76 26.49
C GLU C 215 16.04 25.26 27.91
N GLU C 216 14.80 24.81 28.10
CA GLU C 216 14.33 24.35 29.40
C GLU C 216 14.70 22.90 29.70
N SER C 217 15.01 22.15 28.64
CA SER C 217 15.28 20.73 28.79
C SER C 217 16.45 20.26 27.92
N PRO C 218 17.65 20.79 28.17
CA PRO C 218 18.75 20.53 27.23
C PRO C 218 19.59 19.28 27.56
N SER C 219 19.30 18.61 28.66
CA SER C 219 20.21 17.59 29.18
C SER C 219 20.16 16.25 28.48
N SER C 220 18.97 15.66 28.35
CA SER C 220 18.87 14.35 27.72
C SER C 220 19.36 14.40 26.26
N ALA C 221 19.19 15.54 25.61
CA ALA C 221 19.66 15.74 24.23
C ALA C 221 21.17 15.72 24.17
N THR C 222 21.81 16.28 25.20
CA THR C 222 23.26 16.26 25.27
C THR C 222 23.78 14.84 25.48
N LEU C 223 23.12 14.10 26.37
CA LEU C 223 23.48 12.70 26.60
C LEU C 223 23.38 11.91 25.30
N LEU C 224 22.34 12.20 24.52
CA LEU C 224 22.13 11.53 23.25
C LEU C 224 23.29 11.77 22.29
N ALA C 225 23.76 13.01 22.23
CA ALA C 225 24.94 13.32 21.43
C ALA C 225 26.18 12.51 21.86
N GLU C 226 26.28 12.19 23.16
CA GLU C 226 27.36 11.34 23.64
C GLU C 226 27.14 9.92 23.16
N VAL C 227 25.90 9.46 23.18
CA VAL C 227 25.59 8.14 22.67
C VAL C 227 25.90 8.01 21.16
N MET C 228 25.52 9.03 20.39
CA MET C 228 25.81 9.07 18.96
C MET C 228 27.31 8.95 18.73
N HIS C 229 28.07 9.80 19.41
CA HIS C 229 29.52 9.79 19.34
C HIS C 229 30.09 8.43 19.70
N ASP C 230 29.64 7.88 20.82
CA ASP C 230 30.16 6.61 21.27
C ASP C 230 29.75 5.46 20.35
N ALA C 231 28.67 5.65 19.59
CA ALA C 231 28.18 4.62 18.67
C ALA C 231 28.92 4.68 17.34
N GLY C 232 29.71 5.74 17.16
CA GLY C 232 30.50 5.90 15.97
C GLY C 232 29.73 6.51 14.83
N VAL C 233 28.64 7.21 15.15
CA VAL C 233 27.90 7.96 14.15
C VAL C 233 28.88 8.95 13.52
N PRO C 234 29.07 8.87 12.19
CA PRO C 234 30.05 9.71 11.47
C PRO C 234 29.89 11.19 11.78
N PRO C 235 31.02 11.90 11.90
CA PRO C 235 31.06 13.33 12.22
C PRO C 235 30.16 14.13 11.28
N GLY C 236 29.30 14.97 11.85
CA GLY C 236 28.44 15.83 11.06
C GLY C 236 27.07 15.24 10.75
N VAL C 237 26.87 13.95 11.02
CA VAL C 237 25.57 13.33 10.75
C VAL C 237 24.51 13.88 11.72
N PHE C 238 24.90 13.98 12.98
CA PHE C 238 24.03 14.50 14.04
C PHE C 238 24.70 15.68 14.74
N ASN C 239 24.07 16.85 14.69
CA ASN C 239 24.64 18.03 15.33
C ASN C 239 23.63 18.64 16.32
N LEU C 240 24.12 18.97 17.50
CA LEU C 240 23.29 19.48 18.58
C LEU C 240 23.68 20.91 18.89
N ILE C 241 22.73 21.82 18.77
CA ILE C 241 22.99 23.20 19.10
C ILE C 241 22.06 23.66 20.21
N HIS C 242 22.62 24.23 21.26
CA HIS C 242 21.81 24.72 22.37
C HIS C 242 21.49 26.19 22.19
N GLY C 243 20.41 26.64 22.82
CA GLY C 243 20.07 28.04 22.71
C GLY C 243 18.59 28.31 22.78
N PHE C 244 18.22 29.52 22.43
CA PHE C 244 16.85 29.98 22.52
C PHE C 244 16.26 30.06 21.12
N GLY C 245 15.11 30.70 21.00
CA GLY C 245 14.45 30.82 19.73
C GLY C 245 14.80 32.11 19.04
N LYS C 246 13.97 33.13 19.29
CA LYS C 246 14.19 34.47 18.74
C LYS C 246 15.61 34.97 19.00
N ASP C 247 16.26 35.43 17.94
CA ASP C 247 17.60 35.99 18.04
C ASP C 247 18.64 35.04 18.63
N SER C 248 18.38 33.75 18.51
CA SER C 248 19.29 32.73 19.02
C SER C 248 19.39 31.56 18.03
N ALA C 249 19.99 30.46 18.50
CA ALA C 249 20.25 29.27 17.67
C ALA C 249 19.03 28.80 16.87
N GLY C 250 17.84 28.88 17.47
CA GLY C 250 16.62 28.42 16.83
C GLY C 250 16.28 29.24 15.61
N GLU C 251 16.22 30.55 15.79
CA GLU C 251 16.02 31.46 14.68
C GLU C 251 17.09 31.27 13.60
N PHE C 252 18.36 31.23 14.00
CA PHE C 252 19.47 31.07 13.05
C PHE C 252 19.31 29.81 12.20
N LEU C 253 18.97 28.69 12.84
CA LEU C 253 18.72 27.43 12.14
C LEU C 253 17.63 27.59 11.06
N THR C 254 16.51 28.19 11.43
CA THR C 254 15.39 28.33 10.50
C THR C 254 15.68 29.30 9.35
N GLN C 255 16.66 30.18 9.54
CA GLN C 255 17.01 31.13 8.50
C GLN C 255 18.15 30.62 7.61
N HIS C 256 18.79 29.53 8.02
CA HIS C 256 19.94 29.04 7.28
C HIS C 256 19.48 28.35 6.00
N PRO C 257 20.01 28.81 4.85
CA PRO C 257 19.63 28.35 3.51
C PRO C 257 20.15 26.95 3.18
N GLY C 258 21.00 26.41 4.04
CA GLY C 258 21.59 25.10 3.81
C GLY C 258 20.72 23.92 4.22
N ILE C 259 19.69 24.16 5.03
CA ILE C 259 18.79 23.08 5.43
C ILE C 259 17.79 22.77 4.33
N SER C 260 17.20 21.57 4.37
CA SER C 260 16.23 21.18 3.35
C SER C 260 14.82 21.13 3.92
N ALA C 261 14.73 21.04 5.23
CA ALA C 261 13.44 20.97 5.91
C ALA C 261 13.58 21.44 7.36
N LEU C 262 12.50 21.98 7.89
CA LEU C 262 12.43 22.33 9.29
C LEU C 262 11.24 21.59 9.88
N THR C 263 11.49 20.64 10.77
CA THR C 263 10.39 19.98 11.48
C THR C 263 10.28 20.54 12.90
N PHE C 264 9.07 20.85 13.31
CA PHE C 264 8.91 21.62 14.52
C PHE C 264 7.74 21.18 15.37
N THR C 265 7.94 21.23 16.69
CA THR C 265 6.90 20.99 17.66
C THR C 265 6.95 22.06 18.75
N GLY C 266 5.87 22.79 18.93
CA GLY C 266 5.83 23.91 19.87
C GLY C 266 4.54 24.71 19.82
N GLU C 267 4.62 25.98 20.20
CA GLU C 267 3.44 26.86 20.17
C GLU C 267 3.00 27.18 18.75
N SER C 268 1.70 27.35 18.56
CA SER C 268 1.17 27.72 17.25
C SER C 268 1.78 29.01 16.69
N LYS C 269 1.94 30.03 17.53
CA LYS C 269 2.52 31.29 17.07
C LYS C 269 3.99 31.14 16.64
N THR C 270 4.71 30.24 17.30
CA THR C 270 6.10 29.99 16.96
C THR C 270 6.16 29.31 15.58
N GLY C 271 5.20 28.41 15.32
CA GLY C 271 5.10 27.74 14.04
C GLY C 271 4.83 28.71 12.90
N SER C 272 3.93 29.65 13.11
CA SER C 272 3.65 30.66 12.11
C SER C 272 4.90 31.48 11.80
N THR C 273 5.67 31.76 12.85
CA THR C 273 6.92 32.52 12.74
C THR C 273 7.95 31.76 11.92
N ILE C 274 8.13 30.49 12.26
CA ILE C 274 9.04 29.64 11.52
C ILE C 274 8.63 29.54 10.05
N MET C 275 7.34 29.40 9.80
CA MET C 275 6.83 29.26 8.43
C MET C 275 7.21 30.47 7.58
N LYS C 276 7.18 31.65 8.19
CA LYS C 276 7.62 32.86 7.51
C LYS C 276 9.13 32.88 7.28
N ALA C 277 9.87 32.37 8.26
CA ALA C 277 11.33 32.37 8.18
C ALA C 277 11.88 31.49 7.05
N VAL C 278 11.24 30.34 6.82
CA VAL C 278 11.74 29.42 5.80
C VAL C 278 11.11 29.66 4.42
N ALA C 279 10.21 30.62 4.35
CA ALA C 279 9.39 30.84 3.15
C ALA C 279 10.20 31.19 1.91
N ASP C 280 11.23 32.01 2.08
CA ASP C 280 12.05 32.40 0.94
C ASP C 280 12.89 31.22 0.42
N GLY C 281 13.20 30.26 1.28
CA GLY C 281 13.91 29.07 0.83
C GLY C 281 12.97 27.97 0.36
N VAL C 282 11.66 28.19 0.51
CA VAL C 282 10.62 27.20 0.23
C VAL C 282 10.97 25.82 0.83
N LYS C 283 11.47 25.85 2.06
CA LYS C 283 11.84 24.65 2.76
C LYS C 283 10.59 23.83 3.08
N GLU C 284 10.75 22.50 3.08
CA GLU C 284 9.69 21.61 3.55
C GLU C 284 9.49 21.84 5.04
N VAL C 285 8.24 21.81 5.48
CA VAL C 285 7.95 22.03 6.89
C VAL C 285 6.97 21.00 7.42
N SER C 286 7.14 20.65 8.70
CA SER C 286 6.21 19.78 9.40
C SER C 286 6.00 20.42 10.76
N PHE C 287 4.77 20.78 11.07
CA PHE C 287 4.46 21.47 12.33
C PHE C 287 3.46 20.69 13.17
N GLU C 288 3.80 20.51 14.44
CA GLU C 288 2.89 19.96 15.43
C GLU C 288 2.76 21.01 16.51
N LEU C 289 1.59 21.64 16.58
CA LEU C 289 1.46 22.88 17.34
C LEU C 289 0.52 22.74 18.53
N GLY C 290 -0.04 23.85 19.00
CA GLY C 290 -0.83 23.83 20.23
C GLY C 290 -2.15 23.09 20.13
N GLY C 291 -2.83 22.94 21.25
CA GLY C 291 -4.19 22.41 21.26
C GLY C 291 -4.97 22.95 22.45
N LYS C 292 -6.30 22.94 22.36
CA LYS C 292 -7.15 23.10 23.53
C LYS C 292 -8.10 21.92 23.49
N ASN C 293 -7.59 20.77 23.90
CA ASN C 293 -8.26 19.49 23.65
C ASN C 293 -9.42 19.25 24.57
N ALA C 294 -10.49 18.68 24.04
CA ALA C 294 -11.66 18.34 24.83
C ALA C 294 -11.73 16.86 25.19
N ALA C 295 -12.37 16.57 26.31
CA ALA C 295 -12.81 15.21 26.59
C ALA C 295 -14.32 15.23 26.66
N VAL C 296 -14.96 14.17 26.17
CA VAL C 296 -16.41 14.11 26.24
C VAL C 296 -16.88 12.82 26.90
N VAL C 297 -17.71 12.95 27.93
CA VAL C 297 -18.22 11.80 28.65
C VAL C 297 -19.73 11.68 28.41
N PHE C 298 -20.12 10.67 27.65
CA PHE C 298 -21.54 10.44 27.39
C PHE C 298 -22.18 9.70 28.52
N ALA C 299 -23.50 9.77 28.60
CA ALA C 299 -24.23 9.18 29.71
C ALA C 299 -23.95 7.67 29.83
N ASP C 300 -23.70 6.99 28.71
CA ASP C 300 -23.45 5.55 28.78
C ASP C 300 -21.98 5.16 29.01
N ALA C 301 -21.15 6.12 29.38
CA ALA C 301 -19.74 5.83 29.69
C ALA C 301 -19.65 4.98 30.95
N ASP C 302 -18.60 4.17 31.05
CA ASP C 302 -18.23 3.56 32.32
C ASP C 302 -17.72 4.71 33.16
N LEU C 303 -18.53 5.18 34.11
CA LEU C 303 -18.23 6.44 34.79
C LEU C 303 -16.91 6.44 35.55
N ASP C 304 -16.62 5.36 36.27
CA ASP C 304 -15.38 5.27 37.03
C ASP C 304 -14.16 5.34 36.13
N ALA C 305 -14.22 4.61 35.01
CA ALA C 305 -13.12 4.61 34.04
C ALA C 305 -12.95 6.01 33.46
N ALA C 306 -14.07 6.67 33.16
CA ALA C 306 -14.04 8.00 32.57
C ALA C 306 -13.41 9.01 33.53
N ILE C 307 -13.78 8.90 34.80
CA ILE C 307 -13.20 9.77 35.83
C ILE C 307 -11.69 9.55 35.92
N GLU C 308 -11.31 8.29 36.04
CA GLU C 308 -9.92 7.90 35.99
C GLU C 308 -9.26 8.44 34.72
N GLY C 309 -9.93 8.22 33.58
CA GLY C 309 -9.39 8.64 32.29
C GLY C 309 -9.14 10.13 32.21
N VAL C 310 -10.15 10.91 32.61
CA VAL C 310 -10.02 12.37 32.56
C VAL C 310 -9.01 12.92 33.57
N LEU C 311 -8.85 12.21 34.69
CA LEU C 311 -7.81 12.57 35.65
C LEU C 311 -6.43 12.45 35.00
N ARG C 312 -6.19 11.33 34.32
CA ARG C 312 -4.90 11.16 33.67
C ARG C 312 -4.72 12.20 32.59
N SER C 313 -5.76 12.41 31.80
CA SER C 313 -5.64 13.29 30.64
C SER C 313 -5.51 14.76 31.02
N SER C 314 -5.92 15.12 32.23
CA SER C 314 -5.85 16.52 32.66
C SER C 314 -4.57 16.84 33.45
N PHE C 315 -4.04 15.85 34.15
CA PHE C 315 -3.01 16.16 35.12
C PHE C 315 -1.67 15.45 34.92
N THR C 316 -1.60 14.55 33.95
CA THR C 316 -0.33 13.90 33.65
C THR C 316 0.72 14.95 33.31
N ASN C 317 1.93 14.76 33.84
CA ASN C 317 3.02 15.72 33.64
C ASN C 317 2.61 17.13 34.07
N SER C 318 1.76 17.18 35.09
CA SER C 318 1.18 18.41 35.60
C SER C 318 0.48 19.19 34.48
N GLY C 319 -0.20 18.44 33.62
CA GLY C 319 -0.98 18.99 32.51
C GLY C 319 -0.14 19.66 31.44
N GLN C 320 1.17 19.38 31.47
CA GLN C 320 2.09 19.95 30.52
C GLN C 320 2.35 18.93 29.42
N VAL C 321 1.28 18.45 28.78
CA VAL C 321 1.41 17.67 27.56
C VAL C 321 0.47 18.27 26.53
N CYS C 322 0.93 18.37 25.27
CA CYS C 322 0.09 18.91 24.22
C CYS C 322 -1.22 18.15 24.11
N LEU C 323 -1.19 16.86 24.45
CA LEU C 323 -2.36 16.02 24.31
C LEU C 323 -3.31 16.08 25.50
N CYS C 324 -2.98 16.87 26.52
CA CYS C 324 -3.85 16.98 27.70
C CYS C 324 -5.23 17.60 27.41
N SER C 325 -6.26 17.16 28.13
CA SER C 325 -7.59 17.74 28.01
C SER C 325 -7.79 18.92 28.95
N GLU C 326 -7.93 20.13 28.41
CA GLU C 326 -8.21 21.28 29.27
C GLU C 326 -9.70 21.68 29.29
N ARG C 327 -10.50 21.13 28.38
CA ARG C 327 -11.95 21.30 28.41
C ARG C 327 -12.58 19.93 28.57
N VAL C 328 -13.62 19.83 29.38
CA VAL C 328 -14.33 18.56 29.53
C VAL C 328 -15.83 18.77 29.45
N TYR C 329 -16.51 17.97 28.64
CA TYR C 329 -17.97 18.05 28.56
C TYR C 329 -18.56 16.76 29.06
N VAL C 330 -19.49 16.85 30.00
CA VAL C 330 -20.08 15.67 30.61
C VAL C 330 -21.60 15.71 30.47
N HIS C 331 -22.24 14.58 30.18
CA HIS C 331 -23.68 14.62 30.01
C HIS C 331 -24.35 15.09 31.30
N ARG C 332 -25.39 15.91 31.16
CA ARG C 332 -26.06 16.52 32.30
C ARG C 332 -26.48 15.50 33.34
N SER C 333 -27.06 14.39 32.90
CA SER C 333 -27.54 13.34 33.80
C SER C 333 -26.48 12.76 34.75
N ILE C 334 -25.21 12.95 34.42
CA ILE C 334 -24.13 12.41 35.25
C ILE C 334 -23.12 13.48 35.67
N PHE C 335 -23.40 14.73 35.31
CA PHE C 335 -22.45 15.82 35.52
C PHE C 335 -21.98 16.01 36.96
N ASP C 336 -22.92 16.09 37.91
CA ASP C 336 -22.55 16.33 39.31
C ASP C 336 -21.76 15.16 39.88
N GLU C 337 -22.25 13.95 39.62
CA GLU C 337 -21.58 12.75 40.08
C GLU C 337 -20.14 12.69 39.53
N PHE C 338 -19.96 13.12 38.29
CA PHE C 338 -18.64 13.13 37.67
C PHE C 338 -17.70 14.11 38.35
N VAL C 339 -18.16 15.35 38.50
CA VAL C 339 -17.31 16.38 39.07
C VAL C 339 -16.92 16.01 40.51
N SER C 340 -17.84 15.35 41.22
CA SER C 340 -17.56 14.90 42.59
C SER C 340 -16.45 13.86 42.63
N GLY C 341 -16.59 12.82 41.81
CA GLY C 341 -15.61 11.76 41.75
C GLY C 341 -14.25 12.30 41.34
N LEU C 342 -14.24 13.24 40.40
CA LEU C 342 -12.97 13.76 39.91
C LEU C 342 -12.30 14.61 40.97
N LYS C 343 -13.09 15.39 41.71
CA LYS C 343 -12.55 16.23 42.78
C LYS C 343 -11.81 15.36 43.79
N VAL C 344 -12.44 14.23 44.15
CA VAL C 344 -11.87 13.28 45.11
C VAL C 344 -10.53 12.76 44.62
N GLU C 345 -10.53 12.24 43.39
CA GLU C 345 -9.33 11.65 42.82
C GLU C 345 -8.22 12.68 42.70
N ALA C 346 -8.59 13.88 42.29
CA ALA C 346 -7.62 14.96 42.12
C ALA C 346 -6.97 15.32 43.46
N GLU C 347 -7.76 15.33 44.51
CA GLU C 347 -7.25 15.69 45.82
C GLU C 347 -6.38 14.60 46.43
N ARG C 348 -6.54 13.36 45.95
CA ARG C 348 -5.66 12.27 46.38
C ARG C 348 -4.30 12.29 45.67
N LEU C 349 -4.14 13.15 44.67
CA LEU C 349 -2.90 13.19 43.90
C LEU C 349 -1.75 13.71 44.75
N VAL C 350 -0.63 13.00 44.71
CA VAL C 350 0.54 13.38 45.47
C VAL C 350 1.49 14.29 44.68
N VAL C 351 1.55 15.54 45.10
CA VAL C 351 2.37 16.55 44.45
C VAL C 351 3.65 16.73 45.27
N GLY C 352 4.79 16.28 44.74
CA GLY C 352 6.02 16.32 45.50
C GLY C 352 7.28 15.97 44.72
N TYR C 353 8.22 15.30 45.40
CA TYR C 353 9.51 14.95 44.79
C TYR C 353 9.35 13.89 43.69
N PRO C 354 10.17 14.00 42.64
CA PRO C 354 10.11 13.03 41.54
C PRO C 354 10.34 11.61 42.04
N ASP C 355 11.07 11.47 43.14
CA ASP C 355 11.33 10.14 43.69
C ASP C 355 10.55 9.84 44.97
N GLN C 356 9.74 10.80 45.40
CA GLN C 356 8.87 10.60 46.57
C GLN C 356 7.93 9.41 46.33
N ASP C 357 7.62 8.68 47.40
CA ASP C 357 6.74 7.51 47.27
C ASP C 357 5.34 7.94 46.88
N GLY C 358 4.79 7.24 45.89
CA GLY C 358 3.42 7.47 45.43
C GLY C 358 3.19 8.77 44.68
N VAL C 359 4.25 9.54 44.43
CA VAL C 359 4.12 10.84 43.78
C VAL C 359 3.40 10.72 42.44
N ASN C 360 2.52 11.66 42.14
CA ASN C 360 1.76 11.70 40.90
C ASN C 360 2.14 12.92 40.06
N MET C 361 2.39 14.04 40.74
CA MET C 361 2.74 15.27 40.05
C MET C 361 4.03 15.87 40.60
N GLY C 362 4.79 16.47 39.70
CA GLY C 362 5.95 17.26 40.06
C GLY C 362 5.63 18.71 39.77
N PRO C 363 6.65 19.55 39.66
CA PRO C 363 6.44 20.97 39.36
C PRO C 363 6.16 21.25 37.88
N LEU C 364 5.79 22.49 37.61
CA LEU C 364 5.81 23.03 36.27
C LEU C 364 7.28 23.22 35.89
N ILE C 365 7.52 23.37 34.60
CA ILE C 365 8.88 23.37 34.05
C ILE C 365 9.74 24.53 34.55
N SER C 366 9.11 25.67 34.82
CA SER C 366 9.85 26.86 35.17
C SER C 366 9.02 27.82 36.02
N HIS C 367 9.67 28.83 36.56
CA HIS C 367 8.99 29.86 37.36
C HIS C 367 8.20 30.75 36.44
N GLY C 368 8.79 31.11 35.30
CA GLY C 368 8.13 31.96 34.32
C GLY C 368 6.86 31.30 33.83
N HIS C 369 6.90 29.98 33.71
CA HIS C 369 5.73 29.26 33.25
C HIS C 369 4.70 29.22 34.36
N ARG C 370 5.15 29.09 35.60
CA ARG C 370 4.20 29.12 36.71
C ARG C 370 3.50 30.48 36.76
N ASP C 371 4.24 31.54 36.48
CA ASP C 371 3.66 32.88 36.45
C ASP C 371 2.50 32.94 35.47
N LYS C 372 2.70 32.42 34.26
CA LYS C 372 1.63 32.46 33.26
C LYS C 372 0.46 31.57 33.68
N VAL C 373 0.76 30.42 34.28
CA VAL C 373 -0.30 29.50 34.71
C VAL C 373 -1.13 30.07 35.87
N LEU C 374 -0.45 30.62 36.87
CA LEU C 374 -1.16 31.24 37.98
C LEU C 374 -1.98 32.42 37.49
N SER C 375 -1.44 33.13 36.49
CA SER C 375 -2.15 34.24 35.87
C SER C 375 -3.49 33.81 35.24
N TYR C 376 -3.55 32.58 34.75
CA TYR C 376 -4.80 32.03 34.23
C TYR C 376 -5.68 31.58 35.37
N TYR C 377 -5.08 31.08 36.44
CA TYR C 377 -5.83 30.69 37.62
C TYR C 377 -6.67 31.89 38.10
N ARG C 378 -6.02 33.05 38.15
CA ARG C 378 -6.70 34.28 38.55
C ARG C 378 -7.69 34.74 37.49
N LEU C 379 -7.30 34.70 36.22
CA LEU C 379 -8.18 35.06 35.12
C LEU C 379 -9.47 34.25 35.17
N ALA C 380 -9.36 32.99 35.54
CA ALA C 380 -10.53 32.11 35.64
C ALA C 380 -11.51 32.61 36.68
N VAL C 381 -10.97 33.05 37.81
CA VAL C 381 -11.78 33.56 38.92
C VAL C 381 -12.54 34.80 38.45
N ASP C 382 -11.80 35.75 37.89
CA ASP C 382 -12.40 36.96 37.35
C ASP C 382 -13.44 36.67 36.28
N GLU C 383 -13.28 35.56 35.56
CA GLU C 383 -14.22 35.21 34.49
C GLU C 383 -15.47 34.53 35.03
N GLY C 384 -15.49 34.26 36.33
CA GLY C 384 -16.70 33.74 36.97
C GLY C 384 -16.64 32.27 37.38
N ALA C 385 -15.47 31.67 37.24
CA ALA C 385 -15.33 30.25 37.50
C ALA C 385 -15.61 29.91 38.96
N THR C 386 -16.14 28.71 39.16
CA THR C 386 -16.22 28.11 40.48
C THR C 386 -15.03 27.17 40.63
N VAL C 387 -14.16 27.45 41.59
CA VAL C 387 -12.97 26.62 41.82
C VAL C 387 -13.34 25.36 42.61
N VAL C 388 -13.55 24.26 41.90
CA VAL C 388 -13.89 22.98 42.55
C VAL C 388 -12.73 22.45 43.40
N THR C 389 -11.50 22.65 42.92
CA THR C 389 -10.31 22.23 43.68
C THR C 389 -9.07 22.95 43.18
N GLY C 390 -8.06 23.05 44.02
CA GLY C 390 -6.80 23.68 43.65
C GLY C 390 -6.93 25.18 43.45
N GLY C 391 -6.27 25.70 42.42
CA GLY C 391 -6.36 27.11 42.10
C GLY C 391 -5.29 27.96 42.75
N GLY C 392 -4.25 27.32 43.29
CA GLY C 392 -3.11 28.02 43.86
C GLY C 392 -1.86 27.16 43.87
N VAL C 393 -0.90 27.47 44.73
CA VAL C 393 0.29 26.63 44.85
C VAL C 393 0.32 25.91 46.20
N PRO C 394 0.84 24.67 46.21
CA PRO C 394 0.93 23.90 47.45
C PRO C 394 2.01 24.43 48.39
N LYS C 395 1.87 24.16 49.69
CA LYS C 395 2.87 24.60 50.67
C LYS C 395 3.68 23.44 51.21
N PHE C 396 4.99 23.51 51.06
CA PHE C 396 5.86 22.40 51.42
C PHE C 396 6.65 22.61 52.71
N ASN C 397 7.01 23.86 52.97
CA ASN C 397 7.89 24.19 54.08
C ASN C 397 9.26 23.53 53.93
N ASP C 398 9.73 23.46 52.68
CA ASP C 398 11.10 23.04 52.39
C ASP C 398 11.60 23.69 51.09
N GLU C 399 12.62 23.09 50.47
CA GLU C 399 13.21 23.65 49.26
C GLU C 399 12.22 23.73 48.10
N ARG C 400 11.19 22.89 48.13
CA ARG C 400 10.20 22.86 47.06
C ARG C 400 9.44 24.18 46.91
N ASP C 401 9.31 24.91 48.02
CA ASP C 401 8.71 26.25 47.99
C ASP C 401 9.58 27.19 47.16
N GLN C 402 10.82 26.80 46.89
CA GLN C 402 11.68 27.58 45.99
C GLN C 402 11.52 27.09 44.55
N GLY C 403 10.70 26.05 44.38
CA GLY C 403 10.45 25.47 43.07
C GLY C 403 9.32 26.14 42.32
N ALA C 404 8.66 25.39 41.45
CA ALA C 404 7.61 25.94 40.60
C ALA C 404 6.37 25.06 40.60
N TYR C 405 5.97 24.59 41.78
CA TYR C 405 4.76 23.79 41.89
C TYR C 405 3.47 24.61 41.80
N VAL C 406 2.40 23.97 41.33
CA VAL C 406 1.03 24.47 41.45
C VAL C 406 0.15 23.27 41.75
N GLN C 407 -1.09 23.51 42.12
CA GLN C 407 -2.02 22.45 42.46
C GLN C 407 -2.84 22.01 41.24
N PRO C 408 -3.21 20.73 41.19
CA PRO C 408 -4.20 20.30 40.20
C PRO C 408 -5.50 21.06 40.42
N THR C 409 -6.03 21.67 39.37
CA THR C 409 -7.17 22.56 39.49
C THR C 409 -8.35 22.14 38.61
N ILE C 410 -9.56 22.29 39.12
CA ILE C 410 -10.77 22.03 38.35
C ILE C 410 -11.73 23.21 38.44
N TRP C 411 -12.22 23.69 37.29
CA TRP C 411 -13.21 24.76 37.25
C TRP C 411 -14.54 24.27 36.71
N THR C 412 -15.62 24.92 37.15
CA THR C 412 -16.91 24.81 36.52
C THR C 412 -17.46 26.23 36.33
N GLY C 413 -18.63 26.35 35.74
CA GLY C 413 -19.34 27.62 35.67
C GLY C 413 -18.94 28.60 34.58
N LEU C 414 -17.99 28.24 33.72
CA LEU C 414 -17.56 29.16 32.67
C LEU C 414 -18.31 28.92 31.36
N SER C 415 -18.41 29.96 30.54
CA SER C 415 -19.08 29.84 29.25
C SER C 415 -18.10 29.40 28.17
N ASP C 416 -18.65 28.95 27.04
CA ASP C 416 -17.83 28.47 25.93
C ASP C 416 -16.89 29.52 25.36
N LYS C 417 -17.18 30.80 25.59
CA LYS C 417 -16.34 31.86 25.02
C LYS C 417 -15.32 32.46 25.99
N ALA C 418 -15.36 32.01 27.24
CA ALA C 418 -14.36 32.40 28.24
C ALA C 418 -12.96 32.11 27.73
N ARG C 419 -12.01 32.99 28.05
CA ARG C 419 -10.63 32.82 27.59
C ARG C 419 -9.98 31.56 28.17
N CYS C 420 -10.41 31.18 29.36
CA CYS C 420 -9.85 30.03 30.04
C CYS C 420 -10.33 28.72 29.45
N VAL C 421 -11.40 28.78 28.66
CA VAL C 421 -11.94 27.61 28.00
C VAL C 421 -11.47 27.55 26.53
N THR C 422 -10.96 28.65 26.00
CA THR C 422 -10.53 28.67 24.62
C THR C 422 -9.00 28.67 24.45
N GLU C 423 -8.31 29.35 25.36
CA GLU C 423 -6.86 29.50 25.23
C GLU C 423 -6.11 28.39 25.98
N GLU C 424 -5.03 27.92 25.37
CA GLU C 424 -4.19 26.89 25.97
C GLU C 424 -3.41 27.41 27.18
N ILE C 425 -3.59 26.74 28.31
CA ILE C 425 -2.92 27.13 29.54
C ILE C 425 -1.63 26.32 29.73
N PHE C 426 -1.72 25.02 29.42
CA PHE C 426 -0.58 24.11 29.57
C PHE C 426 -0.19 23.95 31.05
N GLY C 427 -1.20 23.72 31.88
CA GLY C 427 -1.02 23.43 33.29
C GLY C 427 -1.98 22.34 33.68
N PRO C 428 -1.96 21.90 34.96
CA PRO C 428 -2.78 20.79 35.42
C PRO C 428 -4.20 21.25 35.73
N VAL C 429 -4.94 21.60 34.70
CA VAL C 429 -6.22 22.22 34.92
C VAL C 429 -7.23 21.71 33.92
N CYS C 430 -8.48 21.59 34.35
CA CYS C 430 -9.58 21.37 33.42
C CYS C 430 -10.86 22.07 33.86
N HIS C 431 -11.61 22.51 32.86
CA HIS C 431 -12.93 23.05 33.10
C HIS C 431 -13.97 22.02 32.68
N ILE C 432 -14.98 21.84 33.50
CA ILE C 432 -16.00 20.86 33.20
C ILE C 432 -17.36 21.52 33.00
N SER C 433 -18.01 21.12 31.92
CA SER C 433 -19.20 21.79 31.43
C SER C 433 -20.24 20.71 31.12
N PRO C 434 -21.51 20.96 31.47
CA PRO C 434 -22.49 19.93 31.12
C PRO C 434 -22.93 20.07 29.65
N PHE C 435 -23.49 19.01 29.07
CA PHE C 435 -24.11 19.07 27.75
C PHE C 435 -25.34 18.18 27.72
N ASP C 436 -26.17 18.35 26.72
CA ASP C 436 -27.39 17.56 26.63
C ASP C 436 -27.48 16.70 25.38
N ASP C 437 -27.10 17.27 24.23
CA ASP C 437 -27.28 16.55 22.97
C ASP C 437 -25.97 16.21 22.27
N GLU C 438 -25.99 15.09 21.56
CA GLU C 438 -24.84 14.63 20.79
C GLU C 438 -24.36 15.67 19.79
N ASP C 439 -25.26 16.14 18.96
CA ASP C 439 -24.87 17.10 17.94
C ASP C 439 -24.40 18.41 18.56
N GLU C 440 -24.98 18.76 19.70
CA GLU C 440 -24.58 19.96 20.44
C GLU C 440 -23.10 19.89 20.87
N VAL C 441 -22.75 18.82 21.57
CA VAL C 441 -21.41 18.71 22.10
C VAL C 441 -20.38 18.54 20.98
N ILE C 442 -20.76 17.86 19.90
CA ILE C 442 -19.89 17.78 18.75
C ILE C 442 -19.55 19.19 18.28
N ASN C 443 -20.57 20.03 18.12
CA ASN C 443 -20.35 21.40 17.66
C ASN C 443 -19.49 22.22 18.63
N ARG C 444 -19.66 21.97 19.92
CA ARG C 444 -18.94 22.71 20.94
C ARG C 444 -17.47 22.27 21.02
N VAL C 445 -17.23 20.97 20.92
CA VAL C 445 -15.86 20.50 20.77
C VAL C 445 -15.21 21.16 19.55
N ASN C 446 -15.93 21.21 18.43
CA ASN C 446 -15.36 21.69 17.17
C ASN C 446 -15.19 23.21 17.07
N ASP C 447 -15.84 23.93 17.98
CA ASP C 447 -15.81 25.39 17.99
C ASP C 447 -14.52 25.87 18.65
N SER C 448 -13.43 25.70 17.91
CA SER C 448 -12.09 26.02 18.39
C SER C 448 -11.23 26.34 17.18
N ASN C 449 -10.23 27.19 17.36
CA ASN C 449 -9.24 27.41 16.32
C ASN C 449 -8.17 26.33 16.36
N TYR C 450 -8.23 25.48 17.38
CA TYR C 450 -7.32 24.34 17.52
C TYR C 450 -8.00 23.04 17.08
N GLY C 451 -7.21 22.00 16.81
CA GLY C 451 -7.77 20.71 16.45
C GLY C 451 -6.74 19.60 16.54
N LEU C 452 -6.21 19.37 17.75
CA LEU C 452 -5.16 18.37 17.92
C LEU C 452 -5.75 17.00 18.25
N ALA C 453 -6.38 16.89 19.39
CA ALA C 453 -6.91 15.59 19.83
C ALA C 453 -8.17 15.72 20.66
N CYS C 454 -8.85 14.59 20.83
CA CYS C 454 -10.07 14.54 21.62
C CYS C 454 -10.24 13.13 22.20
N ALA C 455 -10.82 13.04 23.39
CA ALA C 455 -11.18 11.76 23.98
C ALA C 455 -12.69 11.68 24.16
N ILE C 456 -13.25 10.54 23.80
CA ILE C 456 -14.68 10.30 23.91
C ILE C 456 -14.85 9.11 24.82
N TRP C 457 -15.86 9.17 25.69
CA TRP C 457 -16.17 8.06 26.57
C TRP C 457 -17.61 7.62 26.37
N THR C 458 -17.78 6.39 25.89
CA THR C 458 -19.11 5.82 25.69
C THR C 458 -18.93 4.32 25.55
N THR C 459 -19.95 3.55 25.93
CA THR C 459 -19.88 2.11 25.76
C THR C 459 -20.68 1.68 24.55
N ASN C 460 -21.31 2.63 23.87
CA ASN C 460 -22.16 2.33 22.73
C ASN C 460 -21.37 2.26 21.42
N LEU C 461 -21.53 1.15 20.72
CA LEU C 461 -20.83 0.89 19.47
C LEU C 461 -21.12 1.96 18.41
N SER C 462 -22.39 2.16 18.07
CA SER C 462 -22.77 3.13 17.04
C SER C 462 -22.29 4.52 17.38
N ARG C 463 -22.54 4.93 18.61
CA ARG C 463 -22.11 6.24 19.07
C ARG C 463 -20.61 6.46 18.98
N ALA C 464 -19.82 5.46 19.39
CA ALA C 464 -18.37 5.59 19.31
C ALA C 464 -17.90 5.98 17.90
N HIS C 465 -18.32 5.21 16.91
CA HIS C 465 -17.85 5.45 15.54
C HIS C 465 -18.49 6.68 14.87
N ARG C 466 -19.77 6.89 15.15
CA ARG C 466 -20.52 8.02 14.61
C ARG C 466 -19.98 9.36 15.10
N VAL C 467 -19.77 9.47 16.39
CA VAL C 467 -19.29 10.71 16.97
C VAL C 467 -17.83 10.95 16.66
N SER C 468 -17.01 9.90 16.82
CA SER C 468 -15.58 10.02 16.53
C SER C 468 -15.27 10.67 15.17
N ARG C 469 -15.96 10.22 14.13
CA ARG C 469 -15.65 10.67 12.77
C ARG C 469 -16.02 12.14 12.54
N GLN C 470 -16.82 12.69 13.45
CA GLN C 470 -17.29 14.07 13.33
C GLN C 470 -16.46 15.08 14.11
N ILE C 471 -15.49 14.60 14.89
CA ILE C 471 -14.62 15.51 15.64
C ILE C 471 -13.49 16.03 14.77
N HIS C 472 -13.40 17.35 14.66
CA HIS C 472 -12.43 17.96 13.76
C HIS C 472 -11.05 18.04 14.42
N VAL C 473 -10.39 16.89 14.60
CA VAL C 473 -9.03 16.84 15.14
C VAL C 473 -8.23 15.77 14.40
N GLY C 474 -6.94 15.69 14.71
CA GLY C 474 -6.08 14.69 14.11
C GLY C 474 -6.20 13.32 14.76
N LEU C 475 -6.45 13.30 16.06
CA LEU C 475 -6.52 12.06 16.85
C LEU C 475 -7.73 12.01 17.75
N VAL C 476 -8.54 10.98 17.62
CA VAL C 476 -9.58 10.73 18.60
C VAL C 476 -9.29 9.42 19.37
N TRP C 477 -9.36 9.47 20.70
CA TRP C 477 -9.31 8.23 21.50
C TRP C 477 -10.70 7.96 22.03
N VAL C 478 -11.10 6.70 22.03
CA VAL C 478 -12.38 6.33 22.60
C VAL C 478 -12.11 5.41 23.80
N ASN C 479 -12.57 5.84 24.97
CA ASN C 479 -12.35 5.09 26.22
C ASN C 479 -10.88 4.89 26.60
N THR C 480 -10.03 5.85 26.24
CA THR C 480 -8.65 5.82 26.69
C THR C 480 -8.03 7.17 26.39
N TRP C 481 -6.72 7.26 26.61
CA TRP C 481 -6.02 8.50 26.34
C TRP C 481 -4.54 8.20 26.13
N TYR C 482 -3.88 9.01 25.31
CA TYR C 482 -2.46 8.86 25.00
C TYR C 482 -2.02 7.41 24.80
N LEU C 483 -2.71 6.70 23.92
CA LEU C 483 -2.23 5.45 23.37
C LEU C 483 -1.61 5.83 22.05
N ARG C 484 -0.34 5.48 21.87
CA ARG C 484 0.34 5.81 20.62
C ARG C 484 0.98 4.58 19.95
N ASP C 485 0.60 4.38 18.70
CA ASP C 485 1.21 3.37 17.83
C ASP C 485 2.00 4.18 16.81
N LEU C 486 3.30 3.92 16.74
CA LEU C 486 4.19 4.75 15.95
C LEU C 486 4.01 4.61 14.43
N ARG C 487 3.14 3.70 14.00
CA ARG C 487 2.86 3.53 12.58
C ARG C 487 1.74 4.45 12.08
N THR C 488 0.96 4.97 13.02
CA THR C 488 -0.24 5.74 12.66
C THR C 488 0.14 7.13 12.21
N PRO C 489 -0.69 7.75 11.34
CA PRO C 489 -0.43 9.17 11.06
C PRO C 489 -0.75 10.00 12.30
N PHE C 490 0.09 11.00 12.57
CA PHE C 490 -0.10 11.83 13.75
C PHE C 490 0.06 13.29 13.37
N GLY C 491 -0.87 14.12 13.81
CA GLY C 491 -0.86 15.53 13.50
C GLY C 491 -2.15 16.20 13.92
N GLY C 492 -2.23 17.52 13.70
CA GLY C 492 -3.42 18.27 14.05
C GLY C 492 -3.96 19.07 12.88
N VAL C 493 -5.22 19.49 13.00
CA VAL C 493 -5.83 20.34 12.00
C VAL C 493 -5.89 21.79 12.49
N LYS C 494 -6.24 22.70 11.60
CA LYS C 494 -6.30 24.14 11.93
C LYS C 494 -5.01 24.64 12.56
N LEU C 495 -5.09 25.46 13.62
CA LEU C 495 -3.87 26.01 14.21
C LEU C 495 -3.00 24.93 14.86
N SER C 496 -3.54 23.72 15.01
CA SER C 496 -2.78 22.67 15.70
C SER C 496 -1.70 22.04 14.84
N GLY C 497 -1.64 22.41 13.57
CA GLY C 497 -0.51 21.96 12.77
C GLY C 497 -0.65 21.91 11.27
N LEU C 498 0.32 21.25 10.66
CA LEU C 498 0.43 21.17 9.22
C LEU C 498 1.21 19.89 8.94
N GLY C 499 0.67 19.05 8.06
CA GLY C 499 1.30 17.78 7.72
C GLY C 499 0.99 16.67 8.71
N ARG C 500 1.46 15.47 8.39
CA ARG C 500 1.35 14.34 9.29
C ARG C 500 2.72 13.72 9.39
N GLU C 501 3.00 13.10 10.54
CA GLU C 501 4.20 12.29 10.71
C GLU C 501 3.79 10.95 11.33
N GLY C 502 4.73 10.01 11.41
CA GLY C 502 4.40 8.67 11.85
C GLY C 502 4.37 7.72 10.67
N GLY C 503 4.76 6.47 10.91
CA GLY C 503 4.77 5.44 9.87
C GLY C 503 5.26 5.93 8.52
N ARG C 504 4.52 5.59 7.47
CA ARG C 504 4.90 5.95 6.11
C ARG C 504 4.92 7.46 5.90
N PHE C 505 4.18 8.19 6.73
CA PHE C 505 4.11 9.65 6.59
C PHE C 505 5.43 10.30 6.98
N SER C 506 6.08 9.76 8.01
CA SER C 506 7.46 10.15 8.30
C SER C 506 8.42 9.73 7.17
N MET C 507 8.30 8.49 6.71
CA MET C 507 9.18 8.00 5.65
C MET C 507 9.06 8.87 4.40
N ASP C 508 7.87 9.44 4.19
CA ASP C 508 7.62 10.33 3.06
C ASP C 508 8.12 11.74 3.32
N PHE C 509 7.79 12.30 4.48
CA PHE C 509 8.24 13.66 4.76
C PHE C 509 9.77 13.81 4.80
N TYR C 510 10.44 12.86 5.43
CA TYR C 510 11.89 12.95 5.59
C TYR C 510 12.67 12.42 4.37
N SER C 511 11.97 12.26 3.26
CA SER C 511 12.61 11.82 2.01
C SER C 511 12.22 12.66 0.82
N ASP C 512 13.14 12.77 -0.12
CA ASP C 512 12.86 13.18 -1.48
C ASP C 512 12.14 12.02 -2.13
N ILE C 513 10.93 12.23 -2.63
CA ILE C 513 10.29 11.24 -3.47
C ILE C 513 10.56 11.66 -4.91
N ALA C 514 11.35 10.87 -5.64
CA ALA C 514 11.66 11.22 -7.02
C ALA C 514 11.02 10.24 -8.00
N ASN C 515 10.53 10.76 -9.13
CA ASN C 515 9.92 9.93 -10.15
C ASN C 515 10.84 9.80 -11.37
N ILE C 516 11.13 8.57 -11.78
CA ILE C 516 11.98 8.33 -12.93
C ILE C 516 11.18 7.65 -14.04
N CYS C 517 11.07 8.32 -15.18
CA CYS C 517 10.27 7.81 -16.31
C CYS C 517 11.16 7.33 -17.46
N ILE C 518 11.10 6.04 -17.75
CA ILE C 518 11.92 5.45 -18.82
C ILE C 518 11.07 5.17 -20.06
N LYS C 519 11.39 5.81 -21.17
CA LYS C 519 10.73 5.49 -22.41
C LYS C 519 11.33 4.22 -22.95
N ILE C 520 10.49 3.27 -23.35
CA ILE C 520 11.00 2.00 -23.86
C ILE C 520 10.84 1.96 -25.39
N SER D 38 26.20 -37.64 15.67
CA SER D 38 26.07 -39.04 15.27
C SER D 38 24.60 -39.50 15.28
N GLN D 39 23.75 -38.78 16.00
CA GLN D 39 22.31 -39.08 16.01
C GLN D 39 21.40 -37.85 15.92
N LEU D 40 20.50 -37.88 14.95
CA LEU D 40 19.60 -36.75 14.73
C LEU D 40 18.19 -37.13 15.13
N LEU D 41 17.70 -36.47 16.18
CA LEU D 41 16.39 -36.76 16.74
C LEU D 41 15.32 -35.78 16.24
N ASN D 42 14.07 -36.25 16.27
CA ASN D 42 12.90 -35.39 16.04
C ASN D 42 12.70 -34.47 17.24
N TYR D 43 12.02 -33.34 17.03
CA TYR D 43 11.77 -32.42 18.12
C TYR D 43 10.27 -32.17 18.16
N ILE D 44 9.61 -32.72 19.18
CA ILE D 44 8.17 -32.74 19.21
C ILE D 44 7.67 -32.29 20.59
N ASP D 45 6.84 -31.26 20.58
CA ASP D 45 6.30 -30.67 21.80
C ASP D 45 7.38 -30.41 22.85
N GLY D 46 8.46 -29.76 22.44
CA GLY D 46 9.49 -29.34 23.38
C GLY D 46 10.48 -30.42 23.79
N ASN D 47 10.37 -31.61 23.19
CA ASN D 47 11.26 -32.72 23.51
C ASN D 47 11.94 -33.37 22.31
N PHE D 48 13.26 -33.56 22.41
CA PHE D 48 13.95 -34.38 21.42
C PHE D 48 13.59 -35.85 21.64
N VAL D 49 13.09 -36.49 20.61
CA VAL D 49 12.65 -37.87 20.75
C VAL D 49 13.19 -38.69 19.59
N THR D 50 13.50 -39.96 19.87
CA THR D 50 13.92 -40.90 18.84
C THR D 50 12.69 -41.55 18.23
N SER D 51 12.91 -42.60 17.44
CA SER D 51 11.83 -43.26 16.70
C SER D 51 12.14 -44.73 16.56
N ALA D 52 11.19 -45.47 15.98
CA ALA D 52 11.28 -46.92 15.84
C ALA D 52 12.40 -47.34 14.89
N SER D 53 12.59 -46.56 13.84
CA SER D 53 13.68 -46.84 12.90
C SER D 53 14.51 -45.59 12.61
N SER D 54 15.74 -45.82 12.15
CA SER D 54 16.61 -44.74 11.76
C SER D 54 17.12 -44.97 10.34
N PHE D 55 17.67 -43.93 9.73
CA PHE D 55 18.27 -44.07 8.41
C PHE D 55 19.59 -43.34 8.35
N ALA D 56 20.38 -43.67 7.34
CA ALA D 56 21.74 -43.19 7.28
C ALA D 56 21.83 -41.85 6.57
N ASN D 57 22.55 -40.93 7.20
CA ASN D 57 22.90 -39.67 6.56
C ASN D 57 24.35 -39.80 6.08
N ILE D 58 24.53 -39.74 4.76
CA ILE D 58 25.85 -39.99 4.14
C ILE D 58 26.53 -38.71 3.66
N ASN D 59 27.83 -38.61 3.91
CA ASN D 59 28.65 -37.52 3.40
C ASN D 59 28.94 -37.75 1.91
N PRO D 60 28.48 -36.82 1.05
CA PRO D 60 28.63 -37.01 -0.40
C PRO D 60 30.07 -36.75 -0.88
N VAL D 61 30.91 -36.23 -0.01
CA VAL D 61 32.33 -36.04 -0.35
C VAL D 61 33.08 -37.37 -0.42
N ASN D 62 32.71 -38.32 0.45
CA ASN D 62 33.51 -39.54 0.58
C ASN D 62 32.69 -40.79 0.83
N GLY D 63 31.37 -40.64 0.81
CA GLY D 63 30.48 -41.76 1.06
C GLY D 63 30.40 -42.27 2.48
N LYS D 64 31.11 -41.60 3.40
CA LYS D 64 31.10 -42.02 4.80
C LYS D 64 29.83 -41.64 5.57
N LEU D 65 29.44 -42.50 6.50
CA LEU D 65 28.32 -42.26 7.39
C LEU D 65 28.60 -41.08 8.32
N ILE D 66 27.65 -40.16 8.41
CA ILE D 66 27.78 -38.98 9.26
C ILE D 66 26.96 -39.17 10.52
N SER D 67 25.74 -39.68 10.32
CA SER D 67 24.81 -39.82 11.42
C SER D 67 23.71 -40.78 11.09
N ASP D 68 23.02 -41.22 12.15
CA ASP D 68 21.77 -41.95 12.01
C ASP D 68 20.65 -40.96 12.31
N VAL D 69 19.60 -41.00 11.50
CA VAL D 69 18.50 -40.05 11.61
C VAL D 69 17.21 -40.79 11.94
N PHE D 70 16.55 -40.39 13.02
CA PHE D 70 15.33 -41.10 13.43
C PHE D 70 14.12 -40.71 12.59
N GLU D 71 13.57 -41.68 11.87
CA GLU D 71 12.43 -41.45 11.02
C GLU D 71 11.10 -41.39 11.80
N ALA D 72 10.41 -40.26 11.71
CA ALA D 72 9.14 -40.09 12.39
C ALA D 72 8.07 -41.00 11.77
N ASP D 73 7.30 -41.68 12.62
CA ASP D 73 6.20 -42.49 12.12
C ASP D 73 4.92 -41.70 12.16
N ALA D 74 3.84 -42.30 11.66
CA ALA D 74 2.56 -41.63 11.60
C ALA D 74 2.08 -41.12 12.96
N LYS D 75 2.21 -41.93 14.01
CA LYS D 75 1.76 -41.51 15.34
C LYS D 75 2.53 -40.29 15.87
N GLN D 76 3.84 -40.26 15.58
CA GLN D 76 4.68 -39.12 15.96
C GLN D 76 4.34 -37.85 15.17
N VAL D 77 3.93 -38.03 13.93
CA VAL D 77 3.49 -36.91 13.10
C VAL D 77 2.20 -36.34 13.68
N ASN D 78 1.27 -37.23 14.02
CA ASN D 78 0.05 -36.81 14.70
C ASN D 78 0.34 -36.06 16.00
N GLU D 79 1.24 -36.62 16.79
CA GLU D 79 1.67 -36.00 18.02
C GLU D 79 2.20 -34.59 17.77
N ALA D 80 2.97 -34.43 16.70
CA ALA D 80 3.52 -33.12 16.36
C ALA D 80 2.40 -32.14 16.00
N VAL D 81 1.49 -32.56 15.13
CA VAL D 81 0.39 -31.69 14.72
C VAL D 81 -0.50 -31.30 15.90
N VAL D 82 -0.84 -32.29 16.72
CA VAL D 82 -1.66 -32.00 17.90
C VAL D 82 -0.95 -31.04 18.84
N ALA D 83 0.35 -31.24 19.04
CA ALA D 83 1.12 -30.36 19.90
C ALA D 83 1.15 -28.93 19.33
N ALA D 84 1.29 -28.84 18.02
CA ALA D 84 1.24 -27.54 17.34
C ALA D 84 -0.13 -26.87 17.49
N GLN D 85 -1.21 -27.64 17.28
CA GLN D 85 -2.57 -27.15 17.53
C GLN D 85 -2.74 -26.57 18.93
N ASN D 86 -2.27 -27.28 19.95
CA ASN D 86 -2.40 -26.83 21.33
C ASN D 86 -1.54 -25.63 21.65
N ALA D 87 -0.35 -25.55 21.05
CA ALA D 87 0.51 -24.42 21.31
C ALA D 87 -0.13 -23.10 20.84
N LEU D 88 -1.06 -23.19 19.90
CA LEU D 88 -1.76 -21.99 19.42
C LEU D 88 -2.56 -21.37 20.58
N LYS D 89 -2.97 -22.22 21.52
CA LYS D 89 -3.81 -21.82 22.65
C LYS D 89 -3.02 -21.48 23.91
N GLY D 90 -1.70 -21.68 23.85
CA GLY D 90 -0.84 -21.45 25.00
C GLY D 90 -0.23 -20.06 24.95
N PRO D 91 0.86 -19.86 25.72
CA PRO D 91 1.55 -18.56 25.84
C PRO D 91 1.91 -17.96 24.48
N TRP D 92 2.26 -18.82 23.53
CA TRP D 92 2.63 -18.37 22.18
C TRP D 92 1.52 -17.53 21.56
N GLY D 93 0.29 -18.03 21.70
CA GLY D 93 -0.88 -17.32 21.23
C GLY D 93 -1.11 -15.98 21.89
N LYS D 94 -0.51 -15.78 23.07
CA LYS D 94 -0.77 -14.57 23.85
C LYS D 94 0.30 -13.50 23.70
N LEU D 95 1.40 -13.80 23.00
CA LEU D 95 2.42 -12.80 22.80
C LEU D 95 1.89 -11.68 21.91
N SER D 96 2.31 -10.46 22.21
CA SER D 96 2.06 -9.35 21.30
C SER D 96 2.94 -9.58 20.08
N VAL D 97 2.67 -8.83 19.03
CA VAL D 97 3.48 -8.92 17.82
C VAL D 97 4.91 -8.48 18.13
N GLN D 98 5.07 -7.47 18.99
CA GLN D 98 6.40 -6.98 19.36
C GLN D 98 7.20 -8.02 20.14
N ASP D 99 6.53 -8.74 21.03
CA ASP D 99 7.20 -9.76 21.82
C ASP D 99 7.53 -10.98 20.97
N ARG D 100 6.60 -11.32 20.08
CA ARG D 100 6.84 -12.44 19.17
C ARG D 100 8.04 -12.13 18.28
N ALA D 101 8.10 -10.92 17.78
CA ALA D 101 9.20 -10.49 16.91
C ALA D 101 10.53 -10.50 17.66
N ALA D 102 10.50 -10.12 18.94
CA ALA D 102 11.70 -10.11 19.75
C ALA D 102 12.20 -11.54 19.91
N LEU D 103 11.28 -12.47 20.14
CA LEU D 103 11.64 -13.87 20.30
C LEU D 103 12.26 -14.46 19.02
N ILE D 104 11.70 -14.08 17.86
CA ILE D 104 12.23 -14.54 16.59
C ILE D 104 13.62 -13.98 16.36
N HIS D 105 13.87 -12.74 16.79
CA HIS D 105 15.25 -12.23 16.77
C HIS D 105 16.20 -13.03 17.66
N LYS D 106 15.70 -13.50 18.81
CA LYS D 106 16.51 -14.36 19.68
C LYS D 106 16.92 -15.65 18.99
N ILE D 107 16.00 -16.23 18.22
CA ILE D 107 16.29 -17.42 17.44
C ILE D 107 17.42 -17.11 16.47
N ALA D 108 17.31 -16.01 15.75
CA ALA D 108 18.37 -15.56 14.86
C ALA D 108 19.68 -15.40 15.62
N ASP D 109 19.61 -14.80 16.80
CA ASP D 109 20.79 -14.58 17.63
C ASP D 109 21.39 -15.93 18.05
N GLY D 110 20.54 -16.92 18.28
CA GLY D 110 20.97 -18.25 18.68
C GLY D 110 21.71 -18.98 17.56
N ILE D 111 21.27 -18.79 16.32
CA ILE D 111 21.98 -19.35 15.17
C ILE D 111 23.34 -18.67 15.09
N GLN D 112 23.34 -17.34 15.12
CA GLN D 112 24.56 -16.56 15.06
C GLN D 112 25.59 -17.00 16.13
N ALA D 113 25.11 -17.25 17.34
CA ALA D 113 25.99 -17.68 18.44
C ALA D 113 26.68 -19.03 18.18
N ARG D 114 26.04 -19.88 17.36
CA ARG D 114 26.62 -21.18 17.00
C ARG D 114 26.91 -21.24 15.50
N PHE D 115 27.34 -20.11 14.94
CA PHE D 115 27.51 -19.94 13.51
C PHE D 115 28.31 -21.07 12.82
N GLU D 116 29.51 -21.32 13.32
CA GLU D 116 30.37 -22.35 12.70
C GLU D 116 29.82 -23.77 12.84
N GLU D 117 29.13 -24.04 13.93
CA GLU D 117 28.43 -25.31 14.07
C GLU D 117 27.43 -25.55 12.93
N PHE D 118 26.68 -24.50 12.57
CA PHE D 118 25.72 -24.60 11.49
C PHE D 118 26.42 -24.76 10.14
N VAL D 119 27.49 -24.00 9.95
CA VAL D 119 28.34 -24.16 8.77
C VAL D 119 28.80 -25.61 8.63
N ALA D 120 29.34 -26.18 9.71
CA ALA D 120 29.84 -27.55 9.68
C ALA D 120 28.72 -28.52 9.34
N ALA D 121 27.56 -28.33 9.96
CA ALA D 121 26.41 -29.15 9.65
C ALA D 121 25.99 -29.09 8.18
N GLU D 122 25.88 -27.90 7.60
CA GLU D 122 25.47 -27.77 6.19
C GLU D 122 26.48 -28.44 5.28
N VAL D 123 27.75 -28.18 5.55
CA VAL D 123 28.82 -28.72 4.72
C VAL D 123 28.85 -30.25 4.78
N ALA D 124 28.72 -30.80 5.99
CA ALA D 124 28.76 -32.24 6.17
C ALA D 124 27.71 -32.95 5.33
N ASP D 125 26.49 -32.42 5.35
CA ASP D 125 25.36 -33.04 4.66
C ASP D 125 25.46 -32.91 3.15
N THR D 126 26.05 -31.83 2.67
CA THR D 126 25.92 -31.49 1.26
C THR D 126 27.24 -31.46 0.51
N GLY D 127 28.34 -31.26 1.22
CA GLY D 127 29.66 -31.14 0.58
C GLY D 127 29.88 -29.77 -0.05
N ARG D 128 29.02 -28.81 0.26
CA ARG D 128 29.17 -27.48 -0.32
C ARG D 128 30.46 -26.88 0.20
N PRO D 129 31.10 -26.02 -0.61
CA PRO D 129 32.34 -25.38 -0.15
C PRO D 129 32.11 -24.62 1.17
N VAL D 130 33.06 -24.71 2.09
CA VAL D 130 32.95 -24.02 3.38
C VAL D 130 32.66 -22.54 3.17
N HIS D 131 33.33 -21.94 2.19
CA HIS D 131 33.18 -20.51 1.95
C HIS D 131 31.75 -20.15 1.54
N GLN D 132 31.11 -21.02 0.76
CA GLN D 132 29.73 -20.79 0.35
C GLN D 132 28.80 -20.83 1.56
N ALA D 133 29.00 -21.81 2.43
CA ALA D 133 28.16 -21.95 3.61
C ALA D 133 28.34 -20.76 4.57
N ARG D 134 29.58 -20.31 4.71
CA ARG D 134 29.89 -19.16 5.57
C ARG D 134 29.30 -17.85 5.06
N THR D 135 29.11 -17.76 3.74
CA THR D 135 28.73 -16.49 3.14
C THR D 135 27.32 -16.46 2.55
N LEU D 136 26.89 -17.55 1.95
CA LEU D 136 25.52 -17.62 1.43
C LEU D 136 24.59 -18.30 2.43
N ASP D 137 24.83 -19.59 2.68
CA ASP D 137 23.81 -20.42 3.34
C ASP D 137 23.41 -19.99 4.75
N ILE D 138 24.37 -19.90 5.66
CA ILE D 138 24.03 -19.58 7.04
C ILE D 138 23.55 -18.13 7.26
N PRO D 139 24.27 -17.14 6.72
CA PRO D 139 23.80 -15.76 6.91
C PRO D 139 22.39 -15.51 6.35
N ARG D 140 22.07 -16.16 5.24
CA ARG D 140 20.75 -15.97 4.65
C ARG D 140 19.67 -16.65 5.46
N ALA D 141 20.02 -17.74 6.13
CA ALA D 141 19.07 -18.38 7.02
C ALA D 141 18.74 -17.47 8.19
N ILE D 142 19.76 -16.80 8.71
CA ILE D 142 19.59 -15.88 9.83
C ILE D 142 18.77 -14.68 9.37
N ALA D 143 19.08 -14.18 8.17
CA ALA D 143 18.38 -13.02 7.61
C ALA D 143 16.90 -13.33 7.41
N ASN D 144 16.58 -14.56 7.04
CA ASN D 144 15.17 -14.95 6.92
C ASN D 144 14.41 -14.60 8.20
N PHE D 145 14.93 -15.05 9.34
CA PHE D 145 14.27 -14.79 10.63
C PHE D 145 14.16 -13.30 10.94
N ARG D 146 15.22 -12.56 10.70
CA ARG D 146 15.27 -11.15 11.05
C ARG D 146 14.32 -10.31 10.20
N THR D 147 14.26 -10.65 8.91
CA THR D 147 13.45 -9.90 7.97
C THR D 147 11.96 -10.11 8.22
N PHE D 148 11.54 -11.35 8.44
CA PHE D 148 10.12 -11.58 8.71
C PHE D 148 9.68 -11.15 10.10
N ALA D 149 10.60 -11.20 11.07
CA ALA D 149 10.31 -10.58 12.35
C ALA D 149 10.05 -9.09 12.15
N ASP D 150 10.86 -8.44 11.32
CA ASP D 150 10.70 -6.99 11.10
C ASP D 150 9.39 -6.70 10.37
N LEU D 151 9.09 -7.51 9.35
CA LEU D 151 7.83 -7.37 8.61
C LEU D 151 6.62 -7.55 9.52
N ALA D 152 6.69 -8.48 10.46
CA ALA D 152 5.55 -8.69 11.37
C ALA D 152 5.27 -7.44 12.19
N LYS D 153 6.34 -6.76 12.62
CA LYS D 153 6.22 -5.57 13.43
C LYS D 153 5.65 -4.40 12.63
N THR D 154 5.98 -4.34 11.35
CA THR D 154 5.61 -3.17 10.57
C THR D 154 4.32 -3.33 9.76
N SER D 155 3.85 -4.56 9.58
CA SER D 155 2.67 -4.81 8.76
C SER D 155 1.40 -4.23 9.36
N HIS D 156 0.52 -3.71 8.53
CA HIS D 156 -0.81 -3.32 9.00
C HIS D 156 -1.84 -3.77 7.98
N THR D 157 -3.11 -3.45 8.22
CA THR D 157 -4.18 -3.88 7.34
C THR D 157 -5.02 -2.67 6.89
N ASP D 158 -6.24 -2.94 6.45
CA ASP D 158 -6.98 -1.98 5.65
C ASP D 158 -8.26 -1.48 6.32
N LEU D 159 -8.65 -0.24 6.00
CA LEU D 159 -9.91 0.33 6.43
C LEU D 159 -10.71 0.82 5.23
N PHE D 160 -11.93 0.31 5.10
CA PHE D 160 -12.86 0.65 4.04
C PHE D 160 -14.13 1.30 4.62
N GLU D 161 -14.42 2.55 4.24
CA GLU D 161 -15.69 3.16 4.64
C GLU D 161 -16.76 2.97 3.56
N MET D 162 -18.00 2.76 3.97
CA MET D 162 -19.04 2.63 2.95
C MET D 162 -20.34 3.30 3.34
N SER D 163 -21.08 3.75 2.32
CA SER D 163 -22.42 4.33 2.54
C SER D 163 -23.44 3.20 2.59
N THR D 164 -24.55 3.48 3.26
CA THR D 164 -25.63 2.53 3.38
C THR D 164 -26.94 3.27 3.15
N SER D 165 -27.98 2.52 2.78
CA SER D 165 -29.30 3.09 2.52
C SER D 165 -29.76 4.06 3.61
N ASP D 166 -29.54 3.71 4.87
CA ASP D 166 -30.06 4.51 5.97
C ASP D 166 -29.24 5.78 6.22
N GLY D 167 -28.13 5.95 5.50
CA GLY D 167 -27.32 7.14 5.62
C GLY D 167 -26.39 7.23 6.82
N SER D 168 -26.30 6.16 7.61
CA SER D 168 -25.35 6.13 8.73
C SER D 168 -24.03 5.46 8.38
N GLY D 169 -24.04 4.61 7.36
CA GLY D 169 -22.81 4.02 6.87
C GLY D 169 -22.36 2.77 7.60
N ALA D 170 -21.22 2.27 7.19
CA ALA D 170 -20.66 1.07 7.79
C ALA D 170 -19.16 1.18 7.63
N LEU D 171 -18.44 0.41 8.44
CA LEU D 171 -16.98 0.41 8.43
C LEU D 171 -16.56 -1.02 8.22
N ASN D 172 -15.71 -1.27 7.23
CA ASN D 172 -15.07 -2.56 7.05
C ASN D 172 -13.59 -2.46 7.36
N TYR D 173 -13.11 -3.33 8.23
CA TYR D 173 -11.68 -3.40 8.41
C TYR D 173 -11.18 -4.85 8.36
N THR D 174 -9.91 -4.99 8.02
CA THR D 174 -9.32 -6.31 7.98
C THR D 174 -8.32 -6.47 9.09
N VAL D 175 -8.04 -7.73 9.41
CA VAL D 175 -7.02 -8.08 10.39
C VAL D 175 -6.28 -9.31 9.87
N ARG D 176 -5.02 -9.43 10.26
CA ARG D 176 -4.23 -10.65 9.99
C ARG D 176 -4.21 -11.47 11.26
N LYS D 177 -4.66 -12.71 11.16
CA LYS D 177 -4.53 -13.64 12.28
C LYS D 177 -3.70 -14.85 11.87
N PRO D 178 -3.16 -15.60 12.86
CA PRO D 178 -2.50 -16.86 12.54
C PRO D 178 -3.41 -17.74 11.69
N LEU D 179 -2.88 -18.33 10.63
CA LEU D 179 -3.63 -19.29 9.85
C LEU D 179 -3.89 -20.59 10.62
N GLY D 180 -2.91 -21.00 11.40
CA GLY D 180 -3.02 -22.24 12.16
C GLY D 180 -1.69 -22.95 12.30
N VAL D 181 -1.71 -24.25 12.04
CA VAL D 181 -0.52 -25.06 12.02
C VAL D 181 -0.02 -25.15 10.58
N ILE D 182 1.20 -24.70 10.34
CA ILE D 182 1.76 -24.75 8.99
C ILE D 182 2.62 -25.99 8.83
N GLY D 183 2.29 -26.81 7.86
CA GLY D 183 3.13 -27.94 7.50
C GLY D 183 4.18 -27.51 6.48
N VAL D 184 5.45 -27.70 6.81
CA VAL D 184 6.57 -27.28 5.96
C VAL D 184 7.34 -28.51 5.50
N ILE D 185 7.51 -28.64 4.19
CA ILE D 185 8.29 -29.71 3.59
C ILE D 185 9.32 -29.11 2.63
N SER D 186 10.61 -29.36 2.90
CA SER D 186 11.69 -28.64 2.23
C SER D 186 12.67 -29.55 1.47
N PRO D 187 13.43 -28.97 0.52
CA PRO D 187 14.34 -29.78 -0.30
C PRO D 187 15.80 -29.70 0.21
N TRP D 188 16.71 -30.39 -0.47
CA TRP D 188 18.09 -30.43 -0.01
C TRP D 188 19.04 -29.46 -0.74
N ASP D 189 18.56 -28.67 -1.70
CA ASP D 189 19.52 -27.84 -2.44
C ASP D 189 20.16 -26.72 -1.61
N LEU D 190 19.35 -25.94 -0.92
CA LEU D 190 19.86 -24.98 0.06
C LEU D 190 19.13 -25.26 1.37
N PRO D 191 19.59 -26.26 2.11
CA PRO D 191 18.79 -26.87 3.19
C PRO D 191 18.30 -25.88 4.25
N LEU D 192 19.21 -25.23 4.97
CA LEU D 192 18.78 -24.33 6.02
C LEU D 192 18.12 -23.06 5.46
N LEU D 193 18.62 -22.57 4.32
CA LEU D 193 18.07 -21.35 3.75
C LEU D 193 16.60 -21.55 3.37
N LEU D 194 16.30 -22.61 2.64
CA LEU D 194 14.93 -22.86 2.19
C LEU D 194 13.98 -23.28 3.30
N PHE D 195 14.52 -23.97 4.30
CA PHE D 195 13.77 -24.40 5.48
C PHE D 195 13.31 -23.16 6.24
N THR D 196 14.24 -22.27 6.55
CA THR D 196 13.93 -21.04 7.29
C THR D 196 13.13 -20.03 6.47
N TRP D 197 13.19 -20.13 5.14
CA TRP D 197 12.40 -19.30 4.24
C TRP D 197 10.91 -19.54 4.46
N LYS D 198 10.55 -20.74 4.93
CA LYS D 198 9.16 -21.08 5.23
C LYS D 198 8.86 -20.91 6.72
N VAL D 199 9.77 -21.39 7.55
CA VAL D 199 9.61 -21.36 9.01
C VAL D 199 9.57 -19.95 9.59
N ALA D 200 10.45 -19.07 9.12
CA ALA D 200 10.48 -17.70 9.64
C ALA D 200 9.15 -16.93 9.46
N PRO D 201 8.59 -16.90 8.23
CA PRO D 201 7.32 -16.15 8.11
C PRO D 201 6.15 -16.88 8.77
N ALA D 202 6.19 -18.22 8.81
CA ALA D 202 5.18 -18.97 9.56
C ALA D 202 5.16 -18.54 11.02
N LEU D 203 6.31 -18.52 11.66
CA LEU D 203 6.37 -18.09 13.06
C LEU D 203 6.10 -16.59 13.22
N ALA D 204 6.58 -15.81 12.27
CA ALA D 204 6.42 -14.35 12.33
C ALA D 204 4.94 -13.94 12.34
N CYS D 205 4.12 -14.75 11.67
CA CYS D 205 2.68 -14.53 11.59
C CYS D 205 1.89 -15.20 12.71
N GLY D 206 2.60 -15.74 13.70
CA GLY D 206 1.95 -16.30 14.87
C GLY D 206 1.48 -17.73 14.69
N ASN D 207 1.84 -18.38 13.59
CA ASN D 207 1.50 -19.79 13.44
C ASN D 207 2.34 -20.69 14.32
N THR D 208 1.96 -21.97 14.34
CA THR D 208 2.83 -23.00 14.86
C THR D 208 3.20 -23.90 13.68
N VAL D 209 4.24 -24.72 13.85
CA VAL D 209 4.89 -25.34 12.70
C VAL D 209 5.24 -26.81 12.93
N VAL D 210 5.00 -27.63 11.92
CA VAL D 210 5.54 -28.97 11.86
C VAL D 210 6.31 -29.05 10.54
N ALA D 211 7.62 -29.22 10.67
CA ALA D 211 8.53 -29.11 9.53
C ALA D 211 9.32 -30.40 9.32
N LYS D 212 9.36 -30.82 8.07
CA LYS D 212 10.02 -32.04 7.63
C LYS D 212 11.10 -31.70 6.59
N PRO D 213 12.37 -31.63 7.04
CA PRO D 213 13.45 -31.33 6.09
C PRO D 213 13.73 -32.52 5.18
N SER D 214 14.55 -32.32 4.15
CA SER D 214 14.88 -33.39 3.22
C SER D 214 15.67 -34.48 3.91
N GLU D 215 15.34 -35.73 3.63
CA GLU D 215 16.14 -36.84 4.15
C GLU D 215 17.64 -36.75 3.79
N GLU D 216 17.99 -35.98 2.77
CA GLU D 216 19.38 -35.82 2.38
C GLU D 216 20.09 -34.79 3.24
N SER D 217 19.38 -33.83 3.78
CA SER D 217 20.06 -32.79 4.54
C SER D 217 19.41 -32.45 5.88
N PRO D 218 19.46 -33.39 6.84
CA PRO D 218 18.72 -33.17 8.08
C PRO D 218 19.47 -32.43 9.19
N SER D 219 20.77 -32.21 9.05
CA SER D 219 21.55 -31.75 10.19
C SER D 219 21.27 -30.32 10.63
N SER D 220 21.30 -29.37 9.71
CA SER D 220 21.12 -27.98 10.14
C SER D 220 19.72 -27.70 10.72
N ALA D 221 18.71 -28.41 10.22
CA ALA D 221 17.35 -28.31 10.76
C ALA D 221 17.30 -28.79 12.22
N THR D 222 18.04 -29.86 12.50
CA THR D 222 18.10 -30.41 13.86
C THR D 222 18.79 -29.42 14.80
N LEU D 223 19.87 -28.81 14.33
CA LEU D 223 20.56 -27.78 15.11
C LEU D 223 19.63 -26.58 15.39
N LEU D 224 18.83 -26.22 14.39
CA LEU D 224 17.79 -25.20 14.53
C LEU D 224 16.79 -25.52 15.65
N ALA D 225 16.31 -26.75 15.70
CA ALA D 225 15.48 -27.21 16.81
C ALA D 225 16.16 -26.98 18.18
N GLU D 226 17.46 -27.26 18.27
CA GLU D 226 18.19 -26.98 19.51
C GLU D 226 18.19 -25.48 19.82
N VAL D 227 18.37 -24.65 18.80
CA VAL D 227 18.37 -23.20 19.00
C VAL D 227 17.00 -22.70 19.50
N MET D 228 15.93 -23.25 18.93
CA MET D 228 14.56 -22.94 19.34
C MET D 228 14.37 -23.29 20.81
N HIS D 229 14.82 -24.48 21.17
CA HIS D 229 14.74 -24.95 22.54
C HIS D 229 15.46 -24.01 23.49
N ASP D 230 16.73 -23.73 23.19
CA ASP D 230 17.54 -22.88 24.06
C ASP D 230 17.03 -21.45 24.15
N ALA D 231 16.30 -21.00 23.14
CA ALA D 231 15.77 -19.62 23.13
C ALA D 231 14.48 -19.52 23.92
N GLY D 232 13.95 -20.68 24.32
CA GLY D 232 12.73 -20.74 25.10
C GLY D 232 11.44 -20.63 24.30
N VAL D 233 11.50 -20.96 23.00
CA VAL D 233 10.28 -21.06 22.20
C VAL D 233 9.40 -22.08 22.88
N PRO D 234 8.14 -21.72 23.19
CA PRO D 234 7.22 -22.62 23.92
C PRO D 234 7.04 -23.94 23.22
N PRO D 235 6.83 -25.02 23.99
CA PRO D 235 6.65 -26.37 23.46
C PRO D 235 5.52 -26.43 22.45
N GLY D 236 5.75 -27.12 21.35
CA GLY D 236 4.72 -27.32 20.34
C GLY D 236 4.68 -26.25 19.27
N VAL D 237 5.34 -25.12 19.50
CA VAL D 237 5.32 -24.04 18.52
C VAL D 237 6.11 -24.44 17.26
N PHE D 238 7.30 -24.99 17.49
CA PHE D 238 8.12 -25.53 16.40
C PHE D 238 8.37 -27.04 16.60
N ASN D 239 8.00 -27.83 15.60
CA ASN D 239 8.21 -29.28 15.69
C ASN D 239 8.96 -29.80 14.47
N LEU D 240 9.97 -30.60 14.71
CA LEU D 240 10.80 -31.12 13.64
C LEU D 240 10.60 -32.61 13.53
N ILE D 241 10.19 -33.06 12.37
CA ILE D 241 10.08 -34.48 12.11
C ILE D 241 10.99 -34.85 10.94
N HIS D 242 11.74 -35.94 11.10
CA HIS D 242 12.59 -36.44 10.02
C HIS D 242 11.92 -37.57 9.25
N GLY D 243 12.40 -37.81 8.03
CA GLY D 243 11.92 -38.93 7.24
C GLY D 243 11.88 -38.70 5.75
N PHE D 244 11.23 -39.62 5.05
CA PHE D 244 11.13 -39.55 3.61
C PHE D 244 9.81 -38.93 3.16
N GLY D 245 9.45 -39.16 1.91
CA GLY D 245 8.26 -38.57 1.36
C GLY D 245 7.12 -39.55 1.43
N LYS D 246 6.92 -40.27 0.33
CA LYS D 246 5.85 -41.26 0.23
C LYS D 246 6.02 -42.32 1.31
N ASP D 247 4.90 -42.77 1.88
CA ASP D 247 4.90 -43.74 2.97
C ASP D 247 5.79 -43.38 4.15
N SER D 248 6.05 -42.08 4.32
CA SER D 248 6.88 -41.64 5.44
C SER D 248 6.37 -40.33 6.00
N ALA D 249 7.19 -39.69 6.82
CA ALA D 249 6.82 -38.47 7.53
C ALA D 249 6.19 -37.41 6.63
N GLY D 250 6.77 -37.23 5.44
CA GLY D 250 6.28 -36.26 4.48
C GLY D 250 4.82 -36.48 4.09
N GLU D 251 4.54 -37.63 3.50
CA GLU D 251 3.17 -38.01 3.15
C GLU D 251 2.20 -37.86 4.32
N PHE D 252 2.59 -38.40 5.47
CA PHE D 252 1.75 -38.35 6.66
C PHE D 252 1.43 -36.91 7.04
N LEU D 253 2.43 -36.02 6.94
CA LEU D 253 2.19 -34.62 7.25
C LEU D 253 1.14 -34.03 6.29
N THR D 254 1.27 -34.33 5.00
CA THR D 254 0.35 -33.78 4.00
C THR D 254 -1.07 -34.33 4.15
N GLN D 255 -1.21 -35.47 4.82
CA GLN D 255 -2.53 -36.10 4.98
C GLN D 255 -3.21 -35.77 6.29
N HIS D 256 -2.49 -35.16 7.21
CA HIS D 256 -3.04 -34.87 8.52
C HIS D 256 -4.08 -33.75 8.47
N PRO D 257 -5.30 -34.04 8.94
CA PRO D 257 -6.38 -33.05 8.82
C PRO D 257 -6.21 -31.88 9.79
N GLY D 258 -5.22 -31.97 10.68
CA GLY D 258 -4.95 -30.94 11.66
C GLY D 258 -4.16 -29.71 11.21
N ILE D 259 -3.55 -29.78 10.03
CA ILE D 259 -2.77 -28.63 9.53
C ILE D 259 -3.70 -27.67 8.83
N SER D 260 -3.30 -26.40 8.72
CA SER D 260 -4.12 -25.41 8.02
C SER D 260 -3.58 -25.07 6.64
N ALA D 261 -2.30 -25.39 6.43
CA ALA D 261 -1.63 -25.11 5.17
C ALA D 261 -0.41 -25.99 5.00
N LEU D 262 -0.05 -26.23 3.76
CA LEU D 262 1.14 -26.97 3.38
C LEU D 262 1.94 -26.06 2.43
N THR D 263 3.13 -25.66 2.88
CA THR D 263 4.05 -24.90 2.03
C THR D 263 5.21 -25.81 1.63
N PHE D 264 5.51 -25.83 0.34
CA PHE D 264 6.38 -26.85 -0.20
C PHE D 264 7.35 -26.30 -1.23
N THR D 265 8.53 -26.90 -1.28
CA THR D 265 9.55 -26.60 -2.26
C THR D 265 10.20 -27.92 -2.69
N GLY D 266 10.17 -28.22 -3.98
CA GLY D 266 10.68 -29.49 -4.49
C GLY D 266 10.33 -29.72 -5.95
N GLU D 267 10.32 -30.97 -6.39
CA GLU D 267 10.01 -31.29 -7.78
C GLU D 267 8.53 -31.04 -8.06
N SER D 268 8.20 -30.77 -9.33
CA SER D 268 6.83 -30.46 -9.73
C SER D 268 5.87 -31.61 -9.49
N LYS D 269 6.28 -32.81 -9.88
CA LYS D 269 5.46 -33.99 -9.65
C LYS D 269 5.13 -34.15 -8.15
N THR D 270 6.09 -33.84 -7.27
CA THR D 270 5.85 -33.97 -5.84
C THR D 270 4.81 -32.95 -5.42
N GLY D 271 4.88 -31.76 -6.03
CA GLY D 271 3.90 -30.71 -5.77
C GLY D 271 2.50 -31.19 -6.13
N SER D 272 2.37 -31.81 -7.30
CA SER D 272 1.08 -32.36 -7.75
C SER D 272 0.53 -33.39 -6.77
N THR D 273 1.41 -34.29 -6.31
CA THR D 273 1.05 -35.30 -5.34
C THR D 273 0.51 -34.65 -4.07
N ILE D 274 1.21 -33.64 -3.60
CA ILE D 274 0.83 -32.94 -2.39
C ILE D 274 -0.49 -32.18 -2.56
N MET D 275 -0.70 -31.61 -3.75
CA MET D 275 -1.94 -30.88 -4.02
C MET D 275 -3.16 -31.80 -3.88
N LYS D 276 -3.04 -33.03 -4.38
CA LYS D 276 -4.09 -34.04 -4.21
C LYS D 276 -4.28 -34.47 -2.75
N ALA D 277 -3.18 -34.65 -2.04
CA ALA D 277 -3.21 -35.13 -0.67
C ALA D 277 -3.99 -34.20 0.26
N VAL D 278 -3.87 -32.89 0.06
CA VAL D 278 -4.54 -31.92 0.94
C VAL D 278 -5.91 -31.47 0.40
N ALA D 279 -6.30 -32.03 -0.73
CA ALA D 279 -7.48 -31.55 -1.44
C ALA D 279 -8.75 -31.72 -0.61
N ASP D 280 -8.92 -32.89 0.01
CA ASP D 280 -10.12 -33.15 0.80
C ASP D 280 -10.26 -32.16 1.95
N GLY D 281 -9.12 -31.66 2.44
CA GLY D 281 -9.12 -30.70 3.52
C GLY D 281 -9.19 -29.25 3.06
N VAL D 282 -9.14 -29.03 1.75
CA VAL D 282 -8.99 -27.68 1.18
C VAL D 282 -7.91 -26.88 1.92
N LYS D 283 -6.76 -27.49 2.18
CA LYS D 283 -5.71 -26.81 2.92
C LYS D 283 -5.14 -25.71 2.01
N GLU D 284 -4.69 -24.61 2.61
CA GLU D 284 -4.03 -23.59 1.81
C GLU D 284 -2.71 -24.17 1.32
N VAL D 285 -2.31 -23.82 0.10
CA VAL D 285 -1.07 -24.34 -0.48
C VAL D 285 -0.20 -23.28 -1.14
N SER D 286 1.11 -23.47 -1.04
CA SER D 286 2.11 -22.55 -1.58
C SER D 286 3.23 -23.42 -2.09
N PHE D 287 3.44 -23.43 -3.41
CA PHE D 287 4.38 -24.34 -4.06
C PHE D 287 5.47 -23.59 -4.82
N GLU D 288 6.72 -24.00 -4.59
CA GLU D 288 7.83 -23.54 -5.42
C GLU D 288 8.44 -24.81 -6.01
N LEU D 289 8.21 -25.04 -7.30
CA LEU D 289 8.57 -26.32 -7.94
C LEU D 289 9.79 -26.24 -8.88
N GLY D 290 9.84 -27.12 -9.88
CA GLY D 290 11.02 -27.21 -10.73
C GLY D 290 11.14 -26.13 -11.79
N GLY D 291 12.29 -26.07 -12.44
CA GLY D 291 12.42 -25.21 -13.59
C GLY D 291 13.38 -25.77 -14.62
N LYS D 292 13.36 -25.20 -15.82
CA LYS D 292 14.42 -25.42 -16.80
C LYS D 292 14.85 -24.05 -17.31
N ASN D 293 15.59 -23.33 -16.48
CA ASN D 293 15.82 -21.91 -16.69
C ASN D 293 16.82 -21.58 -17.80
N ALA D 294 16.52 -20.52 -18.55
CA ALA D 294 17.37 -20.09 -19.63
C ALA D 294 18.21 -18.88 -19.24
N ALA D 295 19.39 -18.78 -19.84
CA ALA D 295 20.11 -17.52 -19.90
C ALA D 295 20.20 -17.05 -21.36
N VAL D 296 20.07 -15.75 -21.60
CA VAL D 296 20.12 -15.23 -22.95
C VAL D 296 21.17 -14.14 -23.02
N VAL D 297 22.10 -14.26 -23.97
CA VAL D 297 23.19 -13.31 -24.09
C VAL D 297 23.10 -12.63 -25.47
N PHE D 298 22.80 -11.34 -25.44
CA PHE D 298 22.66 -10.57 -26.66
C PHE D 298 24.05 -10.09 -27.08
N ALA D 299 24.18 -9.67 -28.33
CA ALA D 299 25.48 -9.28 -28.89
C ALA D 299 26.08 -8.08 -28.18
N ASP D 300 25.24 -7.25 -27.58
CA ASP D 300 25.76 -6.06 -26.90
C ASP D 300 26.01 -6.26 -25.38
N ALA D 301 25.95 -7.52 -24.93
CA ALA D 301 26.33 -7.84 -23.57
C ALA D 301 27.81 -7.57 -23.34
N ASP D 302 28.18 -7.26 -22.10
CA ASP D 302 29.58 -7.30 -21.68
C ASP D 302 29.96 -8.78 -21.66
N LEU D 303 30.69 -9.21 -22.68
CA LEU D 303 30.95 -10.64 -22.89
C LEU D 303 31.61 -11.33 -21.72
N ASP D 304 32.66 -10.72 -21.17
CA ASP D 304 33.36 -11.27 -20.01
C ASP D 304 32.46 -11.40 -18.79
N ALA D 305 31.62 -10.40 -18.57
CA ALA D 305 30.67 -10.44 -17.47
C ALA D 305 29.62 -11.54 -17.69
N ALA D 306 29.17 -11.69 -18.93
CA ALA D 306 28.15 -12.68 -19.24
C ALA D 306 28.71 -14.10 -19.11
N ILE D 307 29.93 -14.31 -19.59
CA ILE D 307 30.61 -15.59 -19.39
C ILE D 307 30.75 -15.89 -17.91
N GLU D 308 31.21 -14.91 -17.14
CA GLU D 308 31.32 -15.08 -15.70
C GLU D 308 29.94 -15.37 -15.09
N GLY D 309 28.93 -14.63 -15.52
CA GLY D 309 27.59 -14.78 -14.99
C GLY D 309 27.01 -16.15 -15.27
N VAL D 310 27.17 -16.62 -16.50
CA VAL D 310 26.64 -17.92 -16.88
C VAL D 310 27.42 -19.07 -16.23
N LEU D 311 28.70 -18.84 -15.98
CA LEU D 311 29.51 -19.78 -15.21
C LEU D 311 28.90 -19.95 -13.80
N ARG D 312 28.64 -18.83 -13.14
CA ARG D 312 28.01 -18.90 -11.83
C ARG D 312 26.60 -19.54 -11.90
N SER D 313 25.84 -19.18 -12.92
CA SER D 313 24.44 -19.59 -12.98
C SER D 313 24.30 -21.04 -13.36
N SER D 314 25.32 -21.59 -13.99
CA SER D 314 25.27 -22.98 -14.44
C SER D 314 25.88 -23.93 -13.42
N PHE D 315 26.87 -23.46 -12.67
CA PHE D 315 27.69 -24.38 -11.89
C PHE D 315 27.73 -24.14 -10.38
N THR D 316 27.14 -23.04 -9.90
CA THR D 316 27.05 -22.82 -8.44
C THR D 316 26.38 -24.02 -7.77
N ASN D 317 26.90 -24.42 -6.60
CA ASN D 317 26.36 -25.56 -5.85
C ASN D 317 26.29 -26.81 -6.74
N SER D 318 27.22 -26.89 -7.69
CA SER D 318 27.32 -27.99 -8.66
C SER D 318 26.05 -28.12 -9.49
N GLY D 319 25.47 -26.98 -9.82
CA GLY D 319 24.30 -26.93 -10.67
C GLY D 319 23.04 -27.37 -9.95
N GLN D 320 23.12 -27.52 -8.62
CA GLN D 320 21.99 -28.02 -7.83
C GLN D 320 21.28 -26.87 -7.14
N VAL D 321 20.83 -25.89 -7.90
CA VAL D 321 19.94 -24.86 -7.39
C VAL D 321 18.80 -24.76 -8.36
N CYS D 322 17.58 -24.58 -7.84
CA CYS D 322 16.41 -24.51 -8.70
C CYS D 322 16.52 -23.36 -9.69
N LEU D 323 17.29 -22.34 -9.33
CA LEU D 323 17.42 -21.14 -10.15
C LEU D 323 18.58 -21.19 -11.14
N CYS D 324 19.28 -22.32 -11.18
CA CYS D 324 20.37 -22.49 -12.15
C CYS D 324 19.90 -22.49 -13.60
N SER D 325 20.77 -22.01 -14.49
CA SER D 325 20.53 -22.06 -15.92
C SER D 325 21.05 -23.40 -16.44
N GLU D 326 20.23 -24.12 -17.20
CA GLU D 326 20.66 -25.32 -17.89
C GLU D 326 20.50 -25.17 -19.42
N ARG D 327 19.77 -24.13 -19.85
CA ARG D 327 19.64 -23.76 -21.27
C ARG D 327 20.27 -22.37 -21.43
N VAL D 328 21.15 -22.20 -22.41
CA VAL D 328 21.76 -20.89 -22.66
C VAL D 328 21.60 -20.55 -24.14
N TYR D 329 21.21 -19.31 -24.44
CA TYR D 329 21.03 -18.86 -25.82
C TYR D 329 21.91 -17.65 -26.07
N VAL D 330 22.76 -17.73 -27.10
CA VAL D 330 23.79 -16.71 -27.30
C VAL D 330 23.70 -16.19 -28.73
N HIS D 331 23.78 -14.88 -28.90
CA HIS D 331 23.63 -14.35 -30.25
C HIS D 331 24.76 -14.87 -31.15
N ARG D 332 24.43 -15.18 -32.40
CA ARG D 332 25.35 -15.89 -33.29
C ARG D 332 26.72 -15.22 -33.44
N SER D 333 26.75 -13.90 -33.43
CA SER D 333 28.01 -13.18 -33.63
C SER D 333 29.02 -13.40 -32.50
N ILE D 334 28.55 -13.84 -31.33
CA ILE D 334 29.45 -14.03 -30.20
C ILE D 334 29.43 -15.47 -29.68
N PHE D 335 28.73 -16.35 -30.38
CA PHE D 335 28.51 -17.71 -29.90
C PHE D 335 29.82 -18.46 -29.68
N ASP D 336 30.66 -18.48 -30.71
CA ASP D 336 31.90 -19.25 -30.64
C ASP D 336 32.83 -18.67 -29.59
N GLU D 337 32.93 -17.36 -29.55
CA GLU D 337 33.75 -16.72 -28.53
C GLU D 337 33.20 -17.01 -27.12
N PHE D 338 31.88 -16.97 -26.96
CA PHE D 338 31.26 -17.21 -25.66
C PHE D 338 31.57 -18.61 -25.18
N VAL D 339 31.27 -19.59 -26.02
CA VAL D 339 31.51 -20.99 -25.71
C VAL D 339 32.98 -21.29 -25.37
N SER D 340 33.90 -20.73 -26.16
CA SER D 340 35.33 -20.92 -25.92
C SER D 340 35.74 -20.31 -24.59
N GLY D 341 35.22 -19.12 -24.31
CA GLY D 341 35.48 -18.48 -23.04
C GLY D 341 34.89 -19.23 -21.85
N LEU D 342 33.67 -19.76 -22.02
CA LEU D 342 33.04 -20.50 -20.95
C LEU D 342 33.79 -21.82 -20.69
N LYS D 343 34.18 -22.52 -21.75
CA LYS D 343 34.94 -23.75 -21.61
C LYS D 343 36.20 -23.52 -20.77
N VAL D 344 36.89 -22.42 -21.04
CA VAL D 344 38.11 -22.11 -20.31
C VAL D 344 37.84 -21.91 -18.82
N GLU D 345 36.80 -21.15 -18.51
CA GLU D 345 36.49 -20.86 -17.13
C GLU D 345 35.97 -22.09 -16.40
N ALA D 346 35.24 -22.95 -17.11
CA ALA D 346 34.71 -24.14 -16.48
C ALA D 346 35.87 -25.09 -16.11
N GLU D 347 36.85 -25.19 -17.00
CA GLU D 347 37.99 -26.08 -16.76
C GLU D 347 38.94 -25.56 -15.70
N ARG D 348 38.84 -24.26 -15.39
CA ARG D 348 39.55 -23.68 -14.26
C ARG D 348 38.85 -23.89 -12.92
N LEU D 349 37.59 -24.31 -12.96
CA LEU D 349 36.86 -24.56 -11.72
C LEU D 349 37.54 -25.66 -10.92
N VAL D 350 37.74 -25.41 -9.63
CA VAL D 350 38.32 -26.42 -8.74
C VAL D 350 37.22 -27.25 -8.08
N VAL D 351 37.24 -28.54 -8.36
CA VAL D 351 36.24 -29.46 -7.86
C VAL D 351 36.90 -30.29 -6.78
N GLY D 352 36.46 -30.17 -5.54
CA GLY D 352 37.10 -30.92 -4.47
C GLY D 352 36.50 -30.85 -3.09
N TYR D 353 37.37 -30.81 -2.09
CA TYR D 353 36.96 -30.82 -0.70
C TYR D 353 36.38 -29.47 -0.31
N PRO D 354 35.39 -29.47 0.58
CA PRO D 354 34.80 -28.22 1.08
C PRO D 354 35.83 -27.24 1.65
N ASP D 355 36.94 -27.73 2.21
CA ASP D 355 37.97 -26.85 2.77
C ASP D 355 39.28 -26.81 1.96
N GLN D 356 39.24 -27.34 0.74
CA GLN D 356 40.36 -27.21 -0.20
C GLN D 356 40.47 -25.74 -0.57
N ASP D 357 41.69 -25.20 -0.59
CA ASP D 357 41.82 -23.73 -0.50
C ASP D 357 41.16 -22.87 -1.62
N GLY D 358 41.15 -23.34 -2.85
CA GLY D 358 40.51 -22.58 -3.91
C GLY D 358 39.27 -23.25 -4.48
N VAL D 359 38.56 -24.01 -3.65
CA VAL D 359 37.50 -24.88 -4.16
C VAL D 359 36.32 -24.09 -4.72
N ASN D 360 35.78 -24.53 -5.86
CA ASN D 360 34.62 -23.91 -6.45
C ASN D 360 33.38 -24.78 -6.35
N MET D 361 33.58 -26.08 -6.51
CA MET D 361 32.48 -27.03 -6.54
C MET D 361 32.73 -28.22 -5.62
N GLY D 362 31.68 -28.68 -4.96
CA GLY D 362 31.73 -29.92 -4.22
C GLY D 362 31.03 -31.00 -5.01
N PRO D 363 30.66 -32.11 -4.35
CA PRO D 363 30.00 -33.21 -5.04
C PRO D 363 28.51 -32.93 -5.25
N LEU D 364 27.83 -33.82 -5.96
CA LEU D 364 26.37 -33.81 -6.01
C LEU D 364 25.86 -34.32 -4.67
N ILE D 365 24.55 -34.22 -4.43
CA ILE D 365 24.01 -34.51 -3.10
C ILE D 365 24.15 -35.97 -2.68
N SER D 366 24.09 -36.89 -3.62
CA SER D 366 24.07 -38.31 -3.28
C SER D 366 24.42 -39.15 -4.50
N HIS D 367 24.79 -40.40 -4.25
CA HIS D 367 25.09 -41.35 -5.33
C HIS D 367 23.86 -41.57 -6.20
N GLY D 368 22.70 -41.55 -5.57
CA GLY D 368 21.45 -41.76 -6.29
C GLY D 368 21.22 -40.59 -7.23
N HIS D 369 21.56 -39.39 -6.77
CA HIS D 369 21.38 -38.23 -7.63
C HIS D 369 22.45 -38.22 -8.72
N ARG D 370 23.68 -38.58 -8.36
CA ARG D 370 24.71 -38.75 -9.38
C ARG D 370 24.30 -39.71 -10.51
N ASP D 371 23.67 -40.83 -10.17
CA ASP D 371 23.28 -41.79 -11.20
C ASP D 371 22.27 -41.19 -12.15
N LYS D 372 21.34 -40.41 -11.63
CA LYS D 372 20.36 -39.71 -12.45
C LYS D 372 21.04 -38.73 -13.40
N VAL D 373 21.95 -37.93 -12.86
CA VAL D 373 22.67 -36.95 -13.65
C VAL D 373 23.56 -37.60 -14.73
N LEU D 374 24.22 -38.69 -14.36
CA LEU D 374 25.05 -39.42 -15.34
C LEU D 374 24.19 -40.04 -16.43
N SER D 375 22.99 -40.47 -16.07
CA SER D 375 22.05 -40.98 -17.06
C SER D 375 21.70 -39.90 -18.07
N TYR D 376 21.52 -38.66 -17.61
CA TYR D 376 21.31 -37.56 -18.55
C TYR D 376 22.56 -37.26 -19.37
N TYR D 377 23.73 -37.44 -18.77
CA TYR D 377 24.98 -37.16 -19.49
C TYR D 377 25.10 -38.11 -20.68
N ARG D 378 24.66 -39.35 -20.49
CA ARG D 378 24.72 -40.34 -21.56
C ARG D 378 23.64 -40.07 -22.58
N LEU D 379 22.44 -39.73 -22.09
CA LEU D 379 21.33 -39.38 -22.95
C LEU D 379 21.69 -38.21 -23.87
N ALA D 380 22.41 -37.22 -23.35
CA ALA D 380 22.83 -36.09 -24.17
C ALA D 380 23.67 -36.54 -25.35
N VAL D 381 24.64 -37.41 -25.08
CA VAL D 381 25.48 -37.96 -26.15
C VAL D 381 24.64 -38.75 -27.15
N ASP D 382 23.76 -39.60 -26.64
CA ASP D 382 22.84 -40.35 -27.49
C ASP D 382 21.93 -39.43 -28.28
N GLU D 383 21.65 -38.25 -27.75
CA GLU D 383 20.78 -37.31 -28.45
C GLU D 383 21.54 -36.46 -29.46
N GLY D 384 22.85 -36.67 -29.57
CA GLY D 384 23.64 -36.03 -30.62
C GLY D 384 24.49 -34.86 -30.16
N ALA D 385 24.61 -34.68 -28.85
CA ALA D 385 25.35 -33.54 -28.33
C ALA D 385 26.85 -33.60 -28.58
N THR D 386 27.43 -32.45 -28.84
CA THR D 386 28.87 -32.28 -28.69
C THR D 386 29.16 -31.97 -27.22
N VAL D 387 30.12 -32.69 -26.65
CA VAL D 387 30.56 -32.42 -25.28
C VAL D 387 31.72 -31.45 -25.29
N VAL D 388 31.42 -30.18 -25.05
CA VAL D 388 32.45 -29.14 -25.09
C VAL D 388 33.45 -29.35 -23.96
N THR D 389 32.96 -29.72 -22.79
CA THR D 389 33.80 -30.12 -21.68
C THR D 389 33.02 -30.96 -20.69
N GLY D 390 33.74 -31.67 -19.83
CA GLY D 390 33.11 -32.50 -18.81
C GLY D 390 32.49 -33.75 -19.38
N GLY D 391 31.29 -34.08 -18.89
CA GLY D 391 30.55 -35.23 -19.39
C GLY D 391 30.76 -36.54 -18.65
N GLY D 392 31.57 -36.52 -17.60
CA GLY D 392 31.82 -37.71 -16.80
C GLY D 392 32.08 -37.41 -15.33
N VAL D 393 32.81 -38.30 -14.68
CA VAL D 393 33.19 -38.07 -13.29
C VAL D 393 34.71 -37.91 -13.16
N PRO D 394 35.14 -36.95 -12.33
CA PRO D 394 36.59 -36.76 -12.17
C PRO D 394 37.21 -37.93 -11.42
N LYS D 395 38.48 -38.19 -11.72
CA LYS D 395 39.25 -39.22 -11.04
C LYS D 395 40.11 -38.52 -10.00
N PHE D 396 39.84 -38.77 -8.72
CA PHE D 396 40.59 -38.10 -7.66
C PHE D 396 41.75 -38.94 -7.15
N ASN D 397 41.62 -40.26 -7.29
CA ASN D 397 42.57 -41.21 -6.70
C ASN D 397 42.66 -41.08 -5.18
N ASP D 398 41.53 -40.72 -4.54
CA ASP D 398 41.45 -40.69 -3.09
C ASP D 398 40.02 -40.94 -2.66
N GLU D 399 39.67 -40.59 -1.42
CA GLU D 399 38.36 -40.95 -0.88
C GLU D 399 37.19 -40.29 -1.64
N ARG D 400 37.48 -39.16 -2.29
CA ARG D 400 36.47 -38.48 -3.09
C ARG D 400 35.88 -39.40 -4.15
N ASP D 401 36.65 -40.39 -4.58
CA ASP D 401 36.16 -41.33 -5.58
C ASP D 401 35.04 -42.20 -5.01
N GLN D 402 34.92 -42.22 -3.68
CA GLN D 402 33.83 -42.92 -3.01
C GLN D 402 32.63 -41.98 -2.80
N GLY D 403 32.83 -40.71 -3.13
CA GLY D 403 31.76 -39.71 -3.02
C GLY D 403 30.89 -39.66 -4.25
N ALA D 404 30.27 -38.50 -4.49
CA ALA D 404 29.32 -38.38 -5.59
C ALA D 404 29.63 -37.20 -6.50
N TYR D 405 30.89 -37.08 -6.92
CA TYR D 405 31.28 -35.99 -7.79
C TYR D 405 31.00 -36.27 -9.26
N VAL D 406 30.66 -35.21 -10.00
CA VAL D 406 30.61 -35.22 -11.46
C VAL D 406 31.35 -33.99 -11.94
N GLN D 407 31.62 -33.93 -13.24
CA GLN D 407 32.32 -32.80 -13.83
C GLN D 407 31.35 -31.72 -14.29
N PRO D 408 31.76 -30.44 -14.19
CA PRO D 408 30.96 -29.40 -14.84
C PRO D 408 30.95 -29.67 -16.36
N THR D 409 29.77 -29.67 -16.96
CA THR D 409 29.61 -30.11 -18.34
C THR D 409 28.94 -29.03 -19.18
N ILE D 410 29.41 -28.90 -20.41
CA ILE D 410 28.83 -27.97 -21.37
C ILE D 410 28.53 -28.72 -22.68
N TRP D 411 27.30 -28.57 -23.17
CA TRP D 411 26.88 -29.22 -24.41
C TRP D 411 26.58 -28.19 -25.48
N THR D 412 26.79 -28.58 -26.74
CA THR D 412 26.21 -27.85 -27.88
C THR D 412 25.63 -28.87 -28.88
N GLY D 413 24.87 -28.37 -29.84
CA GLY D 413 24.38 -29.20 -30.94
C GLY D 413 23.06 -29.93 -30.75
N LEU D 414 22.38 -29.72 -29.63
CA LEU D 414 21.07 -30.33 -29.45
C LEU D 414 19.98 -29.41 -29.97
N SER D 415 18.84 -29.98 -30.33
CA SER D 415 17.73 -29.18 -30.80
C SER D 415 16.88 -28.82 -29.61
N ASP D 416 15.97 -27.88 -29.80
CA ASP D 416 15.08 -27.43 -28.73
C ASP D 416 14.14 -28.54 -28.23
N LYS D 417 14.07 -29.65 -28.96
CA LYS D 417 13.17 -30.73 -28.56
C LYS D 417 13.91 -31.84 -27.82
N ALA D 418 15.23 -31.74 -27.74
CA ALA D 418 16.04 -32.72 -27.01
C ALA D 418 15.56 -32.81 -25.57
N ARG D 419 15.50 -34.04 -25.04
CA ARG D 419 15.04 -34.20 -23.68
C ARG D 419 16.01 -33.47 -22.75
N CYS D 420 17.28 -33.45 -23.12
CA CYS D 420 18.30 -32.85 -22.26
C CYS D 420 18.18 -31.34 -22.23
N VAL D 421 17.39 -30.81 -23.15
CA VAL D 421 17.21 -29.37 -23.27
C VAL D 421 15.88 -28.97 -22.64
N THR D 422 15.03 -29.94 -22.33
CA THR D 422 13.71 -29.60 -21.83
C THR D 422 13.38 -30.14 -20.44
N GLU D 423 14.04 -31.23 -20.03
CA GLU D 423 13.84 -31.81 -18.72
C GLU D 423 14.90 -31.31 -17.73
N GLU D 424 14.47 -30.99 -16.52
CA GLU D 424 15.39 -30.47 -15.51
C GLU D 424 16.38 -31.56 -15.07
N ILE D 425 17.67 -31.29 -15.20
CA ILE D 425 18.68 -32.27 -14.83
C ILE D 425 19.15 -32.11 -13.39
N PHE D 426 19.30 -30.85 -12.95
CA PHE D 426 19.74 -30.53 -11.59
C PHE D 426 21.19 -30.99 -11.34
N GLY D 427 22.02 -30.82 -12.37
CA GLY D 427 23.45 -31.08 -12.28
C GLY D 427 24.22 -29.90 -12.84
N PRO D 428 25.56 -29.98 -12.81
CA PRO D 428 26.32 -28.80 -13.24
C PRO D 428 26.49 -28.86 -14.75
N VAL D 429 25.42 -28.51 -15.44
CA VAL D 429 25.38 -28.65 -16.87
C VAL D 429 24.67 -27.49 -17.55
N CYS D 430 25.12 -27.13 -18.74
CA CYS D 430 24.31 -26.30 -19.60
C CYS D 430 24.53 -26.60 -21.07
N HIS D 431 23.45 -26.54 -21.83
CA HIS D 431 23.53 -26.56 -23.27
C HIS D 431 23.59 -25.12 -23.77
N ILE D 432 24.42 -24.88 -24.77
CA ILE D 432 24.49 -23.55 -25.37
C ILE D 432 24.02 -23.63 -26.81
N SER D 433 23.08 -22.75 -27.17
CA SER D 433 22.53 -22.72 -28.50
C SER D 433 22.64 -21.31 -29.10
N PRO D 434 22.92 -21.22 -30.41
CA PRO D 434 22.94 -19.86 -30.97
C PRO D 434 21.51 -19.34 -31.29
N PHE D 435 21.37 -18.03 -31.42
CA PHE D 435 20.11 -17.47 -31.91
C PHE D 435 20.40 -16.25 -32.78
N ASP D 436 19.41 -15.83 -33.58
CA ASP D 436 19.60 -14.69 -34.47
C ASP D 436 18.68 -13.52 -34.14
N ASP D 437 17.40 -13.78 -33.94
CA ASP D 437 16.40 -12.73 -33.73
C ASP D 437 15.91 -12.63 -32.28
N GLU D 438 15.53 -11.42 -31.86
CA GLU D 438 14.96 -11.20 -30.53
C GLU D 438 13.61 -11.92 -30.30
N ASP D 439 12.66 -11.78 -31.20
CA ASP D 439 11.38 -12.46 -30.97
C ASP D 439 11.56 -13.99 -31.03
N GLU D 440 12.48 -14.44 -31.87
CA GLU D 440 12.87 -15.85 -31.91
C GLU D 440 13.29 -16.39 -30.55
N VAL D 441 14.27 -15.75 -29.92
CA VAL D 441 14.83 -16.30 -28.70
C VAL D 441 13.82 -16.22 -27.55
N ILE D 442 13.01 -15.17 -27.55
CA ILE D 442 11.94 -15.02 -26.56
C ILE D 442 10.97 -16.20 -26.65
N ASN D 443 10.61 -16.56 -27.89
CA ASN D 443 9.79 -17.75 -28.12
C ASN D 443 10.42 -19.05 -27.60
N ARG D 444 11.70 -19.25 -27.87
CA ARG D 444 12.36 -20.49 -27.44
C ARG D 444 12.52 -20.54 -25.92
N VAL D 445 12.82 -19.39 -25.30
CA VAL D 445 12.78 -19.30 -23.85
C VAL D 445 11.44 -19.77 -23.27
N ASN D 446 10.35 -19.19 -23.76
CA ASN D 446 9.00 -19.45 -23.23
C ASN D 446 8.40 -20.80 -23.64
N ASP D 447 9.01 -21.44 -24.62
CA ASP D 447 8.52 -22.75 -25.07
C ASP D 447 8.94 -23.86 -24.09
N SER D 448 8.28 -23.87 -22.94
CA SER D 448 8.64 -24.77 -21.85
C SER D 448 7.44 -24.91 -20.94
N ASN D 449 7.29 -26.07 -20.31
CA ASN D 449 6.23 -26.26 -19.33
C ASN D 449 6.59 -25.66 -17.96
N TYR D 450 7.83 -25.22 -17.83
CA TYR D 450 8.30 -24.59 -16.61
C TYR D 450 8.35 -23.09 -16.82
N GLY D 451 8.45 -22.33 -15.73
CA GLY D 451 8.67 -20.90 -15.83
C GLY D 451 9.12 -20.32 -14.50
N LEU D 452 10.30 -20.73 -14.04
CA LEU D 452 10.80 -20.23 -12.76
C LEU D 452 11.53 -18.90 -12.96
N ALA D 453 12.65 -18.94 -13.66
CA ALA D 453 13.49 -17.75 -13.76
C ALA D 453 14.23 -17.70 -15.08
N CYS D 454 14.75 -16.52 -15.39
CA CYS D 454 15.53 -16.34 -16.59
C CYS D 454 16.54 -15.22 -16.35
N ALA D 455 17.70 -15.30 -16.98
CA ALA D 455 18.72 -14.25 -16.91
C ALA D 455 19.00 -13.71 -18.31
N ILE D 456 19.02 -12.40 -18.47
CA ILE D 456 19.35 -11.87 -19.78
C ILE D 456 20.54 -10.92 -19.65
N TRP D 457 21.42 -10.98 -20.64
CA TRP D 457 22.62 -10.14 -20.67
C TRP D 457 22.55 -9.16 -21.85
N THR D 458 22.45 -7.87 -21.54
CA THR D 458 22.44 -6.84 -22.59
C THR D 458 22.81 -5.50 -21.97
N THR D 459 23.44 -4.61 -22.74
CA THR D 459 23.74 -3.28 -22.22
C THR D 459 22.75 -2.27 -22.71
N ASN D 460 21.77 -2.73 -23.46
CA ASN D 460 20.85 -1.80 -24.11
C ASN D 460 19.63 -1.55 -23.21
N LEU D 461 19.33 -0.28 -22.97
CA LEU D 461 18.23 0.12 -22.08
C LEU D 461 16.86 -0.41 -22.54
N SER D 462 16.49 -0.08 -23.78
CA SER D 462 15.20 -0.53 -24.34
C SER D 462 15.09 -2.04 -24.33
N ARG D 463 16.07 -2.71 -24.90
CA ARG D 463 16.02 -4.17 -24.96
C ARG D 463 15.83 -4.80 -23.58
N ALA D 464 16.56 -4.31 -22.58
CA ALA D 464 16.45 -4.88 -21.24
C ALA D 464 15.02 -4.93 -20.75
N HIS D 465 14.34 -3.79 -20.84
CA HIS D 465 12.99 -3.70 -20.32
C HIS D 465 11.98 -4.35 -21.27
N ARG D 466 12.21 -4.21 -22.57
CA ARG D 466 11.30 -4.75 -23.58
C ARG D 466 11.28 -6.29 -23.55
N VAL D 467 12.46 -6.89 -23.50
CA VAL D 467 12.56 -8.35 -23.49
C VAL D 467 12.14 -8.98 -22.16
N SER D 468 12.57 -8.36 -21.05
CA SER D 468 12.33 -8.90 -19.72
C SER D 468 10.85 -9.13 -19.47
N ARG D 469 10.03 -8.18 -19.88
CA ARG D 469 8.59 -8.22 -19.59
C ARG D 469 7.90 -9.28 -20.43
N GLN D 470 8.58 -9.77 -21.45
CA GLN D 470 8.01 -10.78 -22.33
C GLN D 470 8.38 -12.22 -21.95
N ILE D 471 9.25 -12.40 -20.96
CA ILE D 471 9.65 -13.74 -20.57
C ILE D 471 8.66 -14.27 -19.56
N HIS D 472 8.11 -15.46 -19.83
CA HIS D 472 7.01 -15.98 -19.02
C HIS D 472 7.55 -16.77 -17.83
N VAL D 473 8.10 -16.05 -16.84
CA VAL D 473 8.69 -16.66 -15.65
C VAL D 473 8.31 -15.78 -14.45
N GLY D 474 8.56 -16.25 -13.23
CA GLY D 474 8.34 -15.40 -12.07
C GLY D 474 9.43 -14.36 -11.82
N LEU D 475 10.62 -14.63 -12.31
CA LEU D 475 11.78 -13.78 -12.00
C LEU D 475 12.74 -13.66 -13.17
N VAL D 476 13.00 -12.43 -13.60
CA VAL D 476 14.04 -12.17 -14.59
C VAL D 476 15.18 -11.36 -13.96
N TRP D 477 16.42 -11.80 -14.15
CA TRP D 477 17.57 -10.96 -13.81
C TRP D 477 18.20 -10.40 -15.10
N VAL D 478 18.64 -9.16 -15.04
CA VAL D 478 19.32 -8.56 -16.16
C VAL D 478 20.73 -8.22 -15.72
N ASN D 479 21.72 -8.78 -16.41
CA ASN D 479 23.13 -8.58 -16.08
C ASN D 479 23.53 -9.02 -14.69
N THR D 480 22.87 -10.07 -14.20
CA THR D 480 23.24 -10.67 -12.93
C THR D 480 22.51 -11.99 -12.80
N TRP D 481 22.68 -12.63 -11.66
CA TRP D 481 21.98 -13.87 -11.35
C TRP D 481 21.90 -14.03 -9.83
N TYR D 482 20.84 -14.66 -9.34
CA TYR D 482 20.66 -14.91 -7.91
C TYR D 482 20.93 -13.66 -7.04
N LEU D 483 20.29 -12.55 -7.37
CA LEU D 483 20.19 -11.45 -6.43
C LEU D 483 18.81 -11.59 -5.84
N ARG D 484 18.72 -11.70 -4.51
CA ARG D 484 17.43 -11.86 -3.85
C ARG D 484 17.21 -10.77 -2.83
N ASP D 485 16.09 -10.08 -2.97
CA ASP D 485 15.64 -9.16 -1.94
C ASP D 485 14.43 -9.84 -1.31
N LEU D 486 14.49 -10.02 0.01
CA LEU D 486 13.46 -10.75 0.73
C LEU D 486 12.08 -10.07 0.71
N ARG D 487 12.02 -8.79 0.36
CA ARG D 487 10.74 -8.07 0.24
C ARG D 487 9.97 -8.40 -1.03
N THR D 488 10.64 -8.94 -2.04
CA THR D 488 9.98 -9.06 -3.36
C THR D 488 9.07 -10.30 -3.42
N PRO D 489 8.04 -10.26 -4.29
CA PRO D 489 7.27 -11.49 -4.50
C PRO D 489 8.17 -12.53 -5.17
N PHE D 490 8.06 -13.78 -4.78
CA PHE D 490 8.91 -14.81 -5.37
C PHE D 490 8.09 -16.07 -5.67
N GLY D 491 8.20 -16.57 -6.89
CA GLY D 491 7.50 -17.78 -7.26
C GLY D 491 7.66 -18.08 -8.74
N GLY D 492 6.99 -19.12 -9.20
CA GLY D 492 7.07 -19.53 -10.59
C GLY D 492 5.70 -19.49 -11.24
N VAL D 493 5.70 -19.69 -12.56
CA VAL D 493 4.45 -19.86 -13.31
C VAL D 493 4.44 -21.27 -13.93
N LYS D 494 3.29 -21.66 -14.47
CA LYS D 494 3.14 -22.95 -15.12
C LYS D 494 3.54 -24.04 -14.12
N LEU D 495 4.31 -25.05 -14.55
CA LEU D 495 4.68 -26.13 -13.62
C LEU D 495 5.66 -25.71 -12.51
N SER D 496 6.17 -24.48 -12.56
CA SER D 496 7.19 -24.08 -11.60
C SER D 496 6.62 -23.60 -10.28
N GLY D 497 5.29 -23.60 -10.16
CA GLY D 497 4.72 -23.18 -8.90
C GLY D 497 3.28 -22.77 -8.87
N LEU D 498 2.89 -22.40 -7.66
CA LEU D 498 1.55 -21.97 -7.34
C LEU D 498 1.75 -20.91 -6.26
N GLY D 499 1.19 -19.72 -6.45
CA GLY D 499 1.28 -18.67 -5.44
C GLY D 499 2.61 -17.92 -5.38
N ARG D 500 2.68 -16.94 -4.48
CA ARG D 500 3.89 -16.15 -4.30
C ARG D 500 4.21 -16.07 -2.83
N GLU D 501 5.50 -15.98 -2.51
CA GLU D 501 5.94 -15.72 -1.15
C GLU D 501 6.97 -14.60 -1.21
N GLY D 502 7.34 -14.08 -0.04
CA GLY D 502 8.25 -12.96 0.04
C GLY D 502 7.45 -11.72 0.43
N GLY D 503 8.05 -10.87 1.25
CA GLY D 503 7.40 -9.64 1.69
C GLY D 503 5.98 -9.85 2.17
N ARG D 504 5.09 -8.95 1.74
CA ARG D 504 3.69 -9.01 2.14
C ARG D 504 2.94 -10.22 1.57
N PHE D 505 3.49 -10.81 0.52
CA PHE D 505 2.91 -12.06 0.04
C PHE D 505 3.08 -13.19 1.04
N SER D 506 4.24 -13.27 1.69
CA SER D 506 4.40 -14.20 2.81
C SER D 506 3.47 -13.83 3.98
N MET D 507 3.42 -12.53 4.32
CA MET D 507 2.56 -12.09 5.43
C MET D 507 1.09 -12.44 5.18
N ASP D 508 0.69 -12.43 3.92
CA ASP D 508 -0.68 -12.78 3.53
C ASP D 508 -0.90 -14.30 3.51
N PHE D 509 0.03 -15.04 2.92
CA PHE D 509 -0.13 -16.49 2.87
C PHE D 509 -0.15 -17.16 4.24
N TYR D 510 0.75 -16.75 5.11
CA TYR D 510 0.86 -17.35 6.43
C TYR D 510 -0.15 -16.76 7.42
N SER D 511 -1.11 -15.98 6.91
CA SER D 511 -2.11 -15.37 7.77
C SER D 511 -3.54 -15.63 7.32
N ASP D 512 -4.45 -15.71 8.28
CA ASP D 512 -5.88 -15.61 8.01
C ASP D 512 -6.15 -14.13 7.78
N ILE D 513 -6.70 -13.78 6.63
CA ILE D 513 -7.16 -12.41 6.41
C ILE D 513 -8.66 -12.37 6.65
N ALA D 514 -9.08 -11.67 7.70
CA ALA D 514 -10.48 -11.63 8.08
C ALA D 514 -11.05 -10.23 7.90
N ASN D 515 -12.25 -10.16 7.36
CA ASN D 515 -12.94 -8.89 7.20
C ASN D 515 -13.99 -8.76 8.28
N ILE D 516 -13.99 -7.63 8.97
CA ILE D 516 -14.99 -7.33 9.98
C ILE D 516 -15.79 -6.08 9.55
N CYS D 517 -17.11 -6.23 9.43
CA CYS D 517 -17.94 -5.16 8.93
C CYS D 517 -18.92 -4.64 9.99
N ILE D 518 -18.72 -3.40 10.41
CA ILE D 518 -19.52 -2.78 11.47
C ILE D 518 -20.59 -1.83 10.92
N LYS D 519 -21.88 -2.15 11.12
CA LYS D 519 -22.94 -1.21 10.75
C LYS D 519 -23.03 -0.13 11.82
N ILE D 520 -23.04 1.14 11.42
CA ILE D 520 -23.04 2.24 12.38
C ILE D 520 -24.44 2.79 12.66
PA NAD E . 2.98 33.92 -11.19
O1A NAD E . 3.69 33.47 -9.94
O2A NAD E . 3.46 35.29 -11.61
O5B NAD E . 1.41 33.94 -10.95
C5B NAD E . 0.61 32.80 -10.85
C4B NAD E . -0.70 33.00 -10.20
O4B NAD E . -0.51 33.55 -8.94
C3B NAD E . -1.57 33.95 -10.95
O3B NAD E . -2.90 33.49 -10.89
C2B NAD E . -1.43 35.18 -10.28
O2B NAD E . -2.58 36.02 -10.43
C1B NAD E . -1.21 34.76 -8.87
N9A NAD E . -0.45 35.70 -7.97
C8A NAD E . 0.58 36.48 -8.31
N7A NAD E . 1.01 37.17 -7.24
C5A NAD E . 0.26 36.82 -6.18
C6A NAD E . 0.23 37.18 -4.82
N6A NAD E . 1.18 38.15 -4.30
N1A NAD E . -0.69 36.62 -3.99
C2A NAD E . -1.55 35.71 -4.47
N3A NAD E . -1.55 35.35 -5.76
C4A NAD E . -0.66 35.87 -6.64
O3 NAD E . 3.38 32.80 -12.25
PN NAD E . 2.90 32.73 -13.75
O1N NAD E . 3.62 33.81 -14.52
O2N NAD E . 1.40 32.86 -13.92
O5D NAD E . 3.30 31.30 -14.30
C5D NAD E . 4.65 31.01 -14.62
C4D NAD E . 5.41 30.46 -13.53
O4D NAD E . 4.69 29.29 -13.04
C3D NAD E . 6.76 29.98 -13.93
O3D NAD E . 7.67 30.26 -12.93
C2D NAD E . 6.59 28.53 -14.07
O2D NAD E . 7.71 27.76 -13.88
C1D NAD E . 5.60 28.21 -13.01
N1N NAD E . 4.95 26.83 -13.13
C2N NAD E . 5.39 25.82 -12.37
C3N NAD E . 4.81 24.56 -12.51
C7N NAD E . 5.25 23.40 -11.68
O7N NAD E . 4.67 22.31 -11.76
N7N NAD E . 6.37 23.50 -10.78
C4N NAD E . 3.79 24.40 -13.46
C5N NAD E . 3.40 25.48 -14.25
C6N NAD E . 4.00 26.70 -14.07
CA6 6OH F . 3.53 20.80 -14.60
OA4 6OH F . 2.47 20.66 -13.72
CA5 6OH F . 3.23 20.99 -16.04
CA4 6OH F . 2.13 20.10 -16.50
CA3 6OH F . 2.28 18.65 -16.17
CA2 6OH F . 1.18 17.91 -15.89
OA3 6OH F . 0.69 17.18 -16.76
CA1 6OH F . 0.58 17.97 -14.52
OA2 6OH F . -0.36 17.21 -14.23
OA1 6OH F . 1.03 18.78 -13.66
NA NA G . -3.08 37.03 -22.46
PA NAD H . -22.01 -27.38 -6.77
O1A NAD H . -23.00 -28.53 -6.73
O2A NAD H . -20.71 -27.79 -6.14
O5B NAD H . -21.82 -26.95 -8.27
C5B NAD H . -21.33 -25.70 -8.66
C4B NAD H . -20.80 -25.62 -10.03
O4B NAD H . -19.81 -26.58 -10.15
C3B NAD H . -21.81 -25.97 -11.07
O3B NAD H . -21.55 -25.19 -12.23
C2B NAD H . -21.59 -27.33 -11.33
O2B NAD H . -21.99 -27.69 -12.64
C1B NAD H . -20.12 -27.45 -11.20
N9A NAD H . -19.60 -28.80 -10.88
C8A NAD H . -20.21 -29.73 -10.10
N7A NAD H . -19.43 -30.82 -10.02
C5A NAD H . -18.31 -30.60 -10.76
C6A NAD H . -17.16 -31.34 -11.06
N6A NAD H . -16.99 -32.69 -10.52
N1A NAD H . -16.20 -30.81 -11.84
C2A NAD H . -16.35 -29.56 -12.33
N3A NAD H . -17.44 -28.82 -12.09
C4A NAD H . -18.42 -29.31 -11.30
O3 NAD H . -22.59 -26.15 -5.92
PN NAD H . -24.04 -25.53 -6.11
O1N NAD H . -24.26 -25.15 -7.56
O2N NAD H . -25.09 -26.51 -5.69
O5D NAD H . -24.15 -24.25 -5.20
C5D NAD H . -24.33 -24.40 -3.80
C4D NAD H . -23.12 -24.48 -3.01
O4D NAD H . -22.30 -23.34 -3.41
C3D NAD H . -23.35 -24.36 -1.56
O3D NAD H . -22.46 -25.15 -0.87
C2D NAD H . -23.03 -22.96 -1.27
O2D NAD H . -22.63 -22.76 0.02
C1D NAD H . -21.91 -22.68 -2.22
N1N NAD H . -21.54 -21.20 -2.41
C2N NAD H . -20.47 -20.70 -1.78
C3N NAD H . -20.16 -19.36 -1.91
C7N NAD H . -18.99 -18.75 -1.22
O7N NAD H . -18.75 -17.56 -1.32
N7N NAD H . -18.12 -19.51 -0.35
C4N NAD H . -20.99 -18.57 -2.74
C5N NAD H . -22.10 -19.13 -3.36
C6N NAD H . -22.36 -20.47 -3.18
CA6 6OH I . -20.49 -15.15 -2.06
OA4 6OH I . -19.55 -14.47 -2.83
CA5 6OH I . -21.84 -14.57 -1.85
CA4 6OH I . -22.11 -13.21 -2.40
CA3 6OH I . -21.28 -12.09 -1.87
CA2 6OH I . -20.87 -11.12 -2.74
OA3 6OH I . -21.55 -10.08 -2.84
CA1 6OH I . -19.62 -11.33 -3.55
OA2 6OH I . -19.07 -12.47 -3.59
OA1 6OH I . -19.09 -10.39 -4.20
NA NA J . -34.06 -23.33 -14.03
PA NAD K . 7.71 27.11 22.05
O1A NAD K . 7.76 28.33 22.94
O2A NAD K . 7.03 27.52 20.76
O5B NAD K . 9.19 26.66 21.75
C5B NAD K . 9.57 25.39 21.31
C4B NAD K . 10.88 25.33 20.64
O4B NAD K . 10.89 26.30 19.62
C3B NAD K . 11.98 25.69 21.56
O3B NAD K . 13.11 24.92 21.22
C2B NAD K . 12.20 27.06 21.31
O2B NAD K . 13.53 27.44 21.63
C1B NAD K . 11.95 27.18 19.85
N9A NAD K . 11.65 28.55 19.35
C8A NAD K . 10.93 29.50 20.00
N7A NAD K . 10.85 30.62 19.22
C5A NAD K . 11.52 30.38 18.07
C6A NAD K . 11.79 31.12 16.90
N6A NAD K . 11.31 32.48 16.76
N1A NAD K . 12.51 30.57 15.90
C2A NAD K . 12.97 29.32 16.02
N3A NAD K . 12.73 28.57 17.11
C4A NAD K . 12.02 29.07 18.15
O3 NAD K . 6.86 25.91 22.71
PN NAD K . 7.03 25.39 24.20
O1N NAD K . 8.07 24.30 24.28
O2N NAD K . 7.46 26.55 25.07
O5D NAD K . 5.70 24.88 24.87
C5D NAD K . 4.97 23.76 24.41
C4D NAD K . 4.11 23.99 23.27
O4D NAD K . 4.38 22.90 22.34
C3D NAD K . 2.67 23.93 23.58
O3D NAD K . 1.96 24.79 22.78
C2D NAD K . 2.31 22.54 23.27
O2D NAD K . 1.00 22.36 22.92
C1D NAD K . 3.18 22.24 22.10
N1N NAD K . 3.37 20.75 21.75
C2N NAD K . 2.74 20.25 20.69
C3N NAD K . 2.89 18.92 20.39
C7N NAD K . 2.16 18.34 19.23
O7N NAD K . 2.29 17.14 18.96
N7N NAD K . 1.27 19.16 18.43
C4N NAD K . 3.72 18.12 21.19
C5N NAD K . 4.34 18.70 22.29
C6N NAD K . 4.16 20.04 22.57
PA NAD L . 11.65 -33.68 -3.89
O1A NAD L . 10.29 -33.33 -4.47
O2A NAD L . 12.09 -35.02 -4.44
O5B NAD L . 11.57 -33.72 -2.33
C5B NAD L . 11.45 -32.57 -1.56
C4B NAD L . 10.82 -32.77 -0.25
O4B NAD L . 9.56 -33.34 -0.42
C3B NAD L . 11.60 -33.73 0.57
O3B NAD L . 11.57 -33.29 1.91
C2B NAD L . 10.92 -34.97 0.35
O2B NAD L . 11.10 -35.89 1.42
C1B NAD L . 9.52 -34.54 0.30
N9A NAD L . 8.57 -35.49 -0.37
C8A NAD L . 8.87 -36.29 -1.41
N7A NAD L . 7.77 -36.99 -1.76
C5A NAD L . 6.75 -36.62 -0.94
C6A NAD L . 5.41 -37.00 -0.83
N6A NAD L . 4.88 -38.00 -1.75
N1A NAD L . 4.62 -36.44 0.11
C2A NAD L . 5.14 -35.52 0.93
N3A NAD L . 6.42 -35.13 0.88
C4A NAD L . 7.25 -35.67 -0.06
O3 NAD L . 12.63 -32.50 -4.32
PN NAD L . 14.18 -32.44 -4.04
O1N NAD L . 14.82 -33.56 -4.84
O2N NAD L . 14.55 -32.52 -2.59
O5D NAD L . 14.70 -31.03 -4.54
C5D NAD L . 14.89 -30.79 -5.92
C4D NAD L . 13.76 -30.21 -6.62
O4D NAD L . 13.34 -29.05 -5.85
C3D NAD L . 14.08 -29.67 -7.97
O3D NAD L . 13.00 -29.84 -8.78
C2D NAD L . 14.30 -28.24 -7.72
O2D NAD L . 14.17 -27.42 -8.82
C1D NAD L . 13.25 -27.95 -6.71
N1N NAD L . 13.35 -26.57 -6.02
C2N NAD L . 12.54 -25.58 -6.39
C3N NAD L . 12.68 -24.34 -5.77
C7N NAD L . 11.83 -23.18 -6.14
O7N NAD L . 12.04 -22.09 -5.63
N7N NAD L . 10.79 -23.27 -7.13
C4N NAD L . 13.66 -24.18 -4.78
C5N NAD L . 14.51 -25.25 -4.47
C6N NAD L . 14.31 -26.46 -5.10
CA6 6OH M . 14.23 -20.78 -4.09
OA4 6OH M . 13.46 -20.13 -3.12
CA5 6OH M . 15.54 -20.18 -4.40
CA4 6OH M . 15.62 -18.73 -4.06
CA3 6OH M . 16.55 -18.38 -2.96
CA2 6OH M . 16.22 -17.47 -2.00
OA3 6OH M . 17.07 -16.63 -1.70
CA1 6OH M . 14.87 -17.51 -1.32
OA2 6OH M . 14.10 -18.51 -1.42
OA1 6OH M . 14.48 -16.53 -0.65
NA NA N . 23.25 -36.35 1.47
#